data_9AXK
#
_entry.id   9AXK
#
_cell.length_a   1.00
_cell.length_b   1.00
_cell.length_c   1.00
_cell.angle_alpha   90.00
_cell.angle_beta   90.00
_cell.angle_gamma   90.00
#
_symmetry.space_group_name_H-M   'P 1'
#
loop_
_entity.id
_entity.type
_entity.pdbx_description
1 polymer 'Surface protein gp120'
2 polymer 'Rabbit Base Epitope Polyclonal Antibody - Predicted Light Chain'
3 polymer 'Rabbit Base Epitope Polyclonal Antibody - Predicted Heavy Chain'
4 polymer 'Rabbit N611 Epitope Polyclonal Antibody - Predicted Light Chain'
5 polymer 'Rabbit N611 Epitope Polyclonal Antibody - Predicted Heavy Chain'
6 polymer 'Transmembrane protein gp41'
7 branched 2-acetamido-2-deoxy-beta-D-glucopyranose-(1-4)-2-acetamido-2-deoxy-beta-D-glucopyranose
8 branched alpha-D-mannopyranose-(1-3)-[alpha-D-mannopyranose-(1-6)]beta-D-mannopyranose-(1-4)-2-acetamido-2-deoxy-beta-D-glucopyranose-(1-4)-2-acetamido-2-deoxy-beta-D-glucopyranose
9 branched beta-D-mannopyranose-(1-4)-2-acetamido-2-deoxy-beta-D-glucopyranose-(1-4)-2-acetamido-2-deoxy-beta-D-glucopyranose
10 non-polymer 2-acetamido-2-deoxy-beta-D-glucopyranose
#
loop_
_entity_poly.entity_id
_entity_poly.type
_entity_poly.pdbx_seq_one_letter_code
_entity_poly.pdbx_strand_id
1 'polypeptide(L)'
;MDAMKRGLCCVLLLCGAVFVSPSQEIHARFRRGARNGNLWVTVYYGVPVWKDAETTLFCASDAKAYEKEKRNVWATHCCV
PTDPNPQEMVLENVTENFNMWKNDMVEQMHEDVISLWDQSLKPCVKLTPLCVTLECRQVNTTNATSSVNVTNGEEIKNCS
FNATTELRDKKQKVYALFYRLDIVPLEEERKGNSSKYRLINCNTSAITQACPKVTFDPIPIHYCAPAGYAILKCNNKTFN
GTGPCNNVSTVQCTHGIKPVVSTQLLLNGSLAEGEIIIRSENLTNNVKTIIVHLNESVEIVCTRPNNNTVKSIRIGPGQW
FYYTGDIIGNIRQAYCNIKKDDWIRTLQRVGKKLAEHFPRRIINFTQPAGGDLEITTHSFNCRGEFFYCNTSSLFNSTYN
PNDTNSNSSSSNSSLDITIPCRIKQIINMWQRVGQAMYAPPIEGNITCKSNITGLLLVRDGGVESNETEIFRPGGGDMRN
NWRSELYKYKVVEIKPLGIAPTRCKRRVVERRRR
;
M,D,I
2 'polypeptide(L)'
;(UNK)(UNK)(UNK)(UNK)(UNK)(UNK)(UNK)(UNK)(UNK)(UNK)(UNK)(UNK)(UNK)(UNK)(UNK)(UNK)
(UNK)(UNK)(UNK)(UNK)(UNK)(UNK)(UNK)(UNK)(UNK)(UNK)(UNK)(UNK)(UNK)(UNK)(UNK)(UNK)
(UNK)(UNK)(UNK)(UNK)(UNK)(UNK)(UNK)(UNK)(UNK)(UNK)(UNK)(UNK)(UNK)(UNK)(UNK)(UNK)
(UNK)(UNK)(UNK)(UNK)(UNK)(UNK)(UNK)(UNK)(UNK)(UNK)(UNK)(UNK)(UNK)(UNK)(UNK)(UNK)
(UNK)(UNK)(UNK)(UNK)(UNK)(UNK)(UNK)(UNK)(UNK)(UNK)(UNK)(UNK)(UNK)(UNK)(UNK)(UNK)
(UNK)(UNK)(UNK)(UNK)(UNK)(UNK)(UNK)(UNK)(UNK)(UNK)(UNK)(UNK)(UNK)(UNK)(UNK)(UNK)
(UNK)(UNK)(UNK)(UNK)(UNK)(UNK)(UNK)(UNK)(UNK)(UNK)(UNK)(UNK)(UNK)
;
F
3 'polypeptide(L)'
;(UNK)(UNK)(UNK)(UNK)(UNK)(UNK)(UNK)(UNK)(UNK)(UNK)(UNK)(UNK)(UNK)(UNK)(UNK)(UNK)
(UNK)(UNK)(UNK)(UNK)(UNK)(UNK)(UNK)(UNK)(UNK)(UNK)(UNK)(UNK)(UNK)(UNK)(UNK)(UNK)
(UNK)(UNK)(UNK)(UNK)(UNK)(UNK)(UNK)(UNK)(UNK)(UNK)(UNK)(UNK)(UNK)(UNK)(UNK)(UNK)
(UNK)(UNK)(UNK)(UNK)(UNK)(UNK)(UNK)(UNK)(UNK)(UNK)(UNK)(UNK)(UNK)(UNK)(UNK)(UNK)
(UNK)(UNK)(UNK)(UNK)(UNK)(UNK)(UNK)(UNK)(UNK)(UNK)(UNK)(UNK)(UNK)(UNK)(UNK)(UNK)
(UNK)(UNK)(UNK)(UNK)(UNK)(UNK)(UNK)(UNK)(UNK)(UNK)(UNK)(UNK)(UNK)(UNK)(UNK)(UNK)
(UNK)(UNK)(UNK)(UNK)(UNK)(UNK)(UNK)(UNK)(UNK)(UNK)(UNK)(UNK)(UNK)(UNK)(UNK)(UNK)
(UNK)(UNK)(UNK)(UNK)(UNK)(UNK)(UNK)(UNK)(UNK)(UNK)(UNK)(UNK)
;
H
4 'polypeptide(L)'
;(UNK)(UNK)(UNK)(UNK)(UNK)(UNK)(UNK)(UNK)(UNK)(UNK)(UNK)(UNK)(UNK)(UNK)(UNK)(UNK)
(UNK)(UNK)(UNK)(UNK)(UNK)(UNK)(UNK)(UNK)(UNK)(UNK)(UNK)(UNK)(UNK)(UNK)(UNK)(UNK)
(UNK)(UNK)(UNK)(UNK)(UNK)(UNK)(UNK)(UNK)(UNK)(UNK)(UNK)(UNK)(UNK)(UNK)(UNK)(UNK)
(UNK)(UNK)(UNK)(UNK)(UNK)(UNK)(UNK)(UNK)(UNK)(UNK)(UNK)(UNK)(UNK)(UNK)(UNK)(UNK)
(UNK)(UNK)(UNK)(UNK)(UNK)(UNK)(UNK)(UNK)(UNK)(UNK)(UNK)(UNK)(UNK)(UNK)(UNK)(UNK)
(UNK)(UNK)(UNK)(UNK)(UNK)(UNK)(UNK)(UNK)(UNK)(UNK)(UNK)(UNK)(UNK)(UNK)(UNK)(UNK)
(UNK)(UNK)(UNK)(UNK)(UNK)(UNK)(UNK)(UNK)
;
A
5 'polypeptide(L)'
;(UNK)(UNK)(UNK)(UNK)(UNK)(UNK)(UNK)(UNK)(UNK)(UNK)(UNK)(UNK)(UNK)(UNK)(UNK)(UNK)
(UNK)(UNK)(UNK)(UNK)(UNK)(UNK)(UNK)(UNK)(UNK)(UNK)(UNK)(UNK)(UNK)(UNK)(UNK)(UNK)
(UNK)(UNK)(UNK)(UNK)(UNK)(UNK)(UNK)(UNK)(UNK)(UNK)(UNK)(UNK)(UNK)(UNK)(UNK)(UNK)
(UNK)(UNK)(UNK)(UNK)(UNK)(UNK)(UNK)(UNK)(UNK)(UNK)(UNK)(UNK)(UNK)(UNK)(UNK)(UNK)
(UNK)(UNK)(UNK)(UNK)(UNK)(UNK)(UNK)(UNK)(UNK)(UNK)(UNK)(UNK)(UNK)(UNK)(UNK)(UNK)
(UNK)(UNK)(UNK)(UNK)(UNK)(UNK)(UNK)(UNK)(UNK)(UNK)(UNK)(UNK)(UNK)(UNK)(UNK)(UNK)
(UNK)(UNK)(UNK)(UNK)(UNK)(UNK)(UNK)(UNK)(UNK)(UNK)(UNK)(UNK)(UNK)(UNK)(UNK)(UNK)
;
B
6 'polypeptide(L)'
;RRAVGLGAVSFGFLGAAGSTMGAASITLTVQARQLLSGIVQQQSNLLKAPECQQHLLQDGHWGIKQLQTRVLAIEHYLKD
QQLLGIWGCSGKLICCTAVPWNSSWSNKSHDEIWGNMTWMQWDREISNYTNTIYRLLEDSQNQQEQNEKDLLALD
;
N,C,J
#
loop_
_chem_comp.id
_chem_comp.type
_chem_comp.name
_chem_comp.formula
BMA D-saccharide, beta linking beta-D-mannopyranose 'C6 H12 O6'
MAN D-saccharide, alpha linking alpha-D-mannopyranose 'C6 H12 O6'
NAG D-saccharide, beta linking 2-acetamido-2-deoxy-beta-D-glucopyranose 'C8 H15 N O6'
#
# COMPACT_ATOMS: atom_id res chain seq x y z
N LEU A 39 12.53 -35.27 15.94
CA LEU A 39 11.54 -35.28 17.01
C LEU A 39 10.86 -33.92 17.18
N TRP A 40 11.62 -32.84 17.03
CA TRP A 40 11.17 -31.50 17.36
C TRP A 40 11.27 -30.58 16.15
N VAL A 41 10.31 -29.64 16.07
CA VAL A 41 10.31 -28.68 14.97
C VAL A 41 11.49 -27.73 15.13
N THR A 42 12.02 -27.26 14.01
CA THR A 42 13.09 -26.28 14.02
C THR A 42 12.95 -25.38 12.81
N VAL A 43 13.15 -24.09 13.02
CA VAL A 43 12.94 -23.08 12.00
C VAL A 43 14.30 -22.69 11.42
N TYR A 44 14.41 -22.76 10.10
CA TYR A 44 15.63 -22.38 9.39
C TYR A 44 15.38 -21.14 8.55
N TYR A 45 16.31 -20.21 8.62
CA TYR A 45 16.31 -19.00 7.80
C TYR A 45 17.43 -19.11 6.78
N GLY A 46 17.26 -18.44 5.64
CA GLY A 46 18.21 -18.58 4.56
C GLY A 46 18.09 -19.85 3.78
N VAL A 47 16.96 -20.55 3.88
CA VAL A 47 16.80 -21.85 3.21
C VAL A 47 16.81 -21.62 1.70
N PRO A 48 17.50 -22.46 0.90
CA PRO A 48 17.43 -22.28 -0.56
C PRO A 48 16.18 -22.89 -1.18
N VAL A 49 15.08 -22.16 -1.08
CA VAL A 49 13.80 -22.54 -1.68
C VAL A 49 13.25 -21.34 -2.42
N TRP A 50 12.68 -21.58 -3.60
CA TRP A 50 12.14 -20.54 -4.45
C TRP A 50 10.75 -20.91 -4.92
N LYS A 51 10.00 -19.89 -5.35
CA LYS A 51 8.66 -20.06 -5.88
C LYS A 51 8.53 -19.21 -7.14
N ASP A 52 7.62 -19.63 -8.01
CA ASP A 52 7.32 -18.84 -9.19
C ASP A 52 6.73 -17.50 -8.76
N ALA A 53 7.12 -16.44 -9.46
CA ALA A 53 6.73 -15.09 -9.07
C ALA A 53 6.79 -14.17 -10.27
N GLU A 54 6.30 -12.95 -10.08
CA GLU A 54 6.30 -11.92 -11.11
C GLU A 54 6.64 -10.60 -10.44
N THR A 55 7.78 -10.01 -10.83
CA THR A 55 8.24 -8.74 -10.30
C THR A 55 8.62 -7.84 -11.47
N THR A 56 9.07 -6.63 -11.15
CA THR A 56 9.38 -5.61 -12.14
C THR A 56 10.90 -5.57 -12.31
N LEU A 57 11.39 -6.22 -13.35
CA LEU A 57 12.82 -6.22 -13.64
C LEU A 57 13.26 -4.83 -14.07
N PHE A 58 14.52 -4.52 -13.80
CA PHE A 58 15.11 -3.23 -14.15
C PHE A 58 16.17 -3.45 -15.22
N CYS A 59 16.13 -2.59 -16.24
CA CYS A 59 17.02 -2.70 -17.39
C CYS A 59 18.44 -2.35 -16.97
N ALA A 60 19.41 -2.97 -17.63
CA ALA A 60 20.82 -2.67 -17.41
C ALA A 60 21.60 -2.94 -18.68
N SER A 61 22.58 -2.09 -18.95
CA SER A 61 23.32 -2.15 -20.21
C SER A 61 24.75 -1.68 -19.97
N ASP A 62 25.62 -2.00 -20.93
CA ASP A 62 27.02 -1.61 -20.83
C ASP A 62 27.16 -0.10 -20.87
N ALA A 63 27.84 0.46 -19.87
CA ALA A 63 28.03 1.90 -19.82
C ALA A 63 29.11 2.35 -20.81
N LYS A 64 30.19 1.59 -20.93
CA LYS A 64 31.29 2.00 -21.79
C LYS A 64 30.86 2.01 -23.24
N ALA A 65 31.21 3.08 -23.95
CA ALA A 65 30.93 3.29 -25.36
C ALA A 65 29.44 3.41 -25.67
N TYR A 66 28.59 3.60 -24.66
CA TYR A 66 27.17 3.86 -24.85
C TYR A 66 26.66 5.06 -24.09
N GLU A 67 27.22 5.34 -22.91
CA GLU A 67 26.86 6.51 -22.11
C GLU A 67 27.78 7.70 -22.35
N LYS A 68 28.64 7.63 -23.37
CA LYS A 68 29.49 8.77 -23.69
C LYS A 68 28.67 9.98 -24.12
N GLU A 69 27.78 9.79 -25.09
CA GLU A 69 26.97 10.86 -25.68
C GLU A 69 25.52 10.80 -25.25
N LYS A 70 24.97 9.59 -25.04
CA LYS A 70 23.60 9.41 -24.58
C LYS A 70 22.58 9.98 -25.55
N ARG A 71 22.88 9.99 -26.83
CA ARG A 71 21.89 10.32 -27.85
C ARG A 71 20.98 9.16 -28.21
N ASN A 72 21.40 7.93 -27.92
CA ASN A 72 20.59 6.76 -28.19
C ASN A 72 19.49 6.63 -27.15
N VAL A 73 18.32 6.16 -27.57
CA VAL A 73 17.22 5.94 -26.63
C VAL A 73 17.59 4.82 -25.66
N TRP A 74 18.07 3.70 -26.20
CA TRP A 74 18.34 2.54 -25.36
C TRP A 74 19.53 2.77 -24.44
N ALA A 75 20.41 3.71 -24.79
CA ALA A 75 21.54 4.02 -23.92
C ALA A 75 21.15 5.02 -22.85
N THR A 76 20.37 6.04 -23.22
CA THR A 76 19.90 7.01 -22.23
C THR A 76 19.08 6.32 -21.16
N HIS A 77 18.10 5.52 -21.58
CA HIS A 77 17.46 4.58 -20.70
C HIS A 77 18.40 3.40 -20.44
N CYS A 78 18.03 2.54 -19.50
CA CYS A 78 18.80 1.34 -19.22
C CYS A 78 20.21 1.71 -18.75
N CYS A 79 20.29 2.78 -17.98
CA CYS A 79 21.56 3.41 -17.62
C CYS A 79 22.33 2.65 -16.55
N VAL A 80 21.75 1.62 -15.94
CA VAL A 80 22.43 0.91 -14.87
C VAL A 80 23.64 0.19 -15.46
N PRO A 81 24.88 0.48 -15.04
CA PRO A 81 26.03 -0.22 -15.62
C PRO A 81 26.01 -1.70 -15.24
N THR A 82 26.31 -2.55 -16.22
CA THR A 82 26.39 -3.98 -15.98
C THR A 82 27.75 -4.35 -15.41
N ASP A 83 27.73 -5.27 -14.44
CA ASP A 83 28.97 -5.71 -13.83
C ASP A 83 29.80 -6.51 -14.83
N PRO A 84 31.11 -6.58 -14.65
CA PRO A 84 31.94 -7.38 -15.57
C PRO A 84 31.88 -8.86 -15.22
N ASN A 85 31.59 -9.69 -16.21
CA ASN A 85 31.54 -11.13 -16.06
C ASN A 85 30.55 -11.55 -14.98
N PRO A 86 29.24 -11.42 -15.22
CA PRO A 86 28.27 -11.95 -14.26
C PRO A 86 28.44 -13.46 -14.09
N GLN A 87 28.25 -13.93 -12.87
CA GLN A 87 28.45 -15.34 -12.57
C GLN A 87 27.23 -16.15 -13.00
N GLU A 88 27.38 -17.46 -12.97
CA GLU A 88 26.30 -18.40 -13.23
C GLU A 88 26.42 -19.55 -12.23
N MET A 89 25.78 -19.42 -11.07
CA MET A 89 25.83 -20.47 -10.08
C MET A 89 25.05 -21.67 -10.61
N VAL A 90 25.76 -22.70 -11.03
CA VAL A 90 25.13 -23.89 -11.58
C VAL A 90 24.53 -24.71 -10.44
N LEU A 91 23.26 -25.07 -10.58
CA LEU A 91 22.53 -25.85 -9.58
C LEU A 91 22.57 -27.31 -9.99
N GLU A 92 23.40 -28.09 -9.30
CA GLU A 92 23.51 -29.51 -9.61
C GLU A 92 22.24 -30.25 -9.22
N ASN A 93 21.82 -31.18 -10.08
CA ASN A 93 20.72 -32.09 -9.78
C ASN A 93 19.42 -31.35 -9.49
N VAL A 94 19.12 -30.34 -10.31
CA VAL A 94 17.89 -29.56 -10.19
C VAL A 94 17.16 -29.61 -11.51
N THR A 95 15.86 -29.92 -11.45
CA THR A 95 14.97 -29.88 -12.61
C THR A 95 13.89 -28.84 -12.33
N GLU A 96 13.76 -27.89 -13.26
CA GLU A 96 12.81 -26.78 -13.12
C GLU A 96 11.89 -26.78 -14.33
N ASN A 97 10.62 -26.45 -14.09
CA ASN A 97 9.61 -26.48 -15.14
C ASN A 97 9.52 -25.10 -15.77
N PHE A 98 10.03 -24.97 -16.98
CA PHE A 98 10.00 -23.73 -17.75
C PHE A 98 8.79 -23.70 -18.67
N ASN A 99 8.46 -22.51 -19.15
CA ASN A 99 7.43 -22.36 -20.18
C ASN A 99 7.62 -21.00 -20.82
N MET A 100 8.14 -20.97 -22.05
CA MET A 100 8.42 -19.69 -22.71
C MET A 100 7.15 -18.91 -22.96
N TRP A 101 6.07 -19.58 -23.36
CA TRP A 101 4.78 -18.92 -23.48
C TRP A 101 4.20 -18.72 -22.08
N LYS A 102 3.38 -17.68 -21.95
CA LYS A 102 2.86 -17.25 -20.66
C LYS A 102 4.00 -16.94 -19.68
N ASN A 103 4.96 -16.16 -20.18
CA ASN A 103 6.09 -15.67 -19.41
C ASN A 103 5.95 -14.16 -19.26
N ASP A 104 5.91 -13.69 -18.02
CA ASP A 104 5.68 -12.27 -17.78
C ASP A 104 6.83 -11.41 -18.29
N MET A 105 8.03 -11.97 -18.44
CA MET A 105 9.16 -11.18 -18.91
C MET A 105 8.91 -10.63 -20.30
N VAL A 106 8.25 -11.42 -21.16
CA VAL A 106 7.92 -10.95 -22.49
C VAL A 106 6.99 -9.76 -22.43
N GLU A 107 5.97 -9.82 -21.57
CA GLU A 107 5.06 -8.69 -21.44
C GLU A 107 5.78 -7.46 -20.91
N GLN A 108 6.69 -7.65 -19.95
CA GLN A 108 7.46 -6.52 -19.44
C GLN A 108 8.30 -5.89 -20.54
N MET A 109 8.97 -6.71 -21.34
CA MET A 109 9.81 -6.15 -22.39
C MET A 109 8.96 -5.43 -23.44
N HIS A 110 7.81 -6.00 -23.80
CA HIS A 110 6.93 -5.35 -24.76
C HIS A 110 6.47 -4.00 -24.24
N GLU A 111 6.05 -3.95 -22.98
CA GLU A 111 5.59 -2.68 -22.41
C GLU A 111 6.73 -1.68 -22.35
N ASP A 112 7.93 -2.13 -21.97
CA ASP A 112 9.05 -1.21 -21.88
C ASP A 112 9.39 -0.62 -23.24
N VAL A 113 9.41 -1.44 -24.28
CA VAL A 113 9.73 -0.94 -25.61
C VAL A 113 8.68 0.07 -26.06
N ILE A 114 7.39 -0.26 -25.83
CA ILE A 114 6.33 0.66 -26.23
C ILE A 114 6.49 1.99 -25.50
N SER A 115 6.71 1.94 -24.19
CA SER A 115 6.83 3.16 -23.41
C SER A 115 8.04 3.98 -23.85
N LEU A 116 9.15 3.33 -24.14
CA LEU A 116 10.34 4.07 -24.54
C LEU A 116 10.15 4.77 -25.87
N TRP A 117 9.54 4.09 -26.84
CA TRP A 117 9.28 4.75 -28.12
C TRP A 117 8.31 5.91 -27.94
N ASP A 118 7.29 5.73 -27.09
CA ASP A 118 6.35 6.81 -26.85
C ASP A 118 7.04 8.02 -26.24
N GLN A 119 7.93 7.80 -25.28
CA GLN A 119 8.63 8.92 -24.66
C GLN A 119 9.59 9.58 -25.63
N SER A 120 10.25 8.80 -26.48
CA SER A 120 11.17 9.38 -27.46
C SER A 120 10.42 10.27 -28.44
N LEU A 121 9.24 9.83 -28.89
CA LEU A 121 8.45 10.66 -29.80
C LEU A 121 7.69 11.77 -29.08
N LYS A 122 7.61 11.72 -27.75
CA LYS A 122 6.78 12.67 -27.02
C LYS A 122 7.21 14.12 -27.18
N PRO A 123 8.49 14.50 -27.04
CA PRO A 123 8.86 15.91 -27.20
C PRO A 123 9.14 16.37 -28.62
N CYS A 124 9.05 15.50 -29.62
CA CYS A 124 9.41 15.89 -30.98
C CYS A 124 8.27 16.67 -31.63
N VAL A 125 8.59 17.31 -32.75
CA VAL A 125 7.65 18.19 -33.43
C VAL A 125 6.46 17.40 -33.96
N LYS A 126 5.30 18.05 -33.97
CA LYS A 126 4.08 17.53 -34.58
C LYS A 126 3.95 18.08 -35.99
N LEU A 127 3.53 17.22 -36.92
CA LEU A 127 3.34 17.60 -38.31
C LEU A 127 1.87 17.83 -38.65
N THR A 128 1.04 18.10 -37.65
CA THR A 128 -0.36 18.45 -37.94
C THR A 128 -0.50 19.66 -38.86
N PRO A 129 0.32 20.70 -38.75
CA PRO A 129 0.18 21.81 -39.73
C PRO A 129 0.40 21.41 -41.17
N LEU A 130 1.14 20.35 -41.46
CA LEU A 130 1.45 19.98 -42.83
C LEU A 130 0.34 19.21 -43.52
N CYS A 131 -0.62 18.65 -42.79
CA CYS A 131 -1.71 17.93 -43.44
C CYS A 131 -2.64 18.95 -44.09
N VAL A 132 -2.36 19.23 -45.36
CA VAL A 132 -3.17 20.10 -46.19
C VAL A 132 -3.37 19.42 -47.54
N THR A 133 -4.12 20.08 -48.41
CA THR A 133 -4.28 19.57 -49.77
C THR A 133 -2.92 19.54 -50.45
N LEU A 134 -2.61 18.41 -51.08
CA LEU A 134 -1.27 18.10 -51.56
C LEU A 134 -1.33 17.92 -53.07
N GLU A 135 -0.86 18.92 -53.81
CA GLU A 135 -0.83 18.88 -55.26
C GLU A 135 0.45 18.18 -55.69
N CYS A 136 0.30 17.08 -56.44
CA CYS A 136 1.42 16.22 -56.81
C CYS A 136 1.44 15.97 -58.31
N ARG A 137 2.65 15.91 -58.85
CA ARG A 137 2.90 15.58 -60.25
C ARG A 137 3.58 14.22 -60.31
N GLN A 138 3.01 13.30 -61.11
CA GLN A 138 3.58 11.96 -61.20
C GLN A 138 4.98 11.98 -61.77
N VAL A 139 5.31 12.96 -62.61
CA VAL A 139 6.64 13.08 -63.20
C VAL A 139 7.45 13.98 -62.28
N ASN A 140 8.36 13.38 -61.51
CA ASN A 140 9.37 14.12 -60.77
C ASN A 140 10.64 14.27 -61.61
N THR A 141 10.43 14.85 -62.80
CA THR A 141 11.44 14.90 -63.86
C THR A 141 11.99 13.50 -64.13
N THR A 142 13.29 13.27 -64.03
CA THR A 142 13.87 11.97 -64.35
C THR A 142 15.30 11.86 -63.82
N GLU A 154 4.70 4.58 -60.57
CA GLU A 154 5.70 5.52 -60.07
C GLU A 154 5.78 5.46 -58.55
N GLU A 155 6.99 5.25 -58.03
CA GLU A 155 7.17 5.10 -56.59
C GLU A 155 7.11 6.45 -55.88
N ILE A 156 7.68 7.49 -56.48
CA ILE A 156 7.87 8.79 -55.84
C ILE A 156 7.18 9.85 -56.69
N LYS A 157 6.54 10.81 -56.02
CA LYS A 157 5.83 11.90 -56.66
C LYS A 157 6.34 13.24 -56.16
N ASN A 158 6.50 14.18 -57.08
CA ASN A 158 6.93 15.55 -56.74
C ASN A 158 5.69 16.30 -56.26
N CYS A 159 5.56 16.44 -54.95
CA CYS A 159 4.40 17.05 -54.32
C CYS A 159 4.75 18.44 -53.80
N SER A 160 3.72 19.29 -53.72
CA SER A 160 3.86 20.65 -53.24
C SER A 160 2.69 21.00 -52.33
N PHE A 161 2.94 21.87 -51.37
CA PHE A 161 1.93 22.25 -50.39
C PHE A 161 2.28 23.62 -49.83
N ASN A 162 1.38 24.14 -48.99
CA ASN A 162 1.54 25.42 -48.32
C ASN A 162 1.65 25.16 -46.82
N ALA A 163 2.87 24.91 -46.35
CA ALA A 163 3.09 24.73 -44.93
C ALA A 163 3.01 26.06 -44.20
N THR A 164 2.93 25.98 -42.87
CA THR A 164 2.92 27.17 -42.04
C THR A 164 4.35 27.58 -41.67
N THR A 165 4.47 28.74 -41.06
CA THR A 165 5.75 29.32 -40.66
C THR A 165 5.65 29.83 -39.24
N GLU A 166 6.76 30.39 -38.74
CA GLU A 166 6.75 30.96 -37.39
C GLU A 166 5.77 32.12 -37.30
N LEU A 167 5.63 32.90 -38.37
CA LEU A 167 4.60 33.92 -38.45
C LEU A 167 3.29 33.28 -38.86
N ARG A 168 2.23 33.55 -38.11
CA ARG A 168 0.98 32.85 -38.35
C ARG A 168 0.33 33.29 -39.65
N ASP A 169 0.45 34.56 -40.03
CA ASP A 169 -0.17 35.07 -41.25
C ASP A 169 0.76 34.98 -42.46
N LYS A 170 1.71 34.05 -42.45
CA LYS A 170 2.60 33.80 -43.58
C LYS A 170 2.72 32.30 -43.79
N LYS A 171 2.69 31.88 -45.05
CA LYS A 171 2.77 30.48 -45.44
C LYS A 171 3.95 30.27 -46.39
N GLN A 172 4.70 29.20 -46.14
CA GLN A 172 5.85 28.84 -46.94
C GLN A 172 5.41 27.84 -48.00
N LYS A 173 5.62 28.18 -49.27
CA LYS A 173 5.34 27.25 -50.35
C LYS A 173 6.51 26.28 -50.48
N VAL A 174 6.20 24.99 -50.62
CA VAL A 174 7.17 23.92 -50.49
C VAL A 174 7.01 22.95 -51.64
N TYR A 175 8.11 22.33 -52.04
CA TYR A 175 8.13 21.16 -52.91
C TYR A 175 8.85 20.03 -52.19
N ALA A 176 8.32 18.82 -52.27
CA ALA A 176 8.90 17.69 -51.55
C ALA A 176 8.56 16.40 -52.26
N LEU A 177 9.54 15.48 -52.28
CA LEU A 177 9.38 14.18 -52.89
C LEU A 177 8.90 13.19 -51.84
N PHE A 178 7.65 12.76 -51.96
CA PHE A 178 7.03 11.81 -51.05
C PHE A 178 6.83 10.49 -51.75
N TYR A 179 7.14 9.40 -51.05
CA TYR A 179 6.89 8.08 -51.59
C TYR A 179 5.39 7.85 -51.73
N ARG A 180 5.00 7.16 -52.80
CA ARG A 180 3.58 7.01 -53.10
C ARG A 180 2.85 6.24 -52.01
N LEU A 181 3.54 5.37 -51.28
CA LEU A 181 2.89 4.66 -50.19
C LEU A 181 2.44 5.60 -49.09
N ASP A 182 3.16 6.70 -48.88
CA ASP A 182 2.85 7.64 -47.82
C ASP A 182 1.69 8.57 -48.15
N ILE A 183 1.04 8.40 -49.29
CA ILE A 183 0.09 9.37 -49.81
C ILE A 183 -1.14 8.62 -50.31
N VAL A 184 -2.32 9.20 -50.08
CA VAL A 184 -3.58 8.68 -50.58
C VAL A 184 -4.25 9.78 -51.40
N PRO A 185 -5.06 9.46 -52.42
CA PRO A 185 -5.59 10.51 -53.28
C PRO A 185 -6.94 11.04 -52.83
N LEU A 186 -7.17 12.31 -53.14
CA LEU A 186 -8.48 12.93 -53.00
C LEU A 186 -9.26 12.87 -54.30
N GLU A 187 -8.60 13.18 -55.41
CA GLU A 187 -9.16 13.10 -56.75
C GLU A 187 -8.51 11.94 -57.49
N GLU A 188 -9.31 11.23 -58.28
CA GLU A 188 -8.75 10.17 -59.12
C GLU A 188 -7.73 10.77 -60.07
N GLU A 189 -6.57 10.12 -60.16
CA GLU A 189 -5.43 10.73 -60.84
C GLU A 189 -5.66 10.83 -62.33
N ARG A 190 -5.20 11.95 -62.91
CA ARG A 190 -5.26 12.21 -64.34
C ARG A 190 -3.85 12.55 -64.81
N LYS A 191 -3.31 11.74 -65.72
CA LYS A 191 -1.90 11.85 -66.07
C LYS A 191 -1.56 13.17 -66.75
N GLY A 192 -2.54 13.86 -67.32
CA GLY A 192 -2.24 15.08 -68.05
C GLY A 192 -1.79 16.24 -67.21
N ASN A 193 -1.96 16.17 -65.89
CA ASN A 193 -1.63 17.28 -65.01
C ASN A 193 -1.46 16.76 -63.59
N SER A 194 -1.16 17.65 -62.67
CA SER A 194 -1.06 17.30 -61.27
C SER A 194 -2.43 16.93 -60.71
N SER A 195 -2.42 16.37 -59.50
CA SER A 195 -3.64 15.97 -58.82
C SER A 195 -3.47 16.20 -57.33
N LYS A 196 -4.60 16.29 -56.63
CA LYS A 196 -4.62 16.61 -55.22
C LYS A 196 -4.62 15.33 -54.39
N TYR A 197 -3.76 15.30 -53.37
CA TYR A 197 -3.63 14.17 -52.47
C TYR A 197 -3.59 14.69 -51.04
N ARG A 198 -3.46 13.78 -50.08
CA ARG A 198 -3.21 14.13 -48.69
C ARG A 198 -2.36 13.03 -48.07
N LEU A 199 -1.71 13.37 -46.95
CA LEU A 199 -0.86 12.39 -46.27
C LEU A 199 -1.70 11.25 -45.72
N ILE A 200 -1.12 10.05 -45.71
CA ILE A 200 -1.80 8.89 -45.16
C ILE A 200 -1.91 9.04 -43.65
N ASN A 201 -3.03 8.58 -43.10
CA ASN A 201 -3.29 8.66 -41.66
C ASN A 201 -3.22 10.11 -41.17
N CYS A 202 -3.79 11.04 -41.94
CA CYS A 202 -4.08 12.37 -41.42
C CYS A 202 -5.48 12.43 -40.83
N ASN A 203 -6.46 11.83 -41.50
CA ASN A 203 -7.79 11.74 -40.91
C ASN A 203 -7.80 10.88 -39.65
N THR A 204 -6.86 9.93 -39.53
CA THR A 204 -6.83 9.06 -38.37
C THR A 204 -6.22 9.73 -37.15
N SER A 205 -5.00 10.25 -37.27
CA SER A 205 -4.34 10.84 -36.11
C SER A 205 -3.23 11.77 -36.55
N ALA A 206 -2.80 12.60 -35.61
CA ALA A 206 -1.70 13.53 -35.85
C ALA A 206 -0.39 12.77 -36.02
N ILE A 207 0.49 13.31 -36.86
CA ILE A 207 1.74 12.67 -37.23
C ILE A 207 2.86 13.35 -36.47
N THR A 208 3.65 12.57 -35.75
CA THR A 208 4.72 13.07 -34.89
C THR A 208 6.06 12.71 -35.51
N GLN A 209 6.77 13.70 -36.01
CA GLN A 209 8.08 13.44 -36.62
C GLN A 209 9.03 12.90 -35.57
N ALA A 210 9.74 11.83 -35.93
CA ALA A 210 10.80 11.33 -35.06
C ALA A 210 11.92 12.35 -35.00
N CYS A 211 12.44 12.60 -33.81
CA CYS A 211 13.48 13.60 -33.62
C CYS A 211 14.72 13.19 -34.43
N PRO A 212 15.32 14.10 -35.20
CA PRO A 212 16.50 13.69 -35.99
C PRO A 212 17.71 13.40 -35.13
N LYS A 213 17.85 14.07 -33.99
CA LYS A 213 19.00 13.88 -33.12
C LYS A 213 18.99 12.56 -32.39
N VAL A 214 17.81 11.96 -32.19
CA VAL A 214 17.65 10.76 -31.39
C VAL A 214 17.65 9.56 -32.32
N THR A 215 18.41 8.52 -31.95
CA THR A 215 18.57 7.33 -32.75
C THR A 215 18.00 6.12 -32.02
N PHE A 216 17.30 5.26 -32.77
CA PHE A 216 16.70 4.05 -32.23
C PHE A 216 17.51 2.81 -32.55
N ASP A 217 18.81 2.95 -32.75
CA ASP A 217 19.63 1.79 -33.08
C ASP A 217 19.66 0.83 -31.90
N PRO A 218 19.37 -0.47 -32.09
CA PRO A 218 19.39 -1.38 -30.93
C PRO A 218 20.80 -1.51 -30.37
N ILE A 219 20.87 -1.71 -29.06
CA ILE A 219 22.12 -2.04 -28.37
C ILE A 219 21.82 -3.18 -27.42
N PRO A 220 22.78 -4.03 -27.07
CA PRO A 220 22.46 -5.16 -26.19
C PRO A 220 22.13 -4.69 -24.79
N ILE A 221 20.86 -4.84 -24.39
CA ILE A 221 20.40 -4.50 -23.05
C ILE A 221 20.21 -5.79 -22.27
N HIS A 222 20.44 -5.70 -20.97
CA HIS A 222 20.30 -6.82 -20.05
C HIS A 222 19.17 -6.54 -19.08
N TYR A 223 18.33 -7.55 -18.86
CA TYR A 223 17.32 -7.50 -17.82
C TYR A 223 17.87 -8.16 -16.56
N CYS A 224 17.75 -7.47 -15.43
CA CYS A 224 18.29 -7.93 -14.16
C CYS A 224 17.19 -7.95 -13.11
N ALA A 225 17.17 -8.99 -12.29
CA ALA A 225 16.15 -9.10 -11.26
C ALA A 225 16.52 -8.21 -10.07
N PRO A 226 15.53 -7.74 -9.31
CA PRO A 226 15.82 -6.90 -8.16
C PRO A 226 16.27 -7.75 -6.98
N ALA A 227 16.49 -7.09 -5.85
CA ALA A 227 16.88 -7.79 -4.64
C ALA A 227 15.75 -8.70 -4.17
N GLY A 228 16.10 -9.89 -3.70
CA GLY A 228 15.13 -10.86 -3.26
C GLY A 228 14.50 -11.68 -4.36
N TYR A 229 15.06 -11.63 -5.57
CA TYR A 229 14.57 -12.44 -6.68
C TYR A 229 15.78 -12.96 -7.45
N ALA A 230 15.53 -13.89 -8.36
CA ALA A 230 16.59 -14.46 -9.17
C ALA A 230 16.02 -14.91 -10.50
N ILE A 231 16.89 -15.04 -11.50
CA ILE A 231 16.52 -15.47 -12.83
C ILE A 231 17.21 -16.80 -13.09
N LEU A 232 16.42 -17.80 -13.48
CA LEU A 232 16.94 -19.13 -13.78
C LEU A 232 17.05 -19.31 -15.28
N LYS A 233 18.24 -19.69 -15.75
CA LYS A 233 18.52 -19.90 -17.16
C LYS A 233 18.68 -21.39 -17.42
N CYS A 234 17.94 -21.90 -18.40
CA CYS A 234 18.01 -23.30 -18.78
C CYS A 234 19.06 -23.48 -19.87
N ASN A 235 19.99 -24.41 -19.65
CA ASN A 235 21.12 -24.65 -20.53
C ASN A 235 21.02 -26.02 -21.18
N ASN A 236 19.81 -26.44 -21.51
CA ASN A 236 19.62 -27.79 -22.04
C ASN A 236 20.19 -27.94 -23.44
N LYS A 237 20.17 -26.87 -24.24
CA LYS A 237 20.64 -26.83 -25.63
C LYS A 237 19.72 -27.53 -26.62
N THR A 238 18.66 -28.19 -26.12
CA THR A 238 17.62 -28.74 -26.98
C THR A 238 16.24 -28.53 -26.38
N PHE A 239 16.09 -27.53 -25.51
CA PHE A 239 14.83 -27.30 -24.82
C PHE A 239 13.74 -26.95 -25.84
N ASN A 240 12.67 -27.74 -25.84
CA ASN A 240 11.62 -27.63 -26.84
C ASN A 240 10.58 -26.58 -26.51
N GLY A 241 10.89 -25.62 -25.64
CA GLY A 241 10.03 -24.50 -25.36
C GLY A 241 9.19 -24.64 -24.11
N THR A 242 9.01 -25.86 -23.59
CA THR A 242 8.25 -26.04 -22.37
C THR A 242 8.67 -27.36 -21.73
N GLY A 243 8.15 -27.61 -20.54
CA GLY A 243 8.46 -28.82 -19.81
C GLY A 243 9.75 -28.69 -19.03
N PRO A 244 10.12 -29.73 -18.30
CA PRO A 244 11.28 -29.64 -17.41
C PRO A 244 12.58 -29.47 -18.17
N CYS A 245 13.54 -28.85 -17.50
CA CYS A 245 14.89 -28.63 -18.01
C CYS A 245 15.90 -29.10 -16.98
N ASN A 246 16.84 -29.93 -17.44
CA ASN A 246 17.74 -30.66 -16.55
C ASN A 246 19.09 -29.98 -16.33
N ASN A 247 19.30 -28.79 -16.89
CA ASN A 247 20.55 -28.06 -16.72
C ASN A 247 20.19 -26.59 -16.52
N VAL A 248 20.05 -26.18 -15.25
CA VAL A 248 19.67 -24.83 -14.90
C VAL A 248 20.81 -24.17 -14.15
N SER A 249 20.93 -22.86 -14.31
CA SER A 249 21.90 -22.06 -13.61
C SER A 249 21.31 -20.68 -13.34
N THR A 250 21.60 -20.14 -12.16
CA THR A 250 21.01 -18.89 -11.70
C THR A 250 21.93 -17.73 -12.04
N VAL A 251 21.34 -16.66 -12.58
CA VAL A 251 22.08 -15.46 -12.95
C VAL A 251 21.33 -14.24 -12.47
N GLN A 252 22.08 -13.17 -12.23
CA GLN A 252 21.50 -11.90 -11.82
C GLN A 252 20.98 -11.09 -12.98
N CYS A 253 21.56 -11.26 -14.17
CA CYS A 253 21.15 -10.51 -15.35
C CYS A 253 21.11 -11.44 -16.55
N THR A 254 20.22 -11.12 -17.48
CA THR A 254 20.15 -11.87 -18.72
C THR A 254 21.35 -11.54 -19.61
N HIS A 255 21.58 -12.38 -20.61
CA HIS A 255 22.58 -12.07 -21.60
C HIS A 255 22.10 -10.88 -22.44
N GLY A 256 23.03 -10.28 -23.18
CA GLY A 256 22.72 -9.12 -23.99
C GLY A 256 21.63 -9.39 -25.01
N ILE A 257 20.60 -8.55 -25.03
CA ILE A 257 19.48 -8.68 -25.95
C ILE A 257 19.36 -7.38 -26.74
N LYS A 258 19.30 -7.50 -28.06
CA LYS A 258 19.06 -6.35 -28.93
C LYS A 258 17.57 -6.23 -29.20
N PRO A 259 16.90 -5.14 -28.80
CA PRO A 259 15.46 -5.06 -29.11
C PRO A 259 15.21 -4.73 -30.57
N VAL A 260 15.38 -5.73 -31.42
CA VAL A 260 15.24 -5.55 -32.86
C VAL A 260 13.77 -5.57 -33.24
N VAL A 261 13.45 -4.89 -34.34
CA VAL A 261 12.09 -4.84 -34.88
C VAL A 261 12.10 -5.50 -36.26
N SER A 262 11.31 -6.55 -36.40
CA SER A 262 11.17 -7.25 -37.67
C SER A 262 9.85 -8.02 -37.64
N THR A 263 9.41 -8.44 -38.81
CA THR A 263 8.11 -9.09 -38.95
C THR A 263 8.19 -10.53 -39.41
N GLN A 264 9.09 -10.87 -40.33
CA GLN A 264 9.18 -12.20 -40.91
C GLN A 264 10.44 -12.95 -40.51
N LEU A 265 11.60 -12.32 -40.64
CA LEU A 265 12.88 -12.94 -40.32
C LEU A 265 13.49 -12.24 -39.12
N LEU A 266 13.72 -13.01 -38.05
CA LEU A 266 14.36 -12.46 -36.86
C LEU A 266 15.81 -12.15 -37.19
N LEU A 267 16.27 -10.96 -36.79
CA LEU A 267 17.58 -10.45 -37.16
C LEU A 267 18.42 -10.20 -35.93
N ASN A 268 19.73 -10.39 -36.10
CA ASN A 268 20.73 -10.01 -35.09
C ASN A 268 20.49 -10.68 -33.74
N GLY A 269 19.89 -11.86 -33.76
CA GLY A 269 19.57 -12.58 -32.53
C GLY A 269 20.73 -13.45 -32.09
N SER A 270 20.40 -14.46 -31.29
CA SER A 270 21.37 -15.40 -30.74
C SER A 270 21.16 -16.77 -31.38
N LEU A 271 22.22 -17.34 -31.93
CA LEU A 271 22.14 -18.65 -32.53
C LEU A 271 22.01 -19.72 -31.47
N ALA A 272 21.13 -20.69 -31.71
CA ALA A 272 20.94 -21.79 -30.77
C ALA A 272 22.21 -22.62 -30.66
N GLU A 273 22.48 -23.12 -29.45
CA GLU A 273 23.67 -23.94 -29.25
C GLU A 273 23.60 -25.21 -30.08
N GLY A 274 22.44 -25.86 -30.10
CA GLY A 274 22.31 -27.15 -30.76
C GLY A 274 21.99 -27.04 -32.23
N GLU A 275 21.04 -27.84 -32.70
CA GLU A 275 20.61 -27.82 -34.08
C GLU A 275 19.50 -26.79 -34.25
N ILE A 276 18.86 -26.78 -35.42
CA ILE A 276 17.72 -25.92 -35.64
C ILE A 276 16.57 -26.40 -34.77
N ILE A 277 16.05 -25.52 -33.92
CA ILE A 277 15.01 -25.84 -32.96
C ILE A 277 13.70 -25.24 -33.45
N ILE A 278 12.65 -26.06 -33.45
CA ILE A 278 11.30 -25.59 -33.75
C ILE A 278 10.55 -25.51 -32.42
N ARG A 279 9.88 -24.40 -32.19
CA ARG A 279 9.09 -24.17 -30.98
C ARG A 279 7.72 -23.67 -31.36
N SER A 280 6.71 -24.17 -30.66
CA SER A 280 5.34 -23.70 -30.84
C SER A 280 4.52 -24.15 -29.64
N GLU A 281 3.55 -23.31 -29.26
CA GLU A 281 2.75 -23.60 -28.08
C GLU A 281 1.98 -24.89 -28.25
N ASN A 282 1.38 -25.09 -29.42
CA ASN A 282 0.59 -26.29 -29.69
C ASN A 282 0.66 -26.52 -31.20
N LEU A 283 1.60 -27.38 -31.62
CA LEU A 283 1.79 -27.62 -33.04
C LEU A 283 0.54 -28.16 -33.70
N THR A 284 -0.29 -28.90 -32.95
CA THR A 284 -1.56 -29.37 -33.50
C THR A 284 -2.45 -28.20 -33.88
N ASN A 285 -2.54 -27.19 -33.01
CA ASN A 285 -3.24 -25.97 -33.35
C ASN A 285 -2.44 -25.21 -34.40
N ASN A 286 -2.94 -25.17 -35.63
CA ASN A 286 -2.19 -24.56 -36.73
C ASN A 286 -2.14 -23.05 -36.64
N VAL A 287 -3.02 -22.42 -35.84
CA VAL A 287 -3.07 -20.96 -35.80
C VAL A 287 -1.83 -20.39 -35.13
N LYS A 288 -1.31 -21.07 -34.11
CA LYS A 288 -0.20 -20.52 -33.34
C LYS A 288 1.05 -20.38 -34.20
N THR A 289 1.77 -19.28 -33.99
CA THR A 289 2.99 -19.01 -34.74
C THR A 289 4.09 -19.98 -34.34
N ILE A 290 4.94 -20.32 -35.31
CA ILE A 290 6.04 -21.25 -35.11
C ILE A 290 7.35 -20.48 -35.12
N ILE A 291 8.14 -20.63 -34.07
CA ILE A 291 9.42 -19.96 -33.92
C ILE A 291 10.51 -20.94 -34.30
N VAL A 292 11.47 -20.49 -35.11
CA VAL A 292 12.58 -21.30 -35.58
C VAL A 292 13.86 -20.56 -35.20
N HIS A 293 14.71 -21.23 -34.42
CA HIS A 293 16.05 -20.72 -34.10
C HIS A 293 17.06 -21.43 -34.99
N LEU A 294 17.88 -20.66 -35.70
CA LEU A 294 18.91 -21.21 -36.56
C LEU A 294 20.22 -21.30 -35.81
N ASN A 295 20.90 -22.43 -35.95
CA ASN A 295 22.22 -22.61 -35.37
C ASN A 295 23.33 -22.07 -36.26
N GLU A 296 22.99 -21.52 -37.43
CA GLU A 296 23.97 -20.86 -38.29
C GLU A 296 23.32 -19.64 -38.90
N SER A 297 24.01 -18.50 -38.80
CA SER A 297 23.47 -17.25 -39.29
C SER A 297 23.48 -17.20 -40.80
N VAL A 298 22.66 -16.31 -41.36
CA VAL A 298 22.61 -16.02 -42.78
C VAL A 298 22.70 -14.51 -42.95
N GLU A 299 23.53 -14.06 -43.87
CA GLU A 299 23.80 -12.64 -44.05
C GLU A 299 22.80 -12.03 -45.02
N ILE A 300 22.23 -10.90 -44.62
CA ILE A 300 21.30 -10.12 -45.44
C ILE A 300 21.85 -8.71 -45.52
N VAL A 301 21.91 -8.17 -46.73
CA VAL A 301 22.41 -6.83 -46.99
C VAL A 301 21.33 -6.08 -47.77
N CYS A 302 20.86 -4.97 -47.21
CA CYS A 302 19.80 -4.16 -47.79
C CYS A 302 20.30 -2.74 -48.01
N THR A 303 19.86 -2.13 -49.11
CA THR A 303 20.36 -0.83 -49.53
C THR A 303 19.25 0.01 -50.12
N ARG A 304 19.29 1.32 -49.85
CA ARG A 304 18.47 2.31 -50.53
C ARG A 304 19.36 3.04 -51.53
N PRO A 305 19.45 2.60 -52.78
CA PRO A 305 20.33 3.31 -53.73
C PRO A 305 19.66 4.55 -54.30
N ASN A 306 19.57 5.59 -53.48
CA ASN A 306 19.06 6.89 -53.91
C ASN A 306 19.88 7.96 -53.22
N ASN A 307 20.42 8.89 -54.01
CA ASN A 307 21.28 9.95 -53.48
C ASN A 307 20.39 11.13 -53.11
N ASN A 308 19.75 11.02 -51.95
CA ASN A 308 18.81 12.03 -51.48
C ASN A 308 19.53 13.28 -51.01
N THR A 309 18.88 14.43 -51.20
CA THR A 309 19.28 15.68 -50.60
C THR A 309 18.16 16.14 -49.67
N VAL A 310 18.49 16.39 -48.42
CA VAL A 310 17.50 16.63 -47.37
C VAL A 310 17.43 18.12 -47.10
N LYS A 311 16.29 18.72 -47.43
CA LYS A 311 16.03 20.12 -47.16
C LYS A 311 15.12 20.25 -45.94
N SER A 312 15.27 21.36 -45.23
CA SER A 312 14.57 21.59 -43.97
C SER A 312 13.90 22.95 -44.01
N ILE A 313 12.73 23.03 -43.39
CA ILE A 313 11.96 24.27 -43.28
C ILE A 313 11.46 24.41 -41.85
N ARG A 314 11.10 25.64 -41.49
CA ARG A 314 10.57 25.95 -40.17
C ARG A 314 9.06 26.00 -40.25
N ILE A 315 8.39 25.16 -39.47
CA ILE A 315 6.93 25.16 -39.41
C ILE A 315 6.42 26.11 -38.34
N GLY A 316 7.04 26.09 -37.15
CA GLY A 316 6.62 26.91 -36.06
C GLY A 316 7.80 27.36 -35.21
N PRO A 317 7.52 27.96 -34.05
CA PRO A 317 8.61 28.38 -33.16
C PRO A 317 9.47 27.21 -32.73
N GLY A 318 10.73 27.24 -33.17
CA GLY A 318 11.66 26.18 -32.82
C GLY A 318 11.25 24.82 -33.31
N GLN A 319 10.53 24.75 -34.42
CA GLN A 319 10.00 23.49 -34.96
C GLN A 319 10.42 23.37 -36.41
N TRP A 320 11.36 22.47 -36.68
CA TRP A 320 11.85 22.19 -38.02
C TRP A 320 11.16 20.97 -38.59
N PHE A 321 11.31 20.78 -39.89
CA PHE A 321 10.72 19.64 -40.59
C PHE A 321 11.59 19.28 -41.77
N TYR A 322 11.97 18.01 -41.87
CA TYR A 322 12.91 17.53 -42.87
C TYR A 322 12.17 16.67 -43.89
N TYR A 323 12.54 16.82 -45.16
CA TYR A 323 11.86 16.11 -46.24
C TYR A 323 12.85 15.89 -47.37
N THR A 324 12.52 14.94 -48.24
CA THR A 324 13.40 14.56 -49.34
C THR A 324 13.47 15.70 -50.32
N GLY A 325 14.46 16.58 -50.15
CA GLY A 325 14.52 17.79 -50.94
C GLY A 325 14.72 17.52 -52.41
N ASP A 326 15.59 16.56 -52.76
CA ASP A 326 15.90 16.27 -54.14
C ASP A 326 16.65 14.95 -54.21
N ILE A 327 16.67 14.36 -55.40
CA ILE A 327 17.38 13.13 -55.68
C ILE A 327 18.39 13.39 -56.78
N ILE A 328 19.63 12.98 -56.56
CA ILE A 328 20.71 13.13 -57.53
C ILE A 328 20.86 11.80 -58.26
N GLY A 329 20.83 11.85 -59.58
CA GLY A 329 21.01 10.65 -60.39
C GLY A 329 19.71 9.89 -60.60
N ASN A 330 19.85 8.66 -61.05
CA ASN A 330 18.69 7.82 -61.35
C ASN A 330 17.98 7.41 -60.06
N ILE A 331 16.78 6.89 -60.22
CA ILE A 331 15.94 6.41 -59.12
C ILE A 331 15.86 4.89 -59.25
N ARG A 332 16.30 4.19 -58.22
CA ARG A 332 16.31 2.74 -58.17
C ARG A 332 15.65 2.28 -56.88
N GLN A 333 14.86 1.21 -56.97
CA GLN A 333 14.17 0.70 -55.80
C GLN A 333 15.16 0.19 -54.78
N ALA A 334 14.74 0.21 -53.51
CA ALA A 334 15.53 -0.41 -52.46
C ALA A 334 15.39 -1.93 -52.55
N TYR A 335 16.52 -2.63 -52.41
CA TYR A 335 16.56 -4.06 -52.58
C TYR A 335 17.42 -4.67 -51.49
N CYS A 336 17.25 -5.97 -51.28
CA CYS A 336 18.05 -6.74 -50.34
C CYS A 336 18.68 -7.93 -51.05
N ASN A 337 19.91 -8.24 -50.65
CA ASN A 337 20.66 -9.38 -51.16
C ASN A 337 20.91 -10.34 -50.02
N ILE A 338 20.69 -11.63 -50.28
CA ILE A 338 20.91 -12.69 -49.31
C ILE A 338 21.69 -13.81 -49.98
N LYS A 339 22.57 -14.45 -49.22
CA LYS A 339 23.38 -15.55 -49.75
C LYS A 339 22.46 -16.68 -50.21
N LYS A 340 22.65 -17.11 -51.46
CA LYS A 340 21.73 -18.08 -52.05
C LYS A 340 21.98 -19.48 -51.53
N ASP A 341 23.24 -19.94 -51.55
CA ASP A 341 23.54 -21.29 -51.10
C ASP A 341 23.20 -21.46 -49.63
N ASP A 342 23.58 -20.49 -48.80
CA ASP A 342 23.30 -20.57 -47.37
C ASP A 342 21.80 -20.58 -47.11
N TRP A 343 21.06 -19.73 -47.81
CA TRP A 343 19.62 -19.68 -47.63
C TRP A 343 18.97 -21.00 -48.05
N ILE A 344 19.41 -21.58 -49.16
CA ILE A 344 18.81 -22.82 -49.62
C ILE A 344 19.10 -23.95 -48.64
N ARG A 345 20.33 -24.03 -48.13
CA ARG A 345 20.65 -25.05 -47.15
C ARG A 345 19.84 -24.87 -45.87
N THR A 346 19.69 -23.62 -45.42
CA THR A 346 18.90 -23.37 -44.22
C THR A 346 17.45 -23.78 -44.42
N LEU A 347 16.87 -23.46 -45.58
CA LEU A 347 15.51 -23.86 -45.85
C LEU A 347 15.38 -25.37 -45.91
N GLN A 348 16.37 -26.06 -46.50
CA GLN A 348 16.33 -27.51 -46.54
C GLN A 348 16.36 -28.10 -45.14
N ARG A 349 17.22 -27.58 -44.28
CA ARG A 349 17.31 -28.10 -42.92
C ARG A 349 16.02 -27.82 -42.15
N VAL A 350 15.45 -26.64 -42.31
CA VAL A 350 14.20 -26.32 -41.65
C VAL A 350 13.08 -27.25 -42.14
N GLY A 351 13.06 -27.53 -43.44
CA GLY A 351 12.08 -28.45 -43.98
C GLY A 351 12.26 -29.84 -43.41
N LYS A 352 13.51 -30.27 -43.22
CA LYS A 352 13.76 -31.56 -42.60
C LYS A 352 13.20 -31.60 -41.19
N LYS A 353 13.45 -30.55 -40.41
CA LYS A 353 12.95 -30.53 -39.04
C LYS A 353 11.44 -30.52 -39.00
N LEU A 354 10.80 -29.74 -39.88
CA LEU A 354 9.35 -29.70 -39.90
C LEU A 354 8.77 -31.06 -40.31
N ALA A 355 9.40 -31.72 -41.28
CA ALA A 355 8.95 -33.06 -41.65
C ALA A 355 9.08 -34.02 -40.48
N GLU A 356 10.14 -33.87 -39.69
CA GLU A 356 10.25 -34.69 -38.48
C GLU A 356 9.11 -34.39 -37.52
N HIS A 357 8.76 -33.12 -37.35
CA HIS A 357 7.62 -32.77 -36.51
C HIS A 357 6.28 -33.02 -37.18
N PHE A 358 6.25 -33.11 -38.51
CA PHE A 358 5.02 -33.36 -39.27
C PHE A 358 5.26 -34.52 -40.23
N PRO A 359 5.41 -35.73 -39.70
CA PRO A 359 5.74 -36.88 -40.56
C PRO A 359 4.58 -37.23 -41.47
N ARG A 360 4.92 -37.98 -42.53
CA ARG A 360 3.94 -38.44 -43.52
C ARG A 360 3.25 -37.25 -44.21
N ARG A 361 4.03 -36.25 -44.59
CA ARG A 361 3.49 -35.06 -45.22
C ARG A 361 4.53 -34.47 -46.15
N ILE A 362 4.05 -33.57 -47.02
CA ILE A 362 4.89 -32.82 -47.96
C ILE A 362 4.94 -31.39 -47.45
N ILE A 363 6.14 -30.92 -47.10
CA ILE A 363 6.34 -29.58 -46.57
C ILE A 363 6.47 -28.61 -47.74
N ASN A 364 5.64 -27.56 -47.73
CA ASN A 364 5.63 -26.55 -48.77
C ASN A 364 5.77 -25.18 -48.13
N PHE A 365 6.78 -24.43 -48.55
CA PHE A 365 6.91 -23.02 -48.22
C PHE A 365 6.30 -22.20 -49.34
N THR A 366 5.55 -21.16 -48.99
CA THR A 366 4.92 -20.31 -49.98
C THR A 366 4.84 -18.88 -49.45
N GLN A 367 4.61 -17.95 -50.37
CA GLN A 367 4.46 -16.56 -50.00
C GLN A 367 3.20 -16.39 -49.14
N PRO A 368 3.14 -15.36 -48.30
CA PRO A 368 1.95 -15.15 -47.49
C PRO A 368 0.76 -14.76 -48.36
N ALA A 369 -0.44 -15.05 -47.84
CA ALA A 369 -1.66 -14.66 -48.53
C ALA A 369 -1.73 -13.14 -48.64
N GLY A 370 -2.32 -12.68 -49.74
CA GLY A 370 -2.33 -11.25 -50.01
C GLY A 370 -3.09 -10.48 -48.96
N GLY A 371 -2.72 -9.21 -48.80
CA GLY A 371 -3.36 -8.38 -47.80
C GLY A 371 -2.60 -7.09 -47.55
N ASP A 372 -2.68 -6.62 -46.32
CA ASP A 372 -2.02 -5.38 -45.94
C ASP A 372 -0.51 -5.51 -46.04
N LEU A 373 0.15 -4.39 -46.37
CA LEU A 373 1.61 -4.39 -46.48
C LEU A 373 2.27 -4.66 -45.13
N GLU A 374 1.61 -4.29 -44.03
CA GLU A 374 2.23 -4.43 -42.72
C GLU A 374 2.49 -5.88 -42.36
N ILE A 375 1.67 -6.80 -42.86
CA ILE A 375 1.71 -8.19 -42.42
C ILE A 375 2.23 -9.14 -43.50
N THR A 376 2.24 -8.74 -44.77
CA THR A 376 2.63 -9.60 -45.87
C THR A 376 4.05 -9.37 -46.36
N THR A 377 4.88 -8.63 -45.62
CA THR A 377 6.21 -8.27 -46.06
C THR A 377 7.19 -8.23 -44.88
N HIS A 378 8.45 -8.55 -45.18
CA HIS A 378 9.52 -8.52 -44.20
C HIS A 378 9.90 -7.07 -43.93
N SER A 379 9.37 -6.50 -42.85
CA SER A 379 9.65 -5.13 -42.45
C SER A 379 10.81 -5.11 -41.48
N PHE A 380 11.51 -3.98 -41.40
CA PHE A 380 12.56 -3.78 -40.42
C PHE A 380 13.01 -2.33 -40.49
N ASN A 381 13.89 -1.96 -39.57
CA ASN A 381 14.51 -0.64 -39.51
C ASN A 381 15.96 -0.78 -39.92
N CYS A 382 16.40 0.09 -40.82
CA CYS A 382 17.78 0.08 -41.33
C CYS A 382 18.30 1.52 -41.29
N ARG A 383 18.95 1.89 -40.20
CA ARG A 383 19.53 3.22 -40.05
C ARG A 383 18.46 4.29 -40.19
N GLY A 384 17.30 4.04 -39.58
CA GLY A 384 16.23 5.02 -39.54
C GLY A 384 15.27 4.99 -40.72
N GLU A 385 15.53 4.15 -41.72
CA GLU A 385 14.60 3.96 -42.83
C GLU A 385 13.82 2.68 -42.62
N PHE A 386 12.50 2.75 -42.79
CA PHE A 386 11.61 1.62 -42.57
C PHE A 386 11.37 0.92 -43.89
N PHE A 387 11.96 -0.27 -44.04
CA PHE A 387 11.86 -1.06 -45.25
C PHE A 387 10.63 -1.96 -45.19
N TYR A 388 10.18 -2.41 -46.36
CA TYR A 388 9.12 -3.39 -46.48
C TYR A 388 9.42 -4.24 -47.70
N CYS A 389 9.78 -5.50 -47.47
CA CYS A 389 10.35 -6.36 -48.50
C CYS A 389 9.40 -7.50 -48.85
N ASN A 390 9.25 -7.74 -50.15
CA ASN A 390 8.43 -8.84 -50.67
C ASN A 390 9.31 -10.07 -50.72
N THR A 391 9.12 -10.99 -49.76
CA THR A 391 9.93 -12.18 -49.63
C THR A 391 9.35 -13.38 -50.38
N SER A 392 8.58 -13.14 -51.44
CA SER A 392 8.03 -14.27 -52.20
C SER A 392 9.14 -15.12 -52.82
N SER A 393 10.23 -14.49 -53.24
CA SER A 393 11.31 -15.23 -53.88
C SER A 393 12.04 -16.17 -52.92
N LEU A 394 11.91 -15.97 -51.62
CA LEU A 394 12.57 -16.83 -50.64
C LEU A 394 11.72 -18.04 -50.28
N PHE A 395 10.46 -17.81 -49.90
CA PHE A 395 9.56 -18.88 -49.49
C PHE A 395 8.85 -19.44 -50.72
N ASN A 396 9.62 -20.18 -51.51
CA ASN A 396 9.17 -20.75 -52.78
C ASN A 396 9.58 -22.20 -52.97
N SER A 397 10.46 -22.74 -52.14
CA SER A 397 11.01 -24.07 -52.34
C SER A 397 9.99 -25.13 -51.93
N THR A 398 10.45 -26.38 -51.79
CA THR A 398 9.56 -27.51 -51.50
C THR A 398 10.13 -28.41 -50.42
N TYR A 399 9.50 -29.55 -50.20
CA TYR A 399 9.79 -30.40 -49.05
C TYR A 399 11.18 -31.02 -49.12
N ASN A 400 11.71 -31.34 -47.95
CA ASN A 400 12.92 -32.15 -47.88
C ASN A 400 12.58 -33.56 -48.39
N PRO A 401 13.39 -34.16 -49.27
CA PRO A 401 12.91 -35.34 -50.01
C PRO A 401 12.56 -36.51 -49.10
N ASN A 402 11.51 -37.23 -49.49
CA ASN A 402 11.04 -38.41 -48.75
C ASN A 402 11.47 -39.69 -49.45
N SER A 414 28.93 -16.49 -53.16
CA SER A 414 29.20 -16.23 -54.57
C SER A 414 27.99 -15.61 -55.26
N LEU A 415 26.87 -16.33 -55.24
CA LEU A 415 25.61 -15.87 -55.81
C LEU A 415 24.62 -15.59 -54.69
N ASP A 416 23.75 -14.60 -54.91
CA ASP A 416 22.82 -14.14 -53.89
C ASP A 416 21.49 -13.75 -54.53
N ILE A 417 20.43 -13.82 -53.74
CA ILE A 417 19.07 -13.59 -54.21
C ILE A 417 18.71 -12.13 -53.99
N THR A 418 18.24 -11.47 -55.04
CA THR A 418 17.82 -10.07 -54.97
C THR A 418 16.33 -10.00 -54.65
N ILE A 419 15.99 -9.27 -53.59
CA ILE A 419 14.63 -9.13 -53.10
C ILE A 419 14.19 -7.69 -53.33
N PRO A 420 13.07 -7.42 -54.00
CA PRO A 420 12.58 -6.04 -54.05
C PRO A 420 12.03 -5.61 -52.71
N CYS A 421 12.17 -4.31 -52.43
CA CYS A 421 11.68 -3.75 -51.17
C CYS A 421 11.14 -2.35 -51.41
N ARG A 422 10.15 -2.00 -50.61
CA ARG A 422 9.55 -0.67 -50.59
C ARG A 422 9.93 0.03 -49.29
N ILE A 423 9.90 1.36 -49.32
CA ILE A 423 10.23 2.19 -48.18
C ILE A 423 9.09 3.16 -47.93
N LYS A 424 8.66 3.24 -46.67
CA LYS A 424 7.68 4.21 -46.22
C LYS A 424 8.36 5.19 -45.29
N GLN A 425 7.68 6.31 -45.04
CA GLN A 425 8.09 7.29 -44.05
C GLN A 425 7.10 7.43 -42.91
N ILE A 426 5.80 7.45 -43.22
CA ILE A 426 4.76 7.55 -42.21
C ILE A 426 4.44 6.15 -41.73
N ILE A 427 4.78 5.86 -40.48
CA ILE A 427 4.69 4.52 -39.92
C ILE A 427 3.62 4.49 -38.84
N ASN A 428 2.87 3.41 -38.81
CA ASN A 428 1.88 3.12 -37.77
C ASN A 428 2.38 1.86 -37.05
N MET A 429 3.19 2.06 -36.02
CA MET A 429 3.88 0.96 -35.38
C MET A 429 2.97 0.17 -34.45
N TRP A 430 3.13 -1.16 -34.48
CA TRP A 430 2.45 -2.07 -33.54
C TRP A 430 0.94 -2.08 -33.73
N GLN A 431 0.45 -1.72 -34.92
CA GLN A 431 -0.98 -1.68 -35.21
C GLN A 431 -1.73 -0.75 -34.26
N ARG A 432 -1.06 0.26 -33.71
CA ARG A 432 -1.70 1.22 -32.81
C ARG A 432 -2.39 2.27 -33.67
N VAL A 433 -3.60 1.94 -34.13
CA VAL A 433 -4.38 2.90 -34.88
C VAL A 433 -4.74 4.06 -33.97
N GLY A 434 -4.53 5.28 -34.45
CA GLY A 434 -4.65 6.48 -33.65
C GLY A 434 -3.32 7.12 -33.31
N GLN A 435 -2.20 6.53 -33.71
CA GLN A 435 -0.88 7.13 -33.55
C GLN A 435 -0.09 6.87 -34.82
N ALA A 436 0.84 7.77 -35.11
CA ALA A 436 1.68 7.62 -36.29
C ALA A 436 2.92 8.46 -36.10
N MET A 437 3.96 8.13 -36.86
CA MET A 437 5.22 8.86 -36.81
C MET A 437 5.79 8.98 -38.21
N TYR A 438 6.44 10.11 -38.46
CA TYR A 438 7.08 10.41 -39.74
C TYR A 438 8.59 10.29 -39.54
N ALA A 439 9.21 9.40 -40.32
CA ALA A 439 10.65 9.19 -40.23
C ALA A 439 11.33 10.07 -41.27
N PRO A 440 12.13 11.07 -40.87
CA PRO A 440 12.71 11.96 -41.86
C PRO A 440 13.75 11.24 -42.69
N PRO A 441 14.00 11.67 -43.93
CA PRO A 441 15.00 11.00 -44.76
C PRO A 441 16.41 11.38 -44.34
N ILE A 442 17.37 10.64 -44.89
CA ILE A 442 18.78 10.78 -44.55
C ILE A 442 19.55 11.05 -45.84
N GLU A 443 20.43 12.04 -45.80
CA GLU A 443 21.23 12.37 -46.97
C GLU A 443 22.20 11.24 -47.29
N GLY A 444 22.37 10.97 -48.58
CA GLY A 444 23.23 9.90 -49.04
C GLY A 444 22.51 8.56 -49.01
N ASN A 445 23.03 7.63 -49.80
CA ASN A 445 22.42 6.31 -49.88
C ASN A 445 22.70 5.52 -48.60
N ILE A 446 21.82 4.57 -48.32
CA ILE A 446 21.83 3.80 -47.09
C ILE A 446 22.22 2.37 -47.41
N THR A 447 23.06 1.79 -46.57
CA THR A 447 23.34 0.36 -46.61
C THR A 447 23.40 -0.16 -45.19
N CYS A 448 23.05 -1.43 -45.03
CA CYS A 448 23.05 -2.07 -43.72
C CYS A 448 23.13 -3.57 -43.91
N LYS A 449 23.95 -4.20 -43.07
CA LYS A 449 24.12 -5.65 -43.05
C LYS A 449 23.50 -6.18 -41.78
N SER A 450 22.96 -7.41 -41.85
CA SER A 450 22.36 -8.03 -40.69
C SER A 450 22.49 -9.53 -40.81
N ASN A 451 22.32 -10.20 -39.67
CA ASN A 451 22.42 -11.65 -39.57
C ASN A 451 21.03 -12.21 -39.32
N ILE A 452 20.48 -12.93 -40.30
CA ILE A 452 19.23 -13.63 -40.08
C ILE A 452 19.51 -14.83 -39.20
N THR A 453 18.79 -14.93 -38.07
CA THR A 453 18.97 -16.00 -37.12
C THR A 453 17.68 -16.74 -36.78
N GLY A 454 16.53 -16.30 -37.29
CA GLY A 454 15.29 -17.00 -37.01
C GLY A 454 14.24 -16.68 -38.06
N LEU A 455 13.22 -17.53 -38.08
CA LEU A 455 12.08 -17.39 -38.97
C LEU A 455 10.80 -17.51 -38.17
N LEU A 456 9.78 -16.76 -38.60
CA LEU A 456 8.46 -16.82 -38.00
C LEU A 456 7.51 -17.45 -39.00
N LEU A 457 7.09 -18.68 -38.73
CA LEU A 457 6.29 -19.47 -39.65
C LEU A 457 4.89 -19.68 -39.09
N VAL A 458 3.92 -19.66 -40.01
CA VAL A 458 2.52 -19.96 -39.69
C VAL A 458 2.09 -21.13 -40.57
N ARG A 459 1.60 -22.18 -39.95
CA ARG A 459 1.19 -23.38 -40.66
C ARG A 459 -0.25 -23.22 -41.14
N ASP A 460 -0.46 -23.34 -42.44
CA ASP A 460 -1.79 -23.40 -43.02
C ASP A 460 -2.17 -24.85 -43.22
N GLY A 461 -3.32 -25.09 -43.86
CA GLY A 461 -3.73 -26.43 -44.25
C GLY A 461 -5.08 -26.83 -43.69
N GLY A 462 -5.99 -25.87 -43.54
CA GLY A 462 -7.32 -26.20 -43.08
C GLY A 462 -8.06 -27.15 -44.02
N VAL A 463 -7.81 -27.01 -45.33
CA VAL A 463 -8.41 -27.93 -46.28
C VAL A 463 -7.86 -29.34 -46.11
N GLU A 464 -6.60 -29.45 -45.68
CA GLU A 464 -5.93 -30.76 -45.56
C GLU A 464 -5.93 -31.49 -46.90
N SER A 465 -5.47 -30.78 -47.93
CA SER A 465 -5.47 -31.32 -49.27
C SER A 465 -4.26 -32.22 -49.48
N ASN A 466 -4.50 -33.41 -49.99
CA ASN A 466 -3.47 -34.42 -50.26
C ASN A 466 -2.74 -34.69 -48.95
N GLU A 467 -1.40 -34.74 -48.94
CA GLU A 467 -0.58 -34.84 -47.74
C GLU A 467 0.43 -33.72 -47.74
N THR A 468 -0.03 -32.52 -48.05
CA THR A 468 0.82 -31.36 -48.25
C THR A 468 0.55 -30.32 -47.17
N GLU A 469 1.61 -29.89 -46.49
CA GLU A 469 1.54 -28.85 -45.48
C GLU A 469 2.11 -27.56 -46.03
N ILE A 470 1.45 -26.46 -45.73
CA ILE A 470 1.80 -25.13 -46.24
C ILE A 470 2.24 -24.27 -45.08
N PHE A 471 3.45 -23.71 -45.18
CA PHE A 471 3.98 -22.77 -44.21
C PHE A 471 4.17 -21.42 -44.89
N ARG A 472 3.87 -20.35 -44.16
CA ARG A 472 3.98 -18.98 -44.64
C ARG A 472 4.68 -18.15 -43.59
N PRO A 473 5.29 -17.02 -43.98
CA PRO A 473 5.86 -16.13 -42.97
C PRO A 473 4.78 -15.59 -42.04
N GLY A 474 5.12 -15.45 -40.77
CA GLY A 474 4.17 -15.02 -39.76
C GLY A 474 4.22 -13.52 -39.51
N GLY A 475 4.46 -13.14 -38.26
CA GLY A 475 4.61 -11.75 -37.90
C GLY A 475 3.31 -11.12 -37.42
N GLY A 476 3.40 -9.81 -37.18
CA GLY A 476 2.28 -9.03 -36.72
C GLY A 476 2.19 -8.87 -35.21
N ASP A 477 2.84 -9.76 -34.46
CA ASP A 477 2.88 -9.69 -33.00
C ASP A 477 4.34 -9.63 -32.59
N MET A 478 4.77 -8.47 -32.09
CA MET A 478 6.18 -8.29 -31.76
C MET A 478 6.60 -9.12 -30.57
N ARG A 479 5.66 -9.61 -29.77
CA ARG A 479 6.04 -10.38 -28.59
C ARG A 479 6.75 -11.67 -28.96
N ASN A 480 6.49 -12.21 -30.15
CA ASN A 480 7.20 -13.40 -30.59
C ASN A 480 8.69 -13.14 -30.71
N ASN A 481 9.07 -11.97 -31.21
CA ASN A 481 10.49 -11.65 -31.37
C ASN A 481 11.22 -11.72 -30.03
N TRP A 482 10.67 -11.07 -29.01
CA TRP A 482 11.35 -11.04 -27.72
C TRP A 482 11.19 -12.36 -26.98
N ARG A 483 10.13 -13.13 -27.27
CA ARG A 483 10.03 -14.46 -26.70
C ARG A 483 11.09 -15.38 -27.28
N SER A 484 11.51 -15.11 -28.52
CA SER A 484 12.61 -15.88 -29.10
C SER A 484 13.91 -15.67 -28.35
N GLU A 485 14.07 -14.53 -27.67
CA GLU A 485 15.27 -14.24 -26.90
C GLU A 485 15.14 -14.56 -25.42
N LEU A 486 13.92 -14.51 -24.87
CA LEU A 486 13.69 -14.72 -23.44
C LEU A 486 13.14 -16.10 -23.13
N TYR A 487 13.23 -17.05 -24.07
CA TYR A 487 12.63 -18.35 -23.84
C TYR A 487 13.29 -19.10 -22.70
N LYS A 488 14.60 -18.92 -22.50
CA LYS A 488 15.35 -19.73 -21.56
C LYS A 488 15.30 -19.22 -20.12
N TYR A 489 14.70 -18.06 -19.87
CA TYR A 489 14.73 -17.44 -18.56
C TYR A 489 13.43 -17.67 -17.80
N LYS A 490 13.48 -17.40 -16.49
CA LYS A 490 12.34 -17.56 -15.61
C LYS A 490 12.66 -16.81 -14.32
N VAL A 491 11.72 -16.01 -13.83
CA VAL A 491 11.91 -15.22 -12.62
C VAL A 491 11.32 -15.98 -11.45
N VAL A 492 12.09 -16.09 -10.36
CA VAL A 492 11.70 -16.83 -9.18
C VAL A 492 11.98 -15.99 -7.94
N GLU A 493 11.09 -16.12 -6.95
CA GLU A 493 11.20 -15.41 -5.68
C GLU A 493 11.75 -16.37 -4.63
N ILE A 494 12.71 -15.90 -3.85
CA ILE A 494 13.27 -16.70 -2.77
C ILE A 494 12.33 -16.64 -1.58
N LYS A 495 12.21 -17.77 -0.87
CA LYS A 495 11.38 -17.88 0.33
C LYS A 495 12.28 -18.41 1.45
N PRO A 496 13.12 -17.55 2.04
CA PRO A 496 14.19 -18.06 2.92
C PRO A 496 13.71 -18.78 4.16
N LEU A 497 12.47 -18.55 4.60
CA LEU A 497 11.99 -19.19 5.81
C LEU A 497 11.64 -20.66 5.52
N GLY A 498 11.99 -21.52 6.46
CA GLY A 498 11.75 -22.95 6.27
C GLY A 498 11.79 -23.70 7.58
N ILE A 499 11.14 -24.85 7.56
CA ILE A 499 10.92 -25.68 8.76
C ILE A 499 11.33 -27.11 8.43
N ALA A 500 11.98 -27.77 9.39
CA ALA A 500 12.30 -29.17 9.27
C ALA A 500 12.49 -29.73 10.67
N PRO A 501 12.28 -31.03 10.87
CA PRO A 501 12.45 -31.60 12.20
C PRO A 501 13.91 -31.87 12.52
N THR A 502 14.20 -31.97 13.81
CA THR A 502 15.52 -32.33 14.28
C THR A 502 15.39 -32.83 15.72
N ARG A 503 16.53 -33.04 16.37
CA ARG A 503 16.55 -33.69 17.68
C ARG A 503 16.69 -32.73 18.85
N CYS A 504 17.20 -31.52 18.64
CA CYS A 504 17.45 -30.57 19.72
C CYS A 504 16.27 -29.63 19.88
N LYS A 505 15.93 -29.34 21.15
CA LYS A 505 14.78 -28.55 21.52
C LYS A 505 15.23 -27.38 22.40
N ARG A 506 14.26 -26.60 22.88
CA ARG A 506 14.56 -25.38 23.62
C ARG A 506 15.26 -25.69 24.94
N ARG A 507 14.70 -26.60 25.73
CA ARG A 507 15.30 -27.02 27.00
C ARG A 507 15.50 -25.85 27.95
N LEU B 39 41.15 -4.62 24.60
CA LEU B 39 41.56 -6.01 24.59
C LEU B 39 40.61 -6.85 23.72
N TRP B 40 39.32 -6.56 23.83
CA TRP B 40 38.28 -7.27 23.09
C TRP B 40 37.47 -6.29 22.26
N VAL B 41 37.09 -6.72 21.06
CA VAL B 41 36.26 -5.89 20.20
C VAL B 41 34.94 -5.59 20.90
N THR B 42 34.36 -4.44 20.58
CA THR B 42 33.07 -4.06 21.15
C THR B 42 32.36 -3.12 20.21
N VAL B 43 31.08 -3.39 19.99
CA VAL B 43 30.26 -2.68 19.02
C VAL B 43 29.48 -1.59 19.75
N TYR B 44 29.73 -0.35 19.37
CA TYR B 44 28.99 0.79 19.89
C TYR B 44 28.01 1.27 18.83
N TYR B 45 26.80 1.61 19.27
CA TYR B 45 25.77 2.18 18.41
C TYR B 45 25.51 3.61 18.83
N GLY B 46 25.27 4.48 17.85
CA GLY B 46 25.14 5.89 18.11
C GLY B 46 26.44 6.66 18.17
N VAL B 47 27.50 6.14 17.56
CA VAL B 47 28.80 6.82 17.61
C VAL B 47 28.68 8.17 16.88
N PRO B 48 29.26 9.26 17.40
CA PRO B 48 29.22 10.53 16.64
C PRO B 48 30.31 10.61 15.57
N VAL B 49 30.02 9.99 14.42
CA VAL B 49 30.89 10.02 13.26
C VAL B 49 30.03 10.25 12.03
N TRP B 50 30.53 11.04 11.09
CA TRP B 50 29.82 11.39 9.87
C TRP B 50 30.74 11.23 8.67
N LYS B 51 30.11 10.98 7.52
CA LYS B 51 30.80 10.89 6.25
C LYS B 51 30.20 11.89 5.28
N ASP B 52 31.03 12.44 4.40
CA ASP B 52 30.54 13.35 3.39
C ASP B 52 29.53 12.63 2.51
N ALA B 53 28.41 13.29 2.25
CA ALA B 53 27.30 12.63 1.55
C ALA B 53 26.47 13.67 0.84
N GLU B 54 25.61 13.18 -0.06
CA GLU B 54 24.74 14.00 -0.88
C GLU B 54 23.32 13.48 -0.75
N THR B 55 22.38 14.39 -0.48
CA THR B 55 21.00 14.01 -0.28
C THR B 55 20.10 15.15 -0.71
N THR B 56 18.83 14.83 -0.94
CA THR B 56 17.88 15.80 -1.44
C THR B 56 17.31 16.60 -0.28
N LEU B 57 17.85 17.81 -0.09
CA LEU B 57 17.34 18.69 0.95
C LEU B 57 15.95 19.18 0.58
N PHE B 58 15.19 19.56 1.61
CA PHE B 58 13.84 20.08 1.44
C PHE B 58 13.77 21.50 1.97
N CYS B 59 13.07 22.35 1.22
CA CYS B 59 12.98 23.77 1.53
C CYS B 59 11.99 23.98 2.67
N ALA B 60 12.33 24.91 3.56
CA ALA B 60 11.48 25.30 4.67
C ALA B 60 11.54 26.81 4.84
N SER B 61 10.40 27.41 5.15
CA SER B 61 10.26 28.85 5.23
C SER B 61 9.48 29.20 6.50
N ASP B 62 9.31 30.50 6.73
CA ASP B 62 8.57 30.96 7.91
C ASP B 62 7.11 30.52 7.80
N ALA B 63 6.47 30.39 8.97
CA ALA B 63 5.07 29.97 8.99
C ALA B 63 4.18 30.94 8.23
N LYS B 64 4.36 32.25 8.47
CA LYS B 64 3.70 33.27 7.66
C LYS B 64 4.60 33.61 6.47
N ALA B 65 4.76 32.62 5.59
CA ALA B 65 5.60 32.80 4.42
C ALA B 65 5.07 33.90 3.52
N TYR B 66 3.77 33.86 3.23
CA TYR B 66 3.13 34.91 2.45
C TYR B 66 1.62 34.77 2.60
N GLU B 67 0.93 35.89 2.43
CA GLU B 67 -0.52 35.89 2.51
C GLU B 67 -1.11 35.04 1.39
N LYS B 68 -2.06 34.18 1.74
CA LYS B 68 -2.57 33.19 0.81
C LYS B 68 -3.48 33.77 -0.27
N GLU B 69 -3.82 35.04 -0.20
CA GLU B 69 -4.66 35.65 -1.23
C GLU B 69 -3.95 35.63 -2.59
N LYS B 70 -2.83 36.34 -2.69
CA LYS B 70 -2.06 36.40 -3.93
C LYS B 70 -0.97 35.35 -4.01
N ARG B 71 -0.45 34.90 -2.87
CA ARG B 71 0.55 33.83 -2.80
C ARG B 71 1.83 34.21 -3.55
N ASN B 72 2.84 33.37 -3.38
CA ASN B 72 4.13 33.56 -4.02
C ASN B 72 4.67 32.19 -4.39
N VAL B 73 5.49 32.14 -5.45
CA VAL B 73 6.05 30.86 -5.87
C VAL B 73 6.89 30.26 -4.76
N TRP B 74 7.60 31.09 -4.02
CA TRP B 74 8.41 30.61 -2.90
C TRP B 74 7.57 30.28 -1.68
N ALA B 75 6.36 30.82 -1.57
CA ALA B 75 5.46 30.51 -0.47
C ALA B 75 4.60 29.29 -0.77
N THR B 76 4.09 29.18 -2.01
CA THR B 76 3.39 27.97 -2.40
C THR B 76 4.30 26.75 -2.31
N HIS B 77 5.58 26.93 -2.61
CA HIS B 77 6.62 25.97 -2.30
C HIS B 77 7.13 26.26 -0.89
N CYS B 78 8.01 25.39 -0.40
CA CYS B 78 8.64 25.57 0.91
C CYS B 78 7.59 25.65 2.01
N CYS B 79 6.57 24.81 1.92
CA CYS B 79 5.48 24.78 2.89
C CYS B 79 5.83 23.89 4.08
N VAL B 80 6.87 24.28 4.79
CA VAL B 80 7.34 23.60 6.00
C VAL B 80 7.70 24.67 7.02
N PRO B 81 6.95 24.86 8.10
CA PRO B 81 7.32 25.89 9.08
C PRO B 81 8.69 25.62 9.69
N THR B 82 9.45 26.69 9.92
CA THR B 82 10.78 26.61 10.48
C THR B 82 10.74 26.89 11.98
N ASP B 83 11.65 26.25 12.70
CA ASP B 83 11.74 26.48 14.14
C ASP B 83 12.41 27.83 14.40
N PRO B 84 11.77 28.73 15.16
CA PRO B 84 12.45 30.01 15.44
C PRO B 84 13.68 29.79 16.31
N ASN B 85 14.75 30.53 16.00
CA ASN B 85 16.03 30.37 16.68
C ASN B 85 16.50 28.92 16.54
N PRO B 86 16.93 28.50 15.35
CA PRO B 86 17.28 27.09 15.15
C PRO B 86 18.39 26.63 16.08
N GLN B 87 18.30 25.38 16.50
CA GLN B 87 19.28 24.82 17.43
C GLN B 87 20.65 24.78 16.77
N GLU B 88 21.67 25.15 17.54
CA GLU B 88 23.06 25.21 17.08
C GLU B 88 23.94 24.56 18.13
N MET B 89 24.44 23.36 17.82
CA MET B 89 25.32 22.62 18.73
C MET B 89 26.75 22.84 18.26
N VAL B 90 27.46 23.74 18.92
CA VAL B 90 28.84 24.04 18.55
C VAL B 90 29.71 22.83 18.85
N LEU B 91 30.50 22.42 17.87
CA LEU B 91 31.34 21.22 18.00
C LEU B 91 32.68 21.64 18.59
N GLU B 92 32.88 21.32 19.86
CA GLU B 92 34.09 21.70 20.58
C GLU B 92 35.30 20.99 20.00
N ASN B 93 36.34 21.77 19.67
CA ASN B 93 37.64 21.23 19.25
C ASN B 93 37.51 20.32 18.04
N VAL B 94 36.61 20.65 17.13
CA VAL B 94 36.37 19.88 15.91
C VAL B 94 36.84 20.69 14.72
N THR B 95 37.69 20.08 13.90
CA THR B 95 38.14 20.65 12.64
C THR B 95 37.58 19.80 11.51
N GLU B 96 37.04 20.46 10.49
CA GLU B 96 36.39 19.80 9.37
C GLU B 96 36.84 20.45 8.08
N ASN B 97 36.90 19.66 7.02
CA ASN B 97 37.24 20.16 5.69
C ASN B 97 35.98 20.63 5.00
N PHE B 98 36.03 21.83 4.42
CA PHE B 98 34.95 22.38 3.62
C PHE B 98 35.44 22.59 2.18
N ASN B 99 34.49 22.79 1.28
CA ASN B 99 34.82 23.16 -0.10
C ASN B 99 33.56 23.76 -0.72
N MET B 100 33.52 25.09 -0.80
CA MET B 100 32.32 25.75 -1.31
C MET B 100 32.07 25.36 -2.77
N TRP B 101 33.14 25.26 -3.57
CA TRP B 101 33.00 24.66 -4.88
C TRP B 101 32.95 23.15 -4.75
N LYS B 102 32.40 22.50 -5.76
CA LYS B 102 32.10 21.07 -5.70
C LYS B 102 31.18 20.77 -4.53
N ASN B 103 30.21 21.65 -4.32
CA ASN B 103 29.20 21.51 -3.28
C ASN B 103 27.86 21.21 -3.95
N ASP B 104 27.26 20.06 -3.61
CA ASP B 104 26.02 19.67 -4.25
C ASP B 104 24.84 20.55 -3.87
N MET B 105 24.94 21.27 -2.75
CA MET B 105 23.84 22.15 -2.35
C MET B 105 23.58 23.21 -3.41
N VAL B 106 24.64 23.69 -4.07
CA VAL B 106 24.47 24.66 -5.14
C VAL B 106 23.66 24.05 -6.27
N GLU B 107 23.99 22.82 -6.67
CA GLU B 107 23.25 22.18 -7.74
C GLU B 107 21.79 21.98 -7.35
N GLN B 108 21.55 21.56 -6.11
CA GLN B 108 20.18 21.35 -5.68
C GLN B 108 19.39 22.64 -5.69
N MET B 109 19.98 23.74 -5.21
CA MET B 109 19.25 25.01 -5.23
C MET B 109 19.00 25.47 -6.66
N HIS B 110 20.00 25.32 -7.54
CA HIS B 110 19.83 25.72 -8.93
C HIS B 110 18.69 24.95 -9.59
N GLU B 111 18.67 23.64 -9.40
CA GLU B 111 17.62 22.83 -9.99
C GLU B 111 16.27 23.14 -9.36
N ASP B 112 16.23 23.41 -8.05
CA ASP B 112 14.97 23.76 -7.41
C ASP B 112 14.43 25.07 -7.97
N VAL B 113 15.27 26.07 -8.17
CA VAL B 113 14.81 27.33 -8.71
C VAL B 113 14.30 27.16 -10.14
N ILE B 114 15.04 26.40 -10.95
CA ILE B 114 14.61 26.17 -12.33
C ILE B 114 13.26 25.45 -12.36
N SER B 115 13.13 24.40 -11.55
CA SER B 115 11.90 23.63 -11.55
C SER B 115 10.73 24.47 -11.05
N LEU B 116 10.96 25.29 -10.02
CA LEU B 116 9.89 26.13 -9.51
C LEU B 116 9.43 27.12 -10.55
N TRP B 117 10.37 27.76 -11.25
CA TRP B 117 9.98 28.71 -12.28
C TRP B 117 9.22 28.02 -13.41
N ASP B 118 9.68 26.83 -13.81
CA ASP B 118 9.00 26.11 -14.87
C ASP B 118 7.58 25.73 -14.47
N GLN B 119 7.41 25.26 -13.23
CA GLN B 119 6.07 24.92 -12.75
C GLN B 119 5.18 26.15 -12.69
N SER B 120 5.73 27.28 -12.24
CA SER B 120 4.92 28.49 -12.15
C SER B 120 4.48 28.98 -13.52
N LEU B 121 5.37 28.92 -14.51
CA LEU B 121 5.03 29.39 -15.85
C LEU B 121 4.30 28.34 -16.69
N LYS B 122 4.19 27.10 -16.22
CA LYS B 122 3.53 26.07 -17.02
C LYS B 122 2.06 26.36 -17.29
N PRO B 123 1.22 26.69 -16.32
CA PRO B 123 -0.21 26.89 -16.60
C PRO B 123 -0.59 28.29 -17.07
N CYS B 124 0.35 29.18 -17.34
CA CYS B 124 0.01 30.54 -17.72
C CYS B 124 -0.31 30.60 -19.21
N VAL B 125 -0.58 31.81 -19.71
CA VAL B 125 -1.07 31.98 -21.06
C VAL B 125 0.07 31.84 -22.06
N LYS B 126 -0.22 31.24 -23.21
CA LYS B 126 0.73 31.14 -24.31
C LYS B 126 0.48 32.27 -25.30
N LEU B 127 1.52 33.07 -25.56
CA LEU B 127 1.44 34.16 -26.52
C LEU B 127 1.86 33.73 -27.92
N THR B 128 1.80 32.43 -28.21
CA THR B 128 2.02 31.97 -29.58
C THR B 128 1.09 32.63 -30.59
N PRO B 129 -0.20 32.89 -30.31
CA PRO B 129 -1.02 33.59 -31.29
C PRO B 129 -0.51 34.97 -31.68
N LEU B 130 0.20 35.66 -30.79
CA LEU B 130 0.58 37.04 -31.05
C LEU B 130 1.77 37.18 -31.99
N CYS B 131 2.49 36.10 -32.30
CA CYS B 131 3.64 36.21 -33.21
C CYS B 131 3.10 36.39 -34.61
N VAL B 132 2.83 37.64 -34.97
CA VAL B 132 2.34 38.02 -36.29
C VAL B 132 3.17 39.21 -36.76
N THR B 133 3.00 39.56 -38.04
CA THR B 133 3.77 40.65 -38.61
C THR B 133 3.35 41.97 -37.97
N LEU B 134 4.17 42.46 -37.05
CA LEU B 134 3.88 43.72 -36.39
C LEU B 134 4.24 44.89 -37.30
N GLU B 135 3.52 45.99 -37.15
CA GLU B 135 3.74 47.22 -37.89
C GLU B 135 3.85 48.36 -36.89
N CYS B 136 4.97 49.10 -36.94
CA CYS B 136 5.32 50.03 -35.88
C CYS B 136 5.77 51.37 -36.45
N ARG B 137 5.57 52.42 -35.64
CA ARG B 137 5.95 53.78 -35.98
C ARG B 137 6.55 54.43 -34.75
N GLN B 138 7.04 55.66 -34.91
CA GLN B 138 7.53 56.42 -33.77
C GLN B 138 6.37 56.77 -32.84
N VAL B 139 6.67 56.83 -31.54
CA VAL B 139 5.63 57.17 -30.56
C VAL B 139 5.14 58.60 -30.78
N ASN B 140 6.08 59.54 -30.93
CA ASN B 140 5.77 60.95 -31.16
C ASN B 140 6.16 61.36 -32.57
N GLU B 154 12.73 56.55 -29.33
CA GLU B 154 13.78 55.70 -29.88
C GLU B 154 13.69 54.29 -29.30
N GLU B 155 13.54 54.19 -27.98
CA GLU B 155 13.41 52.89 -27.36
C GLU B 155 12.04 52.27 -27.59
N ILE B 156 10.99 53.08 -27.52
CA ILE B 156 9.61 52.62 -27.63
C ILE B 156 9.16 52.79 -29.06
N LYS B 157 8.23 51.93 -29.49
CA LYS B 157 7.65 51.99 -30.81
C LYS B 157 6.16 51.68 -30.70
N ASN B 158 5.34 52.45 -31.40
CA ASN B 158 3.89 52.26 -31.36
C ASN B 158 3.53 51.19 -32.38
N CYS B 159 3.54 49.94 -31.94
CA CYS B 159 3.30 48.80 -32.81
C CYS B 159 1.82 48.46 -32.82
N SER B 160 1.33 48.07 -34.00
CA SER B 160 -0.04 47.64 -34.19
C SER B 160 -0.05 46.30 -34.91
N PHE B 161 -1.08 45.51 -34.67
CA PHE B 161 -1.16 44.18 -35.26
C PHE B 161 -2.57 43.65 -35.07
N ASN B 162 -2.86 42.55 -35.77
CA ASN B 162 -4.16 41.89 -35.73
C ASN B 162 -4.05 40.65 -34.84
N ALA B 163 -4.52 40.79 -33.61
CA ALA B 163 -4.52 39.68 -32.66
C ALA B 163 -5.80 38.86 -32.82
N THR B 164 -5.76 37.64 -32.32
CA THR B 164 -6.91 36.76 -32.39
C THR B 164 -7.91 37.09 -31.28
N THR B 165 -9.07 36.44 -31.34
CA THR B 165 -10.15 36.62 -30.39
C THR B 165 -10.63 35.25 -29.94
N GLU B 166 -11.58 35.24 -29.00
CA GLU B 166 -12.12 33.97 -28.52
C GLU B 166 -12.82 33.21 -29.65
N LEU B 167 -13.43 33.93 -30.59
CA LEU B 167 -14.00 33.32 -31.78
C LEU B 167 -12.90 33.16 -32.81
N ARG B 168 -12.77 31.96 -33.37
CA ARG B 168 -11.66 31.67 -34.27
C ARG B 168 -11.82 32.33 -35.63
N ASP B 169 -12.99 32.85 -35.97
CA ASP B 169 -13.24 33.49 -37.25
C ASP B 169 -13.21 35.01 -37.18
N LYS B 170 -12.69 35.58 -36.09
CA LYS B 170 -12.68 37.02 -35.87
C LYS B 170 -11.30 37.46 -35.41
N LYS B 171 -10.98 38.71 -35.71
CA LYS B 171 -9.72 39.32 -35.29
C LYS B 171 -9.99 40.74 -34.82
N GLN B 172 -9.12 41.23 -33.94
CA GLN B 172 -9.23 42.55 -33.36
C GLN B 172 -7.93 43.31 -33.55
N LYS B 173 -8.05 44.57 -33.95
CA LYS B 173 -6.88 45.43 -34.10
C LYS B 173 -6.40 45.83 -32.72
N VAL B 174 -5.09 45.71 -32.49
CA VAL B 174 -4.46 45.99 -31.22
C VAL B 174 -3.35 47.00 -31.45
N TYR B 175 -3.28 48.01 -30.59
CA TYR B 175 -2.20 48.98 -30.58
C TYR B 175 -1.45 48.86 -29.26
N ALA B 176 -0.14 48.70 -29.34
CA ALA B 176 0.67 48.46 -28.15
C ALA B 176 2.04 49.10 -28.31
N LEU B 177 2.59 49.55 -27.20
CA LEU B 177 3.93 50.12 -27.15
C LEU B 177 4.91 49.02 -26.76
N PHE B 178 5.74 48.59 -27.70
CA PHE B 178 6.74 47.56 -27.48
C PHE B 178 8.13 48.19 -27.48
N TYR B 179 8.98 47.70 -26.58
CA TYR B 179 10.35 48.19 -26.52
C TYR B 179 11.12 47.71 -27.75
N ARG B 180 12.01 48.56 -28.26
CA ARG B 180 12.76 48.20 -29.45
C ARG B 180 13.65 46.99 -29.23
N LEU B 181 14.05 46.71 -27.99
CA LEU B 181 14.88 45.55 -27.72
C LEU B 181 14.12 44.26 -27.99
N ASP B 182 12.83 44.22 -27.67
CA ASP B 182 12.04 43.01 -27.82
C ASP B 182 11.45 42.84 -29.22
N ILE B 183 11.78 43.73 -30.16
CA ILE B 183 11.18 43.76 -31.48
C ILE B 183 12.29 43.71 -32.51
N VAL B 184 12.15 42.84 -33.49
CA VAL B 184 13.23 42.54 -34.45
C VAL B 184 12.94 43.28 -35.76
N PRO B 185 13.95 43.89 -36.43
CA PRO B 185 13.68 44.57 -37.70
C PRO B 185 13.48 43.58 -38.84
N LEU B 186 12.23 43.15 -39.03
CA LEU B 186 11.92 42.22 -40.11
C LEU B 186 12.30 42.80 -41.47
N GLU B 187 12.00 44.09 -41.69
CA GLU B 187 12.44 44.79 -42.89
C GLU B 187 13.76 45.52 -42.60
N GLU B 188 14.28 46.24 -43.60
CA GLU B 188 15.50 47.01 -43.44
C GLU B 188 15.35 48.17 -42.48
N GLU B 189 14.12 48.52 -42.08
CA GLU B 189 13.87 49.62 -41.15
C GLU B 189 14.23 50.96 -41.78
N ARG B 190 13.80 51.15 -43.03
CA ARG B 190 14.03 52.42 -43.71
C ARG B 190 13.29 53.55 -43.02
N LYS B 191 12.15 53.26 -42.41
CA LYS B 191 11.38 54.23 -41.63
C LYS B 191 10.97 55.43 -42.48
N GLY B 192 10.47 55.16 -43.68
CA GLY B 192 9.86 56.21 -44.48
C GLY B 192 8.69 56.79 -43.71
N ASN B 193 7.69 55.96 -43.47
CA ASN B 193 6.60 56.25 -42.54
C ASN B 193 6.49 55.20 -41.46
N SER B 194 6.47 53.93 -41.83
CA SER B 194 6.34 52.82 -40.92
C SER B 194 7.18 51.66 -41.43
N SER B 195 7.23 50.58 -40.66
CA SER B 195 8.02 49.41 -41.03
C SER B 195 7.45 48.20 -40.32
N LYS B 196 7.78 47.02 -40.85
CA LYS B 196 7.24 45.77 -40.35
C LYS B 196 8.27 45.10 -39.45
N TYR B 197 7.79 44.48 -38.37
CA TYR B 197 8.64 43.81 -37.40
C TYR B 197 7.96 42.53 -36.95
N ARG B 198 8.63 41.79 -36.05
CA ARG B 198 8.05 40.65 -35.36
C ARG B 198 8.55 40.66 -33.93
N LEU B 199 7.89 39.88 -33.08
CA LEU B 199 8.36 39.67 -31.74
C LEU B 199 9.68 38.90 -31.76
N ILE B 200 10.60 39.27 -30.88
CA ILE B 200 11.87 38.56 -30.81
C ILE B 200 11.64 37.16 -30.27
N ASN B 201 12.53 36.24 -30.61
CA ASN B 201 12.53 34.85 -30.18
C ASN B 201 11.33 34.06 -30.70
N CYS B 202 10.51 34.63 -31.57
CA CYS B 202 9.41 33.85 -32.14
C CYS B 202 9.94 32.74 -33.03
N ASN B 203 10.96 33.03 -33.83
CA ASN B 203 11.62 31.96 -34.59
C ASN B 203 12.37 31.00 -33.68
N THR B 204 12.73 31.43 -32.48
CA THR B 204 13.46 30.55 -31.57
C THR B 204 12.52 29.61 -30.83
N SER B 205 11.57 30.16 -30.07
CA SER B 205 10.69 29.33 -29.27
C SER B 205 9.44 30.11 -28.91
N ALA B 206 8.42 29.37 -28.46
CA ALA B 206 7.18 29.98 -28.05
C ALA B 206 7.39 30.84 -26.80
N ILE B 207 6.50 31.80 -26.62
CA ILE B 207 6.60 32.81 -25.56
C ILE B 207 5.44 32.60 -24.60
N THR B 208 5.75 32.55 -23.31
CA THR B 208 4.76 32.33 -22.26
C THR B 208 4.63 33.60 -21.43
N GLN B 209 3.40 34.01 -21.18
CA GLN B 209 3.16 35.16 -20.31
C GLN B 209 3.34 34.73 -18.86
N ALA B 210 4.05 35.54 -18.10
CA ALA B 210 4.10 35.33 -16.66
C ALA B 210 2.73 35.63 -16.06
N CYS B 211 2.24 34.73 -15.22
CA CYS B 211 0.91 34.90 -14.64
C CYS B 211 0.90 36.17 -13.78
N PRO B 212 0.00 37.13 -14.03
CA PRO B 212 0.02 38.35 -13.21
C PRO B 212 -0.37 38.12 -11.77
N LYS B 213 -1.21 37.12 -11.50
CA LYS B 213 -1.67 36.87 -10.14
C LYS B 213 -0.56 36.35 -9.24
N VAL B 214 0.45 35.69 -9.80
CA VAL B 214 1.55 35.10 -9.05
C VAL B 214 2.74 36.04 -9.14
N THR B 215 3.42 36.24 -8.02
CA THR B 215 4.58 37.13 -7.92
C THR B 215 5.83 36.31 -7.63
N PHE B 216 6.95 36.72 -8.23
CA PHE B 216 8.23 36.04 -8.08
C PHE B 216 9.18 36.77 -7.14
N ASP B 217 8.65 37.63 -6.27
CA ASP B 217 9.51 38.36 -5.36
C ASP B 217 10.19 37.40 -4.40
N PRO B 218 11.51 37.51 -4.16
CA PRO B 218 12.17 36.54 -3.30
C PRO B 218 11.81 36.73 -1.84
N ILE B 219 11.88 35.64 -1.09
CA ILE B 219 11.71 35.67 0.37
C ILE B 219 12.78 34.80 0.99
N PRO B 220 13.15 35.05 2.24
CA PRO B 220 14.17 34.20 2.88
C PRO B 220 13.65 32.79 3.07
N ILE B 221 14.28 31.83 2.40
CA ILE B 221 13.91 30.43 2.46
C ILE B 221 15.06 29.64 3.05
N HIS B 222 14.74 28.63 3.85
CA HIS B 222 15.71 27.84 4.58
C HIS B 222 15.74 26.43 4.00
N TYR B 223 16.95 25.91 3.79
CA TYR B 223 17.16 24.54 3.37
C TYR B 223 17.44 23.70 4.60
N CYS B 224 16.73 22.58 4.73
CA CYS B 224 16.83 21.69 5.87
C CYS B 224 17.18 20.29 5.40
N ALA B 225 18.04 19.61 6.15
CA ALA B 225 18.42 18.26 5.80
C ALA B 225 17.35 17.26 6.24
N PRO B 226 17.27 16.10 5.60
CA PRO B 226 16.28 15.10 6.02
C PRO B 226 16.79 14.33 7.24
N ALA B 227 16.04 13.31 7.63
CA ALA B 227 16.41 12.51 8.79
C ALA B 227 17.69 11.74 8.51
N GLY B 228 18.56 11.70 9.52
CA GLY B 228 19.81 10.97 9.44
C GLY B 228 20.98 11.76 8.89
N TYR B 229 20.77 13.00 8.45
CA TYR B 229 21.81 13.84 7.89
C TYR B 229 21.89 15.12 8.71
N ALA B 230 22.95 15.88 8.49
CA ALA B 230 23.17 17.12 9.22
C ALA B 230 23.89 18.12 8.31
N ILE B 231 23.78 19.39 8.66
CA ILE B 231 24.40 20.48 7.93
C ILE B 231 25.41 21.14 8.87
N LEU B 232 26.65 21.24 8.43
CA LEU B 232 27.72 21.83 9.23
C LEU B 232 28.01 23.23 8.72
N LYS B 233 27.99 24.20 9.61
CA LYS B 233 28.20 25.61 9.29
C LYS B 233 29.53 26.07 9.87
N CYS B 234 30.41 26.56 9.01
CA CYS B 234 31.72 27.05 9.44
C CYS B 234 31.58 28.49 9.92
N ASN B 235 31.70 28.69 11.22
CA ASN B 235 31.49 30.00 11.84
C ASN B 235 32.76 30.84 11.93
N ASN B 236 33.88 30.37 11.37
CA ASN B 236 35.14 31.09 11.48
C ASN B 236 35.14 32.28 10.53
N LYS B 237 35.35 33.47 11.08
CA LYS B 237 35.45 34.66 10.26
C LYS B 237 36.69 34.59 9.36
N THR B 238 36.60 35.23 8.21
CA THR B 238 37.74 35.38 7.29
C THR B 238 38.27 34.02 6.85
N PHE B 239 37.36 33.05 6.72
CA PHE B 239 37.69 31.74 6.20
C PHE B 239 37.32 31.68 4.73
N ASN B 240 38.30 31.39 3.89
CA ASN B 240 38.05 31.18 2.47
C ASN B 240 37.72 29.73 2.23
N GLY B 241 36.95 29.47 1.18
CA GLY B 241 36.58 28.11 0.84
C GLY B 241 37.78 27.27 0.47
N THR B 242 37.55 25.96 0.38
CA THR B 242 38.60 24.99 0.08
C THR B 242 39.70 25.03 1.14
N GLY B 243 39.31 24.77 2.38
CA GLY B 243 40.27 24.63 3.45
C GLY B 243 39.60 24.24 4.75
N PRO B 244 40.38 23.75 5.72
CA PRO B 244 39.79 23.35 7.00
C PRO B 244 39.26 24.56 7.76
N CYS B 245 38.24 24.30 8.57
CA CYS B 245 37.60 25.33 9.39
C CYS B 245 37.54 24.85 10.83
N ASN B 246 37.95 25.72 11.76
CA ASN B 246 38.05 25.36 13.16
C ASN B 246 36.78 25.64 13.95
N ASN B 247 36.00 26.64 13.56
CA ASN B 247 34.78 27.02 14.24
C ASN B 247 33.62 26.51 13.38
N VAL B 248 33.11 25.32 13.73
CA VAL B 248 32.03 24.67 13.01
C VAL B 248 30.89 24.40 13.98
N SER B 249 29.69 24.28 13.44
CA SER B 249 28.51 24.03 14.25
C SER B 249 27.48 23.28 13.42
N THR B 250 26.58 22.58 14.10
CA THR B 250 25.58 21.72 13.48
C THR B 250 24.22 22.39 13.55
N VAL B 251 23.52 22.43 12.42
CA VAL B 251 22.19 23.02 12.32
C VAL B 251 21.32 22.14 11.45
N GLN B 252 20.04 22.06 11.81
CA GLN B 252 19.08 21.31 11.03
C GLN B 252 18.65 22.07 9.78
N CYS B 253 18.79 23.40 9.77
CA CYS B 253 18.37 24.22 8.65
C CYS B 253 19.34 25.38 8.48
N THR B 254 19.45 25.87 7.25
CA THR B 254 20.28 27.03 6.96
C THR B 254 19.55 28.32 7.31
N HIS B 255 20.31 29.41 7.36
CA HIS B 255 19.72 30.71 7.58
C HIS B 255 18.91 31.13 6.36
N GLY B 256 18.14 32.20 6.51
CA GLY B 256 17.31 32.68 5.42
C GLY B 256 18.11 33.09 4.21
N ILE B 257 17.84 32.46 3.08
CA ILE B 257 18.53 32.73 1.82
C ILE B 257 17.52 33.30 0.84
N LYS B 258 17.84 34.45 0.26
CA LYS B 258 16.95 35.10 -0.68
C LYS B 258 17.33 34.69 -2.09
N PRO B 259 16.50 33.92 -2.82
CA PRO B 259 16.90 33.54 -4.19
C PRO B 259 16.73 34.68 -5.18
N VAL B 260 17.77 35.51 -5.27
CA VAL B 260 17.77 36.69 -6.12
C VAL B 260 18.44 36.35 -7.44
N VAL B 261 18.02 37.04 -8.50
CA VAL B 261 18.54 36.83 -9.85
C VAL B 261 19.29 38.10 -10.26
N SER B 262 20.59 37.95 -10.53
CA SER B 262 21.40 39.06 -11.00
C SER B 262 22.66 38.51 -11.64
N THR B 263 23.35 39.37 -12.39
CA THR B 263 24.49 38.96 -13.20
C THR B 263 25.81 39.56 -12.76
N GLN B 264 25.81 40.80 -12.28
CA GLN B 264 27.05 41.52 -11.96
C GLN B 264 27.16 41.89 -10.50
N LEU B 265 26.06 42.24 -9.85
CA LEU B 265 26.06 42.67 -8.45
C LEU B 265 25.06 41.83 -7.68
N LEU B 266 25.49 41.32 -6.53
CA LEU B 266 24.61 40.56 -5.65
C LEU B 266 23.77 41.55 -4.84
N LEU B 267 22.51 41.70 -5.22
CA LEU B 267 21.71 42.80 -4.72
C LEU B 267 21.11 42.55 -3.35
N ASN B 268 21.20 41.34 -2.82
CA ASN B 268 20.75 41.07 -1.46
C ASN B 268 21.52 39.88 -0.93
N GLY B 269 21.50 39.73 0.40
CA GLY B 269 22.11 38.61 1.06
C GLY B 269 22.82 39.05 2.31
N SER B 270 23.64 38.15 2.84
CA SER B 270 24.30 38.36 4.12
C SER B 270 25.67 38.96 3.92
N LEU B 271 25.96 40.01 4.67
CA LEU B 271 27.26 40.65 4.65
C LEU B 271 28.28 39.81 5.40
N ALA B 272 29.54 39.94 5.00
CA ALA B 272 30.62 39.19 5.63
C ALA B 272 30.75 39.59 7.09
N GLU B 273 31.22 38.65 7.91
CA GLU B 273 31.32 38.90 9.35
C GLU B 273 32.38 39.94 9.66
N GLY B 274 33.58 39.78 9.09
CA GLY B 274 34.71 40.62 9.42
C GLY B 274 34.99 41.68 8.37
N GLU B 275 36.01 41.43 7.54
CA GLU B 275 36.41 42.35 6.48
C GLU B 275 35.93 41.80 5.14
N ILE B 276 36.23 42.54 4.07
CA ILE B 276 35.91 42.06 2.73
C ILE B 276 36.70 40.79 2.46
N ILE B 277 36.06 39.83 1.78
CA ILE B 277 36.61 38.51 1.55
C ILE B 277 36.59 38.25 0.05
N ILE B 278 37.70 37.71 -0.47
CA ILE B 278 37.83 37.32 -1.87
C ILE B 278 37.80 35.80 -1.93
N ARG B 279 37.05 35.26 -2.89
CA ARG B 279 36.91 33.83 -3.06
C ARG B 279 36.97 33.49 -4.54
N SER B 280 37.68 32.41 -4.87
CA SER B 280 37.75 31.95 -6.25
C SER B 280 38.36 30.56 -6.26
N GLU B 281 37.94 29.75 -7.23
CA GLU B 281 38.35 28.35 -7.26
C GLU B 281 39.85 28.21 -7.44
N ASN B 282 40.44 29.00 -8.33
CA ASN B 282 41.87 28.98 -8.60
C ASN B 282 42.53 30.31 -8.25
N LEU B 283 41.96 31.42 -8.71
CA LEU B 283 42.47 32.78 -8.52
C LEU B 283 43.69 33.06 -9.40
N THR B 284 44.16 32.08 -10.15
CA THR B 284 45.25 32.24 -11.12
C THR B 284 44.81 31.91 -12.53
N ASN B 285 44.00 30.88 -12.70
CA ASN B 285 43.34 30.64 -13.98
C ASN B 285 42.32 31.74 -14.21
N ASN B 286 42.41 32.40 -15.37
CA ASN B 286 41.58 33.56 -15.63
C ASN B 286 40.13 33.19 -15.95
N VAL B 287 39.82 31.91 -16.15
CA VAL B 287 38.43 31.53 -16.44
C VAL B 287 37.60 31.50 -15.17
N LYS B 288 38.19 31.14 -14.04
CA LYS B 288 37.41 31.02 -12.81
C LYS B 288 36.94 32.38 -12.33
N THR B 289 35.64 32.48 -12.06
CA THR B 289 35.05 33.74 -11.62
C THR B 289 35.43 34.01 -10.18
N ILE B 290 35.62 35.29 -9.86
CA ILE B 290 35.97 35.74 -8.52
C ILE B 290 34.71 36.32 -7.88
N ILE B 291 34.47 35.97 -6.62
CA ILE B 291 33.32 36.44 -5.85
C ILE B 291 33.85 37.29 -4.70
N VAL B 292 33.20 38.41 -4.43
CA VAL B 292 33.59 39.35 -3.39
C VAL B 292 32.41 39.53 -2.45
N HIS B 293 32.65 39.31 -1.16
CA HIS B 293 31.65 39.56 -0.12
C HIS B 293 31.98 40.87 0.58
N LEU B 294 31.02 41.77 0.66
CA LEU B 294 31.20 43.05 1.32
C LEU B 294 30.76 42.96 2.78
N ASN B 295 31.55 43.54 3.67
CA ASN B 295 31.19 43.63 5.08
C ASN B 295 30.31 44.84 5.39
N GLU B 296 30.02 45.69 4.39
CA GLU B 296 29.05 46.75 4.54
C GLU B 296 28.30 46.92 3.23
N SER B 297 26.99 47.15 3.32
CA SER B 297 26.15 47.23 2.15
C SER B 297 26.34 48.57 1.44
N VAL B 298 25.93 48.59 0.17
CA VAL B 298 25.91 49.81 -0.64
C VAL B 298 24.50 49.97 -1.18
N GLU B 299 23.86 51.07 -0.80
CA GLU B 299 22.49 51.34 -1.22
C GLU B 299 22.45 51.56 -2.73
N ILE B 300 21.45 50.97 -3.38
CA ILE B 300 21.14 51.27 -4.78
C ILE B 300 19.63 51.39 -4.91
N VAL B 301 19.18 52.45 -5.56
CA VAL B 301 17.76 52.69 -5.82
C VAL B 301 17.58 52.75 -7.32
N CYS B 302 16.73 51.87 -7.85
CA CYS B 302 16.44 51.78 -9.27
C CYS B 302 14.98 52.10 -9.52
N THR B 303 14.72 52.68 -10.69
CA THR B 303 13.37 53.14 -11.00
C THR B 303 13.15 53.11 -12.50
N ARG B 304 11.87 53.11 -12.88
CA ARG B 304 11.42 53.22 -14.27
C ARG B 304 10.47 54.41 -14.34
N PRO B 305 10.96 55.62 -14.60
CA PRO B 305 10.08 56.78 -14.52
C PRO B 305 9.17 56.93 -15.72
N ASN B 306 8.14 56.09 -15.81
CA ASN B 306 7.10 56.21 -16.82
C ASN B 306 5.78 55.84 -16.18
N ASN B 307 4.67 56.29 -16.79
CA ASN B 307 3.36 55.87 -16.30
C ASN B 307 3.03 54.46 -16.73
N ASN B 308 3.10 54.19 -18.03
CA ASN B 308 2.91 52.84 -18.57
C ASN B 308 1.55 52.27 -18.21
N THR B 309 0.51 52.92 -18.75
CA THR B 309 -0.85 52.45 -18.57
C THR B 309 -1.01 51.04 -19.15
N VAL B 310 -1.75 50.19 -18.42
CA VAL B 310 -1.89 48.78 -18.76
C VAL B 310 -3.28 48.56 -19.34
N LYS B 311 -3.35 47.78 -20.41
CA LYS B 311 -4.61 47.36 -21.01
C LYS B 311 -4.55 45.87 -21.28
N SER B 312 -5.73 45.25 -21.30
CA SER B 312 -5.84 43.81 -21.45
C SER B 312 -6.86 43.48 -22.54
N ILE B 313 -6.57 42.40 -23.27
CA ILE B 313 -7.46 41.88 -24.29
C ILE B 313 -7.50 40.37 -24.17
N ARG B 314 -8.56 39.77 -24.69
CA ARG B 314 -8.72 38.33 -24.71
C ARG B 314 -8.26 37.81 -26.07
N ILE B 315 -7.24 36.94 -26.06
CA ILE B 315 -6.72 36.34 -27.29
C ILE B 315 -7.24 34.92 -27.50
N GLY B 316 -7.85 34.30 -26.49
CA GLY B 316 -8.43 33.00 -26.63
C GLY B 316 -9.39 32.72 -25.50
N PRO B 317 -10.04 31.55 -25.52
CA PRO B 317 -10.96 31.20 -24.42
C PRO B 317 -10.26 31.18 -23.07
N GLY B 318 -10.63 32.13 -22.21
CA GLY B 318 -9.99 32.23 -20.91
C GLY B 318 -8.57 32.74 -20.93
N GLN B 319 -8.05 33.17 -22.07
CA GLN B 319 -6.68 33.63 -22.23
C GLN B 319 -6.70 35.15 -22.23
N TRP B 320 -6.00 35.76 -21.28
CA TRP B 320 -5.84 37.21 -21.21
C TRP B 320 -4.41 37.58 -21.53
N PHE B 321 -4.23 38.72 -22.22
CA PHE B 321 -2.93 39.24 -22.58
C PHE B 321 -2.85 40.71 -22.21
N TYR B 322 -1.75 41.10 -21.57
CA TYR B 322 -1.55 42.45 -21.05
C TYR B 322 -0.43 43.14 -21.82
N TYR B 323 -0.62 44.42 -22.11
CA TYR B 323 0.35 45.18 -22.89
C TYR B 323 0.39 46.61 -22.36
N THR B 324 1.32 47.39 -22.88
CA THR B 324 1.65 48.68 -22.30
C THR B 324 0.76 49.81 -22.78
N GLY B 325 -0.18 49.55 -23.68
CA GLY B 325 -1.20 50.52 -24.06
C GLY B 325 -0.64 51.84 -24.54
N ASP B 326 -0.72 52.85 -23.67
CA ASP B 326 -0.14 54.16 -23.92
C ASP B 326 0.51 54.64 -22.63
N ILE B 327 1.11 55.84 -22.69
CA ILE B 327 1.82 56.42 -21.56
C ILE B 327 1.29 57.83 -21.34
N ILE B 328 1.57 58.34 -20.14
CA ILE B 328 1.23 59.70 -19.76
C ILE B 328 2.51 60.37 -19.30
N GLY B 329 2.73 61.60 -19.76
CA GLY B 329 3.95 62.31 -19.46
C GLY B 329 5.06 61.97 -20.43
N ASN B 330 6.25 62.45 -20.11
CA ASN B 330 7.38 62.32 -21.01
C ASN B 330 7.91 60.89 -21.03
N ILE B 331 8.59 60.56 -22.12
CA ILE B 331 9.34 59.31 -22.19
C ILE B 331 10.68 59.55 -21.51
N ARG B 332 10.99 58.74 -20.50
CA ARG B 332 12.21 58.84 -19.73
C ARG B 332 12.80 57.44 -19.57
N GLN B 333 14.13 57.38 -19.53
CA GLN B 333 14.81 56.09 -19.42
C GLN B 333 14.92 55.67 -17.97
N ALA B 334 14.81 54.37 -17.74
CA ALA B 334 15.05 53.83 -16.42
C ALA B 334 16.50 54.03 -16.02
N TYR B 335 16.72 54.25 -14.73
CA TYR B 335 18.06 54.51 -14.22
C TYR B 335 18.15 54.01 -12.79
N CYS B 336 19.38 53.95 -12.28
CA CYS B 336 19.66 53.53 -10.92
C CYS B 336 20.57 54.55 -10.25
N ASN B 337 20.17 55.01 -9.07
CA ASN B 337 20.98 55.90 -8.25
C ASN B 337 21.69 55.07 -7.19
N ILE B 338 23.02 55.17 -7.15
CA ILE B 338 23.85 54.46 -6.20
C ILE B 338 24.78 55.45 -5.53
N LYS B 339 24.92 55.33 -4.21
CA LYS B 339 25.67 56.31 -3.44
C LYS B 339 27.13 56.35 -3.87
N LYS B 340 27.65 57.56 -4.04
CA LYS B 340 28.96 57.75 -4.66
C LYS B 340 30.09 57.49 -3.66
N ASP B 341 30.01 58.09 -2.48
CA ASP B 341 31.10 57.95 -1.51
C ASP B 341 31.26 56.50 -1.07
N ASP B 342 30.15 55.82 -0.77
CA ASP B 342 30.21 54.44 -0.34
C ASP B 342 30.78 53.56 -1.45
N TRP B 343 30.34 53.79 -2.69
CA TRP B 343 30.84 52.99 -3.80
C TRP B 343 32.33 53.18 -3.98
N ILE B 344 32.81 54.43 -3.88
CA ILE B 344 34.23 54.69 -4.07
C ILE B 344 35.04 54.03 -2.96
N ARG B 345 34.59 54.14 -1.72
CA ARG B 345 35.31 53.50 -0.62
C ARG B 345 35.34 51.99 -0.78
N THR B 346 34.21 51.40 -1.17
CA THR B 346 34.16 49.95 -1.33
C THR B 346 35.09 49.49 -2.45
N LEU B 347 35.13 50.24 -3.56
CA LEU B 347 36.04 49.87 -4.63
C LEU B 347 37.49 50.04 -4.21
N GLN B 348 37.80 51.06 -3.41
CA GLN B 348 39.16 51.21 -2.91
C GLN B 348 39.57 50.02 -2.06
N ARG B 349 38.68 49.60 -1.16
CA ARG B 349 38.99 48.47 -0.29
C ARG B 349 39.15 47.19 -1.10
N VAL B 350 38.27 46.97 -2.08
CA VAL B 350 38.37 45.77 -2.91
C VAL B 350 39.66 45.80 -3.71
N GLY B 351 40.06 46.98 -4.19
CA GLY B 351 41.33 47.10 -4.88
C GLY B 351 42.50 46.75 -4.00
N LYS B 352 42.45 47.19 -2.74
CA LYS B 352 43.51 46.82 -1.79
C LYS B 352 43.56 45.31 -1.61
N LYS B 353 42.41 44.66 -1.46
CA LYS B 353 42.40 43.22 -1.25
C LYS B 353 42.95 42.49 -2.47
N LEU B 354 42.54 42.91 -3.68
CA LEU B 354 43.04 42.25 -4.87
C LEU B 354 44.54 42.48 -5.03
N ALA B 355 45.02 43.67 -4.67
CA ALA B 355 46.46 43.92 -4.71
C ALA B 355 47.19 42.98 -3.75
N GLU B 356 46.61 42.74 -2.57
CA GLU B 356 47.22 41.78 -1.66
C GLU B 356 47.27 40.39 -2.28
N HIS B 357 46.19 39.96 -2.92
CA HIS B 357 46.20 38.65 -3.56
C HIS B 357 46.99 38.64 -4.87
N PHE B 358 47.27 39.81 -5.45
CA PHE B 358 48.03 39.94 -6.70
C PHE B 358 49.14 40.96 -6.47
N PRO B 359 50.21 40.59 -5.78
CA PRO B 359 51.24 41.58 -5.43
C PRO B 359 52.00 42.07 -6.66
N ARG B 360 52.55 43.27 -6.54
CA ARG B 360 53.42 43.85 -7.56
C ARG B 360 52.67 44.01 -8.89
N ARG B 361 51.45 44.52 -8.82
CA ARG B 361 50.62 44.74 -9.99
C ARG B 361 49.75 45.96 -9.76
N ILE B 362 49.20 46.47 -10.88
CA ILE B 362 48.22 47.58 -10.78
C ILE B 362 46.83 46.97 -10.92
N ILE B 363 45.98 47.09 -9.90
CA ILE B 363 44.60 46.55 -9.95
C ILE B 363 43.79 47.49 -10.80
N ASN B 364 43.40 47.07 -12.01
CA ASN B 364 42.66 47.97 -12.93
C ASN B 364 41.22 47.47 -13.10
N PHE B 365 40.24 48.32 -12.78
CA PHE B 365 38.81 47.96 -12.96
C PHE B 365 38.34 48.50 -14.31
N THR B 366 37.87 47.62 -15.21
CA THR B 366 37.48 48.05 -16.57
C THR B 366 36.02 47.70 -16.84
N GLN B 367 35.33 48.50 -17.66
CA GLN B 367 33.92 48.18 -18.04
C GLN B 367 33.90 46.78 -18.67
N PRO B 368 32.75 46.08 -18.72
CA PRO B 368 32.73 44.71 -19.21
C PRO B 368 32.98 44.75 -20.71
N ALA B 369 33.70 43.75 -21.20
CA ALA B 369 34.02 43.68 -22.61
C ALA B 369 32.75 43.76 -23.44
N GLY B 370 32.92 44.14 -24.71
CA GLY B 370 31.76 44.26 -25.59
C GLY B 370 31.10 42.92 -25.81
N GLY B 371 29.80 42.96 -26.05
CA GLY B 371 29.05 41.73 -26.27
C GLY B 371 27.56 41.99 -26.22
N ASP B 372 26.81 40.91 -26.06
CA ASP B 372 25.35 41.00 -26.02
C ASP B 372 24.91 41.68 -24.73
N LEU B 373 23.69 42.24 -24.78
CA LEU B 373 23.15 42.90 -23.61
C LEU B 373 22.94 41.93 -22.46
N GLU B 374 22.71 40.66 -22.75
CA GLU B 374 22.45 39.68 -21.71
C GLU B 374 23.68 39.36 -20.87
N ILE B 375 24.87 39.71 -21.35
CA ILE B 375 26.11 39.34 -20.67
C ILE B 375 26.96 40.55 -20.27
N THR B 376 26.67 41.75 -20.77
CA THR B 376 27.47 42.92 -20.47
C THR B 376 26.83 43.84 -19.43
N THR B 377 25.54 43.71 -19.17
CA THR B 377 24.82 44.62 -18.29
C THR B 377 24.52 43.97 -16.94
N HIS B 378 24.29 44.82 -15.93
CA HIS B 378 23.84 44.36 -14.63
C HIS B 378 22.34 44.09 -14.68
N SER B 379 21.96 42.83 -14.74
CA SER B 379 20.56 42.44 -14.84
C SER B 379 19.99 42.22 -13.46
N PHE B 380 18.69 42.49 -13.31
CA PHE B 380 17.95 42.18 -12.10
C PHE B 380 16.48 42.34 -12.38
N ASN B 381 15.65 42.11 -11.36
CA ASN B 381 14.21 41.97 -11.53
C ASN B 381 13.50 42.69 -10.39
N CYS B 382 12.93 43.86 -10.68
CA CYS B 382 12.18 44.65 -9.71
C CYS B 382 10.71 44.61 -10.07
N ARG B 383 9.93 43.93 -9.24
CA ARG B 383 8.47 43.83 -9.41
C ARG B 383 8.13 43.29 -10.79
N GLY B 384 8.87 42.29 -11.24
CA GLY B 384 8.63 41.66 -12.51
C GLY B 384 9.30 42.32 -13.70
N GLU B 385 9.58 43.62 -13.64
CA GLU B 385 10.27 44.28 -14.74
C GLU B 385 11.74 43.88 -14.71
N PHE B 386 12.28 43.56 -15.89
CA PHE B 386 13.65 43.11 -16.03
C PHE B 386 14.51 44.29 -16.49
N PHE B 387 15.42 44.71 -15.64
CA PHE B 387 16.30 45.84 -15.93
C PHE B 387 17.59 45.34 -16.57
N TYR B 388 18.26 46.24 -17.28
CA TYR B 388 19.57 45.97 -17.86
C TYR B 388 20.36 47.27 -17.83
N CYS B 389 21.31 47.38 -16.92
CA CYS B 389 22.07 48.61 -16.68
C CYS B 389 23.47 48.48 -17.24
N ASN B 390 23.97 49.57 -17.82
CA ASN B 390 25.31 49.55 -18.39
C ASN B 390 26.36 49.38 -17.30
N THR B 391 26.30 50.21 -16.25
CA THR B 391 27.23 50.17 -15.13
C THR B 391 28.67 50.41 -15.55
N SER B 392 28.90 51.03 -16.71
CA SER B 392 30.27 51.32 -17.13
C SER B 392 30.92 52.32 -16.18
N SER B 393 30.16 53.33 -15.74
CA SER B 393 30.71 54.36 -14.90
C SER B 393 31.19 53.84 -13.55
N LEU B 394 30.58 52.76 -13.04
CA LEU B 394 30.97 52.25 -11.73
C LEU B 394 32.34 51.63 -11.72
N PHE B 395 32.76 51.00 -12.82
CA PHE B 395 34.05 50.35 -12.94
C PHE B 395 34.87 51.19 -13.92
N ASN B 396 35.44 52.28 -13.40
CA ASN B 396 36.22 53.22 -14.17
C ASN B 396 37.44 53.70 -13.40
N SER B 397 37.86 52.95 -12.38
CA SER B 397 38.81 53.42 -11.39
C SER B 397 40.02 52.51 -11.37
N THR B 398 41.18 53.08 -11.04
CA THR B 398 42.42 52.34 -10.90
C THR B 398 42.96 52.51 -9.48
N TYR B 399 43.24 51.38 -8.82
CA TYR B 399 43.81 51.42 -7.45
C TYR B 399 45.32 51.65 -7.56
N ASN B 400 45.93 52.26 -6.54
CA ASN B 400 47.38 52.58 -6.62
C ASN B 400 48.20 51.54 -5.85
N PRO B 401 49.12 50.80 -6.50
CA PRO B 401 49.99 49.85 -5.81
C PRO B 401 51.17 50.57 -5.14
N ASN B 402 51.40 51.83 -5.48
CA ASN B 402 52.50 52.60 -4.89
C ASN B 402 51.98 53.93 -4.35
N SER B 414 26.34 62.02 -0.17
CA SER B 414 25.62 63.22 -0.58
C SER B 414 25.25 63.13 -2.06
N LEU B 415 26.25 62.89 -2.90
CA LEU B 415 26.07 62.75 -4.33
C LEU B 415 25.77 61.30 -4.69
N ASP B 416 25.23 61.10 -5.88
CA ASP B 416 24.83 59.79 -6.37
C ASP B 416 25.29 59.60 -7.80
N ILE B 417 25.56 58.35 -8.17
CA ILE B 417 25.93 57.97 -9.52
C ILE B 417 24.68 57.43 -10.19
N THR B 418 24.30 58.03 -11.31
CA THR B 418 23.11 57.64 -12.05
C THR B 418 23.53 56.75 -13.21
N ILE B 419 22.99 55.53 -13.24
CA ILE B 419 23.36 54.50 -14.22
C ILE B 419 22.17 54.31 -15.15
N PRO B 420 22.28 54.61 -16.45
CA PRO B 420 21.15 54.37 -17.34
C PRO B 420 20.88 52.88 -17.50
N CYS B 421 19.60 52.53 -17.58
CA CYS B 421 19.17 51.14 -17.65
C CYS B 421 18.05 50.99 -18.66
N ARG B 422 18.12 49.94 -19.46
CA ARG B 422 17.06 49.59 -20.40
C ARG B 422 16.09 48.62 -19.73
N ILE B 423 14.98 48.37 -20.42
CA ILE B 423 13.95 47.45 -19.96
C ILE B 423 13.62 46.49 -21.07
N LYS B 424 13.41 45.22 -20.71
CA LYS B 424 12.96 44.20 -21.64
C LYS B 424 11.76 43.47 -21.05
N GLN B 425 10.86 43.04 -21.93
CA GLN B 425 9.70 42.24 -21.55
C GLN B 425 9.84 40.77 -21.92
N ILE B 426 10.46 40.46 -23.06
CA ILE B 426 10.70 39.09 -23.47
C ILE B 426 12.07 38.68 -22.98
N ILE B 427 12.13 37.57 -22.24
CA ILE B 427 13.33 37.14 -21.54
C ILE B 427 13.66 35.71 -21.94
N ASN B 428 14.95 35.37 -21.86
CA ASN B 428 15.43 34.00 -22.02
C ASN B 428 16.31 33.73 -20.79
N MET B 429 15.71 33.15 -19.75
CA MET B 429 16.37 33.06 -18.46
C MET B 429 17.28 31.85 -18.38
N TRP B 430 18.45 32.05 -17.75
CA TRP B 430 19.42 30.98 -17.52
C TRP B 430 19.97 30.40 -18.83
N GLN B 431 19.96 31.19 -19.90
CA GLN B 431 20.49 30.78 -21.20
C GLN B 431 19.83 29.52 -21.73
N ARG B 432 18.58 29.26 -21.35
CA ARG B 432 17.85 28.10 -21.86
C ARG B 432 17.34 28.43 -23.25
N VAL B 433 18.19 28.20 -24.25
CA VAL B 433 17.78 28.40 -25.62
C VAL B 433 16.68 27.39 -25.94
N GLY B 434 15.60 27.86 -26.55
CA GLY B 434 14.41 27.07 -26.77
C GLY B 434 13.27 27.35 -25.81
N GLN B 435 13.44 28.30 -24.90
CA GLN B 435 12.38 28.71 -23.99
C GLN B 435 12.46 30.22 -23.81
N ALA B 436 11.33 30.82 -23.44
CA ALA B 436 11.27 32.27 -23.23
C ALA B 436 10.04 32.56 -22.38
N MET B 437 9.97 33.80 -21.91
CA MET B 437 8.80 34.24 -21.16
C MET B 437 8.58 35.72 -21.39
N TYR B 438 7.34 36.16 -21.17
CA TYR B 438 6.92 37.54 -21.37
C TYR B 438 6.51 38.12 -20.02
N ALA B 439 7.12 39.25 -19.66
CA ALA B 439 6.84 39.90 -18.39
C ALA B 439 5.80 41.00 -18.61
N PRO B 440 4.58 40.89 -18.08
CA PRO B 440 3.59 41.93 -18.34
C PRO B 440 3.97 43.23 -17.64
N PRO B 441 3.48 44.37 -18.12
CA PRO B 441 3.82 45.65 -17.48
C PRO B 441 2.93 45.96 -16.29
N ILE B 442 3.30 47.01 -15.57
CA ILE B 442 2.63 47.43 -14.35
C ILE B 442 2.35 48.92 -14.43
N GLU B 443 1.15 49.32 -14.03
CA GLU B 443 0.78 50.73 -14.05
C GLU B 443 1.59 51.51 -13.03
N GLY B 444 1.72 52.82 -13.28
CA GLY B 444 2.47 53.68 -12.41
C GLY B 444 3.97 53.51 -12.61
N ASN B 445 4.72 54.43 -12.01
CA ASN B 445 6.17 54.36 -12.09
C ASN B 445 6.69 53.43 -11.00
N ILE B 446 7.63 52.56 -11.37
CA ILE B 446 8.20 51.58 -10.46
C ILE B 446 9.48 52.15 -9.89
N THR B 447 9.70 51.92 -8.60
CA THR B 447 10.96 52.24 -7.95
C THR B 447 11.23 51.18 -6.90
N CYS B 448 12.49 50.75 -6.80
CA CYS B 448 12.89 49.70 -5.89
C CYS B 448 14.26 50.02 -5.31
N LYS B 449 14.52 49.44 -4.14
CA LYS B 449 15.72 49.72 -3.35
C LYS B 449 16.35 48.38 -2.96
N SER B 450 17.67 48.36 -2.89
CA SER B 450 18.37 47.10 -2.58
C SER B 450 19.75 47.41 -2.02
N ASN B 451 20.32 46.40 -1.37
CA ASN B 451 21.62 46.49 -0.71
C ASN B 451 22.63 45.68 -1.52
N ILE B 452 23.50 46.35 -2.27
CA ILE B 452 24.54 45.62 -2.99
C ILE B 452 25.50 45.04 -1.97
N THR B 453 25.44 43.72 -1.79
CA THR B 453 26.28 43.03 -0.81
C THR B 453 27.53 42.40 -1.40
N GLY B 454 27.62 42.27 -2.72
CA GLY B 454 28.76 41.60 -3.31
C GLY B 454 28.92 41.96 -4.76
N LEU B 455 30.04 41.50 -5.33
CA LEU B 455 30.37 41.73 -6.72
C LEU B 455 30.88 40.43 -7.32
N LEU B 456 30.75 40.32 -8.64
CA LEU B 456 31.26 39.19 -9.41
C LEU B 456 32.23 39.73 -10.45
N LEU B 457 33.50 39.39 -10.30
CA LEU B 457 34.58 39.94 -11.11
C LEU B 457 35.29 38.82 -11.85
N VAL B 458 35.62 39.08 -13.11
CA VAL B 458 36.37 38.15 -13.95
C VAL B 458 37.68 38.82 -14.33
N ARG B 459 38.79 38.24 -13.87
CA ARG B 459 40.09 38.77 -14.20
C ARG B 459 40.44 38.38 -15.65
N ASP B 460 40.84 39.37 -16.44
CA ASP B 460 41.10 39.11 -17.85
C ASP B 460 42.27 38.15 -18.02
N GLY B 461 43.33 38.35 -17.25
CA GLY B 461 44.52 37.51 -17.35
C GLY B 461 45.20 37.62 -18.70
N GLU B 464 51.81 40.37 -22.30
CA GLU B 464 50.47 40.09 -21.80
C GLU B 464 49.84 41.35 -21.23
N SER B 465 50.50 41.95 -20.24
CA SER B 465 50.00 43.17 -19.64
C SER B 465 51.16 43.90 -18.99
N ASN B 466 51.05 45.24 -18.96
CA ASN B 466 52.12 46.09 -18.43
C ASN B 466 51.89 46.31 -16.93
N GLU B 467 52.21 45.27 -16.17
CA GLU B 467 52.09 45.30 -14.70
C GLU B 467 50.67 45.63 -14.26
N THR B 468 49.69 45.15 -15.02
CA THR B 468 48.29 45.51 -14.82
C THR B 468 47.44 44.25 -14.84
N GLU B 469 46.51 44.18 -13.89
CA GLU B 469 45.49 43.13 -13.85
C GLU B 469 44.15 43.79 -14.15
N ILE B 470 43.43 43.25 -15.12
CA ILE B 470 42.17 43.81 -15.58
C ILE B 470 41.04 43.00 -14.97
N PHE B 471 40.21 43.65 -14.16
CA PHE B 471 39.04 43.02 -13.55
C PHE B 471 37.79 43.63 -14.15
N ARG B 472 36.91 42.78 -14.66
CA ARG B 472 35.68 43.19 -15.30
C ARG B 472 34.50 42.49 -14.64
N PRO B 473 33.32 43.12 -14.60
CA PRO B 473 32.14 42.38 -14.15
C PRO B 473 31.77 41.28 -15.12
N GLY B 474 31.11 40.25 -14.60
CA GLY B 474 30.71 39.13 -15.42
C GLY B 474 30.13 38.01 -14.58
N GLY B 475 30.52 36.78 -14.86
CA GLY B 475 30.05 35.65 -14.10
C GLY B 475 28.55 35.44 -14.22
N GLY B 476 28.04 35.48 -15.45
CA GLY B 476 26.61 35.37 -15.67
C GLY B 476 26.01 34.05 -15.26
N ASP B 477 26.82 33.02 -15.03
CA ASP B 477 26.30 31.75 -14.54
C ASP B 477 25.64 31.95 -13.18
N MET B 478 24.43 31.43 -13.03
CA MET B 478 23.64 31.75 -11.85
C MET B 478 24.06 30.93 -10.64
N ARG B 479 24.85 29.87 -10.81
CA ARG B 479 25.25 29.07 -9.66
C ARG B 479 26.11 29.87 -8.69
N ASN B 480 26.87 30.85 -9.21
CA ASN B 480 27.76 31.62 -8.36
C ASN B 480 27.00 32.43 -7.32
N ASN B 481 25.83 32.95 -7.70
CA ASN B 481 25.05 33.78 -6.77
C ASN B 481 24.65 33.00 -5.54
N TRP B 482 24.27 31.73 -5.72
CA TRP B 482 23.86 30.91 -4.59
C TRP B 482 25.05 30.27 -3.90
N ARG B 483 26.15 30.05 -4.62
CA ARG B 483 27.35 29.57 -3.94
C ARG B 483 27.87 30.63 -2.98
N SER B 484 27.73 31.91 -3.35
CA SER B 484 28.16 33.00 -2.46
C SER B 484 27.43 32.98 -1.13
N GLU B 485 26.22 32.39 -1.07
CA GLU B 485 25.49 32.24 0.17
C GLU B 485 25.67 30.87 0.82
N LEU B 486 25.89 29.82 0.05
CA LEU B 486 25.98 28.46 0.57
C LEU B 486 27.42 28.02 0.85
N TYR B 487 28.40 28.93 0.71
CA TYR B 487 29.78 28.54 0.96
C TYR B 487 30.00 28.03 2.39
N LYS B 488 29.22 28.52 3.34
CA LYS B 488 29.45 28.14 4.73
C LYS B 488 29.06 26.69 5.02
N TYR B 489 28.16 26.12 4.23
CA TYR B 489 27.46 24.91 4.62
C TYR B 489 28.00 23.69 3.91
N LYS B 490 27.88 22.54 4.57
CA LYS B 490 28.25 21.24 4.02
C LYS B 490 27.31 20.20 4.60
N VAL B 491 26.85 19.29 3.74
CA VAL B 491 25.90 18.25 4.14
C VAL B 491 26.67 16.97 4.43
N VAL B 492 26.35 16.32 5.55
CA VAL B 492 27.01 15.10 5.98
C VAL B 492 25.97 14.11 6.47
N GLU B 493 26.30 12.83 6.31
CA GLU B 493 25.47 11.73 6.77
C GLU B 493 26.12 11.11 8.01
N ILE B 494 25.29 10.79 9.00
CA ILE B 494 25.79 10.21 10.24
C ILE B 494 25.87 8.69 10.08
N LYS B 495 27.00 8.12 10.49
CA LYS B 495 27.22 6.68 10.48
C LYS B 495 27.27 6.18 11.92
N PRO B 496 26.12 5.93 12.57
CA PRO B 496 26.13 5.72 14.02
C PRO B 496 26.86 4.47 14.47
N LEU B 497 27.02 3.46 13.63
CA LEU B 497 27.59 2.19 14.06
C LEU B 497 29.11 2.30 14.09
N GLY B 498 29.71 1.87 15.22
CA GLY B 498 31.15 1.98 15.39
C GLY B 498 31.67 0.94 16.34
N ILE B 499 33.00 0.73 16.26
CA ILE B 499 33.68 -0.37 16.91
C ILE B 499 34.91 0.18 17.62
N ALA B 500 35.21 -0.35 18.81
CA ALA B 500 36.41 0.02 19.54
C ALA B 500 36.74 -1.08 20.52
N PRO B 501 38.00 -1.19 20.95
CA PRO B 501 38.35 -2.20 21.96
C PRO B 501 37.99 -1.74 23.36
N THR B 502 38.07 -2.69 24.29
CA THR B 502 37.77 -2.41 25.69
C THR B 502 38.39 -3.51 26.55
N ARG B 503 37.96 -3.58 27.81
CA ARG B 503 38.50 -4.50 28.79
C ARG B 503 37.48 -5.53 29.29
N CYS B 504 36.63 -6.06 28.41
CA CYS B 504 35.61 -7.00 28.84
C CYS B 504 35.24 -7.96 27.73
N LYS B 505 35.14 -9.24 28.06
CA LYS B 505 34.72 -10.29 27.15
C LYS B 505 33.22 -10.54 27.28
N ARG B 506 32.63 -11.03 26.19
CA ARG B 506 31.18 -11.20 26.13
C ARG B 506 30.70 -12.25 27.12
N ARG B 507 31.45 -13.33 27.29
CA ARG B 507 30.99 -14.50 28.03
C ARG B 507 29.68 -15.03 27.45
N LEU C 39 1.85 -1.71 41.08
CA LEU C 39 3.04 -1.48 41.89
C LEU C 39 4.30 -1.35 41.04
N TRP C 40 4.25 -1.78 39.78
CA TRP C 40 5.38 -1.64 38.86
C TRP C 40 4.86 -1.43 37.45
N VAL C 41 5.57 -0.62 36.68
CA VAL C 41 5.16 -0.32 35.31
C VAL C 41 5.28 -1.58 34.47
N THR C 42 4.38 -1.73 33.49
CA THR C 42 4.41 -2.85 32.57
C THR C 42 3.95 -2.37 31.21
N VAL C 43 4.60 -2.87 30.16
CA VAL C 43 4.33 -2.46 28.79
C VAL C 43 3.52 -3.56 28.12
N TYR C 44 2.40 -3.17 27.51
CA TYR C 44 1.56 -4.07 26.74
C TYR C 44 1.60 -3.69 25.27
N TYR C 45 1.56 -4.70 24.41
CA TYR C 45 1.45 -4.52 22.97
C TYR C 45 0.13 -5.10 22.52
N GLY C 46 -0.46 -4.53 21.48
CA GLY C 46 -1.78 -4.95 21.05
C GLY C 46 -2.91 -4.42 21.89
N VAL C 47 -2.69 -3.34 22.63
CA VAL C 47 -3.76 -2.77 23.46
C VAL C 47 -4.87 -2.25 22.56
N PRO C 48 -6.16 -2.48 22.88
CA PRO C 48 -7.22 -1.90 22.02
C PRO C 48 -7.52 -0.44 22.32
N VAL C 49 -6.66 0.44 21.82
CA VAL C 49 -6.79 1.89 21.97
C VAL C 49 -6.64 2.52 20.59
N TRP C 50 -7.47 3.52 20.30
CA TRP C 50 -7.45 4.22 19.04
C TRP C 50 -7.53 5.72 19.27
N LYS C 51 -7.17 6.46 18.23
CA LYS C 51 -7.24 7.91 18.23
C LYS C 51 -7.79 8.37 16.88
N ASP C 52 -8.42 9.54 16.88
CA ASP C 52 -8.90 10.12 15.64
C ASP C 52 -7.74 10.44 14.73
N ALA C 53 -7.89 10.18 13.43
CA ALA C 53 -6.83 10.44 12.48
C ALA C 53 -7.42 10.53 11.09
N GLU C 54 -6.64 11.12 10.19
CA GLU C 54 -7.03 11.34 8.80
C GLU C 54 -6.01 10.68 7.89
N THR C 55 -6.49 9.92 6.92
CA THR C 55 -5.61 9.17 6.03
C THR C 55 -6.32 8.89 4.72
N THR C 56 -5.54 8.51 3.72
CA THR C 56 -6.10 8.15 2.43
C THR C 56 -6.88 6.85 2.55
N LEU C 57 -7.99 6.76 1.80
CA LEU C 57 -8.87 5.61 1.82
C LEU C 57 -8.92 4.99 0.42
N PHE C 58 -8.75 3.68 0.35
CA PHE C 58 -8.90 2.98 -0.91
C PHE C 58 -10.35 2.98 -1.36
N CYS C 59 -10.54 2.90 -2.67
CA CYS C 59 -11.85 2.69 -3.27
C CYS C 59 -11.91 1.27 -3.80
N ALA C 60 -13.00 0.56 -3.50
CA ALA C 60 -13.15 -0.83 -3.88
C ALA C 60 -14.56 -1.05 -4.41
N SER C 61 -14.65 -1.79 -5.51
CA SER C 61 -15.91 -2.11 -6.15
C SER C 61 -16.38 -3.51 -5.74
N ASP C 62 -17.57 -3.86 -6.21
CA ASP C 62 -18.16 -5.15 -5.87
C ASP C 62 -17.32 -6.28 -6.43
N ALA C 63 -17.34 -7.42 -5.74
CA ALA C 63 -16.52 -8.56 -6.14
C ALA C 63 -16.95 -9.04 -7.51
N LYS C 64 -16.14 -8.74 -8.51
CA LYS C 64 -16.32 -8.96 -9.94
C LYS C 64 -17.31 -7.96 -10.56
N ALA C 65 -18.07 -7.20 -9.75
CA ALA C 65 -18.94 -6.12 -10.20
C ALA C 65 -19.94 -6.56 -11.29
N TYR C 66 -20.18 -7.87 -11.43
CA TYR C 66 -21.09 -8.42 -12.44
C TYR C 66 -20.86 -7.83 -13.83
N GLU C 67 -19.60 -7.56 -14.18
CA GLU C 67 -19.34 -6.79 -15.39
C GLU C 67 -17.87 -6.94 -15.78
N LYS C 68 -17.63 -6.89 -17.09
CA LYS C 68 -16.28 -6.87 -17.64
C LYS C 68 -16.27 -5.94 -18.84
N GLU C 69 -15.19 -5.17 -18.99
CA GLU C 69 -15.05 -4.20 -20.06
C GLU C 69 -16.22 -3.21 -20.04
N LYS C 70 -16.60 -2.78 -18.84
CA LYS C 70 -17.77 -1.91 -18.69
C LYS C 70 -17.53 -0.55 -19.32
N ARG C 71 -16.27 -0.12 -19.44
CA ARG C 71 -15.94 1.22 -19.95
C ARG C 71 -16.57 2.31 -19.09
N ASN C 72 -16.57 2.08 -17.78
CA ASN C 72 -17.14 3.00 -16.80
C ASN C 72 -16.02 3.63 -15.98
N VAL C 73 -16.16 4.91 -15.66
CA VAL C 73 -15.13 5.59 -14.88
C VAL C 73 -15.02 4.98 -13.50
N TRP C 74 -16.15 4.72 -12.85
CA TRP C 74 -16.12 4.17 -11.50
C TRP C 74 -15.61 2.73 -11.51
N ALA C 75 -15.76 2.03 -12.63
CA ALA C 75 -15.25 0.67 -12.73
C ALA C 75 -13.78 0.65 -13.08
N THR C 76 -13.33 1.57 -13.94
CA THR C 76 -11.92 1.63 -14.30
C THR C 76 -11.07 1.91 -13.07
N HIS C 77 -11.41 2.97 -12.34
CA HIS C 77 -10.92 3.17 -10.99
C HIS C 77 -11.65 2.19 -10.06
N CYS C 78 -11.19 2.11 -8.81
CA CYS C 78 -11.81 1.26 -7.81
C CYS C 78 -11.79 -0.21 -8.25
N CYS C 79 -10.69 -0.61 -8.89
CA CYS C 79 -10.58 -1.98 -9.36
C CYS C 79 -10.40 -2.99 -8.23
N VAL C 80 -10.09 -2.53 -7.02
CA VAL C 80 -9.87 -3.46 -5.91
C VAL C 80 -11.19 -4.16 -5.59
N PRO C 81 -11.26 -5.50 -5.59
CA PRO C 81 -12.54 -6.15 -5.27
C PRO C 81 -12.77 -6.20 -3.77
N THR C 82 -13.99 -5.85 -3.37
CA THR C 82 -14.34 -5.89 -1.96
C THR C 82 -14.36 -7.32 -1.45
N ASP C 83 -14.37 -7.45 -0.14
CA ASP C 83 -14.44 -8.78 0.48
C ASP C 83 -15.87 -9.31 0.40
N PRO C 84 -16.13 -10.46 -0.22
CA PRO C 84 -17.46 -11.06 -0.09
C PRO C 84 -17.72 -11.45 1.35
N ASN C 85 -18.95 -11.20 1.82
CA ASN C 85 -19.32 -11.41 3.21
C ASN C 85 -18.39 -10.59 4.10
N PRO C 86 -18.46 -9.25 4.05
CA PRO C 86 -17.50 -8.44 4.81
C PRO C 86 -17.62 -8.66 6.30
N GLN C 87 -16.49 -8.62 6.98
CA GLN C 87 -16.47 -8.75 8.43
C GLN C 87 -17.01 -7.48 9.07
N GLU C 88 -17.76 -7.65 10.15
CA GLU C 88 -18.20 -6.56 11.00
C GLU C 88 -18.27 -7.06 12.43
N MET C 89 -17.76 -6.26 13.36
CA MET C 89 -17.68 -6.63 14.77
C MET C 89 -18.32 -5.54 15.61
N VAL C 90 -19.08 -5.95 16.61
CA VAL C 90 -19.83 -5.02 17.46
C VAL C 90 -19.05 -4.79 18.74
N LEU C 91 -18.79 -3.53 19.06
CA LEU C 91 -18.07 -3.15 20.28
C LEU C 91 -19.09 -2.94 21.38
N GLU C 92 -19.19 -3.90 22.28
CA GLU C 92 -20.18 -3.83 23.35
C GLU C 92 -19.76 -2.80 24.39
N ASN C 93 -20.72 -1.95 24.79
CA ASN C 93 -20.50 -0.96 25.84
C ASN C 93 -19.39 0.01 25.49
N VAL C 94 -19.48 0.61 24.30
CA VAL C 94 -18.51 1.59 23.82
C VAL C 94 -19.27 2.78 23.27
N THR C 95 -18.86 3.98 23.68
CA THR C 95 -19.45 5.24 23.24
C THR C 95 -18.38 6.08 22.57
N GLU C 96 -18.71 6.62 21.40
CA GLU C 96 -17.78 7.39 20.59
C GLU C 96 -18.44 8.69 20.14
N ASN C 97 -17.68 9.77 20.15
CA ASN C 97 -18.19 11.07 19.74
C ASN C 97 -18.01 11.23 18.23
N PHE C 98 -19.05 10.90 17.49
CA PHE C 98 -19.06 11.12 16.05
C PHE C 98 -19.36 12.57 15.75
N ASN C 99 -19.07 12.98 14.50
CA ASN C 99 -19.44 14.31 14.04
C ASN C 99 -19.41 14.28 12.52
N MET C 100 -20.59 14.16 11.90
CA MET C 100 -20.65 14.05 10.45
C MET C 100 -20.11 15.31 9.77
N TRP C 101 -20.31 16.47 10.38
CA TRP C 101 -19.62 17.66 9.94
C TRP C 101 -18.19 17.66 10.47
N LYS C 102 -17.31 18.37 9.78
CA LYS C 102 -15.88 18.30 10.05
C LYS C 102 -15.39 16.85 9.94
N ASN C 103 -15.86 16.15 8.92
CA ASN C 103 -15.44 14.79 8.60
C ASN C 103 -14.55 14.85 7.36
N ASP C 104 -13.34 14.32 7.49
CA ASP C 104 -12.39 14.35 6.38
C ASP C 104 -12.77 13.37 5.27
N MET C 105 -13.54 12.33 5.58
CA MET C 105 -13.95 11.38 4.54
C MET C 105 -14.74 12.09 3.45
N VAL C 106 -15.55 13.08 3.83
CA VAL C 106 -16.31 13.83 2.85
C VAL C 106 -15.37 14.57 1.91
N GLU C 107 -14.33 15.21 2.46
CA GLU C 107 -13.38 15.92 1.62
C GLU C 107 -12.63 14.96 0.70
N GLN C 108 -12.24 13.80 1.23
CA GLN C 108 -11.56 12.82 0.38
C GLN C 108 -12.46 12.37 -0.75
N MET C 109 -13.73 12.09 -0.47
CA MET C 109 -14.63 11.65 -1.52
C MET C 109 -14.87 12.75 -2.55
N HIS C 110 -15.04 13.99 -2.09
CA HIS C 110 -15.25 15.10 -2.99
C HIS C 110 -14.07 15.25 -3.95
N GLU C 111 -12.85 15.22 -3.39
CA GLU C 111 -11.67 15.34 -4.22
C GLU C 111 -11.52 14.16 -5.17
N ASP C 112 -11.84 12.95 -4.70
CA ASP C 112 -11.76 11.78 -5.58
C ASP C 112 -12.73 11.91 -6.74
N VAL C 113 -13.95 12.37 -6.48
CA VAL C 113 -14.93 12.50 -7.55
C VAL C 113 -14.46 13.53 -8.58
N ILE C 114 -13.96 14.67 -8.11
CA ILE C 114 -13.48 15.68 -9.05
C ILE C 114 -12.31 15.14 -9.87
N SER C 115 -11.38 14.45 -9.21
CA SER C 115 -10.23 13.92 -9.92
C SER C 115 -10.64 12.87 -10.95
N LEU C 116 -11.61 12.03 -10.60
CA LEU C 116 -12.10 11.03 -11.54
C LEU C 116 -12.69 11.70 -12.78
N TRP C 117 -13.53 12.71 -12.56
CA TRP C 117 -14.14 13.37 -13.71
C TRP C 117 -13.09 14.07 -14.57
N ASP C 118 -12.11 14.72 -13.95
CA ASP C 118 -11.07 15.38 -14.73
C ASP C 118 -10.26 14.38 -15.54
N GLN C 119 -9.90 13.24 -14.93
CA GLN C 119 -9.15 12.22 -15.65
C GLN C 119 -9.96 11.65 -16.80
N SER C 120 -11.25 11.42 -16.58
CA SER C 120 -12.09 10.90 -17.65
C SER C 120 -12.20 11.88 -18.81
N LEU C 121 -12.39 13.16 -18.52
CA LEU C 121 -12.56 14.14 -19.58
C LEU C 121 -11.25 14.52 -20.26
N LYS C 122 -10.11 14.29 -19.61
CA LYS C 122 -8.85 14.78 -20.15
C LYS C 122 -8.50 14.20 -21.51
N PRO C 123 -8.53 12.89 -21.74
CA PRO C 123 -8.26 12.34 -23.08
C PRO C 123 -9.52 12.23 -23.94
N CYS C 124 -10.12 13.37 -24.25
CA CYS C 124 -11.32 13.42 -25.08
C CYS C 124 -11.23 14.62 -26.01
N VAL C 125 -12.22 14.72 -26.89
CA VAL C 125 -12.16 15.70 -27.97
C VAL C 125 -12.32 17.10 -27.41
N LYS C 126 -11.48 18.02 -27.88
CA LYS C 126 -11.60 19.44 -27.57
C LYS C 126 -12.46 20.11 -28.62
N LEU C 127 -13.40 20.94 -28.17
CA LEU C 127 -14.29 21.69 -29.06
C LEU C 127 -13.87 23.14 -29.19
N THR C 128 -12.60 23.45 -29.02
CA THR C 128 -12.12 24.78 -29.39
C THR C 128 -12.41 25.15 -30.83
N PRO C 129 -12.28 24.26 -31.83
CA PRO C 129 -12.61 24.67 -33.20
C PRO C 129 -14.04 25.14 -33.40
N LEU C 130 -14.99 24.64 -32.63
CA LEU C 130 -16.40 24.91 -32.89
C LEU C 130 -16.89 26.23 -32.31
N CYS C 131 -16.11 26.90 -31.47
CA CYS C 131 -16.53 28.20 -30.97
C CYS C 131 -16.38 29.21 -32.10
N VAL C 132 -17.44 29.32 -32.90
CA VAL C 132 -17.48 30.21 -34.05
C VAL C 132 -18.83 30.89 -34.11
N THR C 133 -18.94 31.89 -34.99
CA THR C 133 -20.16 32.66 -35.13
C THR C 133 -21.27 31.79 -35.71
N LEU C 134 -22.21 31.38 -34.88
CA LEU C 134 -23.32 30.55 -35.32
C LEU C 134 -24.48 31.42 -35.78
N GLU C 135 -25.03 31.11 -36.95
CA GLU C 135 -26.23 31.76 -37.48
C GLU C 135 -27.41 30.82 -37.25
N CYS C 136 -28.24 31.16 -36.27
CA CYS C 136 -29.36 30.32 -35.86
C CYS C 136 -30.68 30.97 -36.23
N ARG C 137 -31.67 30.15 -36.57
CA ARG C 137 -32.99 30.60 -36.95
C ARG C 137 -34.01 29.69 -36.27
N GLN C 138 -35.29 30.04 -36.42
CA GLN C 138 -36.35 29.24 -35.82
C GLN C 138 -36.40 27.86 -36.43
N VAL C 139 -36.75 26.87 -35.60
CA VAL C 139 -36.81 25.48 -36.08
C VAL C 139 -37.91 25.35 -37.11
N ASN C 140 -37.64 24.58 -38.17
CA ASN C 140 -38.61 24.35 -39.24
C ASN C 140 -39.66 23.34 -38.77
N THR C 141 -40.52 23.81 -37.87
CA THR C 141 -41.60 23.01 -37.33
C THR C 141 -42.87 23.20 -38.16
N THR C 142 -43.74 22.19 -38.10
CA THR C 142 -44.99 22.19 -38.86
C THR C 142 -46.17 21.90 -37.93
N GLU C 154 -39.25 29.62 -27.47
CA GLU C 154 -38.38 29.05 -28.51
C GLU C 154 -37.22 28.30 -27.86
N GLU C 155 -37.46 27.04 -27.51
CA GLU C 155 -36.47 26.28 -26.75
C GLU C 155 -35.24 25.96 -27.60
N ILE C 156 -35.46 25.44 -28.80
CA ILE C 156 -34.39 24.94 -29.67
C ILE C 156 -34.29 25.85 -30.87
N LYS C 157 -33.10 25.96 -31.44
CA LYS C 157 -32.85 26.74 -32.64
C LYS C 157 -31.98 25.95 -33.59
N ASN C 158 -32.19 26.17 -34.89
CA ASN C 158 -31.45 25.48 -35.93
C ASN C 158 -30.24 26.33 -36.32
N CYS C 159 -29.06 25.91 -35.85
CA CYS C 159 -27.83 26.69 -35.99
C CYS C 159 -26.95 26.07 -37.07
N SER C 160 -26.37 26.91 -37.91
CA SER C 160 -25.41 26.52 -38.93
C SER C 160 -24.09 27.23 -38.69
N PHE C 161 -22.99 26.55 -39.01
CA PHE C 161 -21.67 27.12 -38.79
C PHE C 161 -20.67 26.38 -39.67
N ASN C 162 -19.49 26.99 -39.81
CA ASN C 162 -18.38 26.43 -40.57
C ASN C 162 -17.40 25.79 -39.59
N ALA C 163 -17.43 24.47 -39.49
CA ALA C 163 -16.51 23.72 -38.66
C ALA C 163 -15.28 23.31 -39.46
N THR C 164 -14.20 23.00 -38.76
CA THR C 164 -12.96 22.61 -39.40
C THR C 164 -12.99 21.14 -39.78
N THR C 165 -11.99 20.73 -40.56
CA THR C 165 -11.81 19.34 -41.00
C THR C 165 -10.38 18.93 -40.72
N GLU C 166 -10.08 17.67 -41.04
CA GLU C 166 -8.70 17.20 -40.91
C GLU C 166 -7.76 18.01 -41.80
N LEU C 167 -8.21 18.44 -42.97
CA LEU C 167 -7.43 19.31 -43.83
C LEU C 167 -7.64 20.75 -43.38
N ARG C 168 -6.53 21.46 -43.17
CA ARG C 168 -6.63 22.82 -42.67
C ARG C 168 -7.30 23.74 -43.69
N ASP C 169 -6.97 23.60 -44.96
CA ASP C 169 -7.50 24.52 -45.96
C ASP C 169 -9.01 24.37 -46.15
N LYS C 170 -9.57 23.20 -45.90
CA LYS C 170 -10.99 22.96 -46.10
C LYS C 170 -11.76 23.35 -44.84
N LYS C 171 -12.99 23.82 -45.04
CA LYS C 171 -13.95 24.04 -43.96
C LYS C 171 -15.25 23.37 -44.31
N GLN C 172 -15.96 22.91 -43.29
CA GLN C 172 -17.15 22.07 -43.44
C GLN C 172 -18.38 22.84 -43.00
N LYS C 173 -19.38 22.91 -43.87
CA LYS C 173 -20.65 23.50 -43.50
C LYS C 173 -21.45 22.48 -42.70
N VAL C 174 -21.91 22.89 -41.53
CA VAL C 174 -22.61 22.01 -40.59
C VAL C 174 -23.92 22.67 -40.22
N TYR C 175 -24.93 21.84 -39.97
CA TYR C 175 -26.21 22.29 -39.43
C TYR C 175 -26.52 21.44 -38.20
N ALA C 176 -26.87 22.09 -37.10
CA ALA C 176 -27.06 21.39 -35.84
C ALA C 176 -28.12 22.11 -35.02
N LEU C 177 -28.81 21.35 -34.17
CA LEU C 177 -29.81 21.89 -33.27
C LEU C 177 -29.18 22.05 -31.88
N PHE C 178 -29.16 23.27 -31.39
CA PHE C 178 -28.68 23.59 -30.06
C PHE C 178 -29.83 24.09 -29.21
N TYR C 179 -29.88 23.67 -27.96
CA TYR C 179 -30.85 24.24 -27.03
C TYR C 179 -30.51 25.70 -26.81
N ARG C 180 -31.54 26.51 -26.58
CA ARG C 180 -31.32 27.95 -26.42
C ARG C 180 -30.49 28.26 -25.19
N LEU C 181 -30.53 27.39 -24.18
CA LEU C 181 -29.74 27.64 -22.97
C LEU C 181 -28.25 27.64 -23.25
N ASP C 182 -27.80 26.78 -24.16
CA ASP C 182 -26.38 26.60 -24.43
C ASP C 182 -25.83 27.60 -25.43
N ILE C 183 -26.49 28.74 -25.63
CA ILE C 183 -26.12 29.70 -26.65
C ILE C 183 -26.38 31.11 -26.11
N VAL C 184 -25.51 32.04 -26.50
CA VAL C 184 -25.59 33.44 -26.10
C VAL C 184 -25.66 34.27 -27.38
N PRO C 185 -26.54 35.27 -27.48
CA PRO C 185 -26.64 36.03 -28.73
C PRO C 185 -25.57 37.09 -28.89
N LEU C 186 -25.27 37.39 -30.15
CA LEU C 186 -24.46 38.53 -30.54
C LEU C 186 -25.27 39.61 -31.23
N GLU C 187 -26.35 39.23 -31.91
CA GLU C 187 -27.30 40.15 -32.50
C GLU C 187 -28.68 39.85 -31.96
N GLU C 188 -29.46 40.90 -31.74
CA GLU C 188 -30.84 40.73 -31.32
C GLU C 188 -31.67 40.23 -32.50
N GLU C 189 -32.72 39.47 -32.19
CA GLU C 189 -33.51 38.82 -33.23
C GLU C 189 -34.16 39.85 -34.14
N ARG C 190 -34.22 39.54 -35.44
CA ARG C 190 -34.77 40.44 -36.44
C ARG C 190 -35.53 39.63 -37.48
N LYS C 191 -36.81 39.95 -37.66
CA LYS C 191 -37.66 39.46 -38.74
C LYS C 191 -37.94 37.97 -38.67
N GLY C 192 -37.53 37.28 -37.61
CA GLY C 192 -37.64 35.84 -37.56
C GLY C 192 -36.64 35.10 -38.42
N ASN C 193 -35.73 35.81 -39.08
CA ASN C 193 -34.70 35.19 -39.91
C ASN C 193 -33.49 34.88 -39.04
N SER C 194 -32.37 34.54 -39.67
CA SER C 194 -31.19 34.14 -38.93
C SER C 194 -30.54 35.34 -38.24
N SER C 195 -29.84 35.06 -37.14
CA SER C 195 -29.05 36.04 -36.44
C SER C 195 -27.86 35.33 -35.82
N LYS C 196 -26.82 36.09 -35.50
CA LYS C 196 -25.57 35.52 -35.05
C LYS C 196 -25.68 35.04 -33.61
N TYR C 197 -24.93 33.99 -33.29
CA TYR C 197 -24.92 33.41 -31.96
C TYR C 197 -23.58 32.73 -31.74
N ARG C 198 -23.29 32.40 -30.48
CA ARG C 198 -22.12 31.61 -30.13
C ARG C 198 -22.50 30.57 -29.09
N LEU C 199 -21.62 29.60 -28.89
CA LEU C 199 -21.77 28.69 -27.76
C LEU C 199 -21.50 29.44 -26.47
N ILE C 200 -22.31 29.16 -25.45
CA ILE C 200 -22.09 29.75 -24.13
C ILE C 200 -20.78 29.21 -23.57
N ASN C 201 -20.20 29.96 -22.63
CA ASN C 201 -18.98 29.59 -21.92
C ASN C 201 -17.75 29.53 -22.82
N CYS C 202 -17.85 29.96 -24.07
CA CYS C 202 -16.64 30.02 -24.90
C CYS C 202 -15.74 31.17 -24.48
N ASN C 203 -16.31 32.31 -24.12
CA ASN C 203 -15.48 33.42 -23.67
C ASN C 203 -14.81 33.16 -22.34
N THR C 204 -15.34 32.25 -21.53
CA THR C 204 -14.76 31.97 -20.23
C THR C 204 -13.67 30.90 -20.30
N SER C 205 -13.97 29.76 -20.91
CA SER C 205 -12.98 28.69 -21.00
C SER C 205 -13.33 27.77 -22.15
N ALA C 206 -12.35 26.94 -22.53
CA ALA C 206 -12.56 25.96 -23.58
C ALA C 206 -13.57 24.91 -23.13
N ILE C 207 -14.01 24.10 -24.08
CA ILE C 207 -15.02 23.07 -23.86
C ILE C 207 -14.44 21.73 -24.27
N THR C 208 -14.63 20.72 -23.43
CA THR C 208 -14.13 19.38 -23.67
C THR C 208 -15.30 18.43 -23.82
N GLN C 209 -15.48 17.88 -25.03
CA GLN C 209 -16.53 16.89 -25.22
C GLN C 209 -16.26 15.67 -24.35
N ALA C 210 -17.30 15.15 -23.74
CA ALA C 210 -17.18 13.88 -23.04
C ALA C 210 -17.03 12.76 -24.05
N CYS C 211 -16.11 11.85 -23.78
CA CYS C 211 -15.91 10.71 -24.66
C CYS C 211 -17.19 9.87 -24.69
N PRO C 212 -17.75 9.57 -25.87
CA PRO C 212 -19.01 8.82 -25.88
C PRO C 212 -18.87 7.39 -25.43
N LYS C 213 -17.67 6.81 -25.53
CA LYS C 213 -17.47 5.43 -25.15
C LYS C 213 -17.44 5.22 -23.64
N VAL C 214 -17.18 6.26 -22.87
CA VAL C 214 -17.08 6.18 -21.42
C VAL C 214 -18.43 6.55 -20.83
N THR C 215 -18.84 5.83 -19.78
CA THR C 215 -20.12 6.02 -19.13
C THR C 215 -19.90 6.36 -17.66
N PHE C 216 -20.73 7.27 -17.15
CA PHE C 216 -20.68 7.72 -15.76
C PHE C 216 -21.81 7.13 -14.92
N ASP C 217 -22.19 5.89 -15.16
CA ASP C 217 -23.23 5.26 -14.36
C ASP C 217 -22.72 5.13 -12.93
N PRO C 218 -23.39 5.71 -11.92
CA PRO C 218 -22.81 5.63 -10.56
C PRO C 218 -23.05 4.29 -9.88
N ILE C 219 -22.20 3.31 -10.22
CA ILE C 219 -22.26 1.99 -9.60
C ILE C 219 -21.84 2.15 -8.15
N PRO C 220 -22.25 1.28 -7.23
CA PRO C 220 -21.82 1.42 -5.84
C PRO C 220 -20.31 1.23 -5.70
N ILE C 221 -19.73 1.98 -4.77
CA ILE C 221 -18.32 1.88 -4.43
C ILE C 221 -18.21 1.81 -2.92
N HIS C 222 -17.09 1.27 -2.45
CA HIS C 222 -16.85 1.07 -1.02
C HIS C 222 -15.52 1.69 -0.67
N TYR C 223 -15.51 2.54 0.35
CA TYR C 223 -14.28 3.15 0.83
C TYR C 223 -13.69 2.27 1.92
N CYS C 224 -12.55 1.65 1.62
CA CYS C 224 -11.86 0.75 2.54
C CYS C 224 -10.67 1.46 3.15
N ALA C 225 -10.53 1.35 4.46
CA ALA C 225 -9.43 2.00 5.14
C ALA C 225 -8.14 1.19 4.98
N PRO C 226 -6.97 1.83 5.03
CA PRO C 226 -5.72 1.10 4.83
C PRO C 226 -5.35 0.31 6.08
N ALA C 227 -4.22 -0.39 5.98
CA ALA C 227 -3.74 -1.17 7.11
C ALA C 227 -3.38 -0.25 8.27
N GLY C 228 -3.68 -0.71 9.49
CA GLY C 228 -3.44 0.08 10.68
C GLY C 228 -4.54 1.04 11.04
N TYR C 229 -5.61 1.11 10.24
CA TYR C 229 -6.72 2.00 10.48
C TYR C 229 -8.02 1.20 10.39
N ALA C 230 -9.06 1.72 11.04
CA ALA C 230 -10.35 1.08 11.06
C ALA C 230 -11.42 2.16 10.94
N ILE C 231 -12.57 1.75 10.41
CA ILE C 231 -13.72 2.64 10.21
C ILE C 231 -14.78 2.25 11.23
N LEU C 232 -15.17 3.21 12.07
CA LEU C 232 -16.20 2.99 13.07
C LEU C 232 -17.53 3.43 12.50
N LYS C 233 -18.53 2.55 12.57
CA LYS C 233 -19.87 2.80 12.08
C LYS C 233 -20.82 2.90 13.26
N CYS C 234 -21.60 3.98 13.32
CA CYS C 234 -22.52 4.22 14.43
C CYS C 234 -23.84 3.52 14.13
N ASN C 235 -24.07 2.38 14.78
CA ASN C 235 -25.27 1.60 14.50
C ASN C 235 -26.53 2.22 15.05
N ASN C 236 -26.43 3.14 16.00
CA ASN C 236 -27.61 3.67 16.66
C ASN C 236 -28.48 4.43 15.67
N LYS C 237 -29.74 4.03 15.59
CA LYS C 237 -30.71 4.74 14.76
C LYS C 237 -31.06 6.07 15.40
N THR C 238 -31.56 6.99 14.58
CA THR C 238 -31.95 8.32 15.05
C THR C 238 -30.76 9.07 15.65
N PHE C 239 -29.58 8.88 15.04
CA PHE C 239 -28.41 9.64 15.43
C PHE C 239 -28.46 11.01 14.75
N ASN C 240 -28.43 12.07 15.55
CA ASN C 240 -28.71 13.41 15.05
C ASN C 240 -27.48 14.12 14.50
N GLY C 241 -26.47 13.39 14.03
CA GLY C 241 -25.33 13.94 13.33
C GLY C 241 -24.10 14.14 14.19
N THR C 242 -24.26 14.60 15.42
CA THR C 242 -23.15 14.85 16.33
C THR C 242 -23.46 14.22 17.67
N GLY C 243 -22.47 14.25 18.56
CA GLY C 243 -22.64 13.74 19.90
C GLY C 243 -22.37 12.26 19.97
N PRO C 244 -22.47 11.69 21.17
CA PRO C 244 -22.11 10.28 21.35
C PRO C 244 -23.06 9.34 20.63
N CYS C 245 -22.57 8.13 20.37
CA CYS C 245 -23.34 7.06 19.77
C CYS C 245 -23.16 5.81 20.63
N ASN C 246 -24.28 5.20 21.03
CA ASN C 246 -24.29 4.15 22.03
C ASN C 246 -24.24 2.74 21.45
N ASN C 247 -23.96 2.59 20.16
CA ASN C 247 -23.83 1.27 19.56
C ASN C 247 -23.00 1.43 18.29
N VAL C 248 -21.76 0.94 18.32
CA VAL C 248 -20.80 1.12 17.24
C VAL C 248 -20.28 -0.23 16.80
N SER C 249 -19.71 -0.25 15.60
CA SER C 249 -19.11 -1.45 15.05
C SER C 249 -17.98 -1.05 14.11
N THR C 250 -17.09 -2.00 13.85
CA THR C 250 -15.88 -1.77 13.08
C THR C 250 -15.97 -2.53 11.76
N VAL C 251 -15.62 -1.87 10.66
CA VAL C 251 -15.73 -2.45 9.32
C VAL C 251 -14.53 -2.03 8.49
N GLN C 252 -14.09 -2.95 7.63
CA GLN C 252 -13.04 -2.63 6.68
C GLN C 252 -13.50 -1.54 5.72
N CYS C 253 -14.69 -1.70 5.14
CA CYS C 253 -15.19 -0.84 4.09
C CYS C 253 -16.62 -0.43 4.41
N THR C 254 -17.00 0.76 3.96
CA THR C 254 -18.37 1.22 4.12
C THR C 254 -19.30 0.39 3.23
N HIS C 255 -20.60 0.64 3.39
CA HIS C 255 -21.57 0.00 2.52
C HIS C 255 -21.47 0.59 1.12
N GLY C 256 -22.13 -0.06 0.16
CA GLY C 256 -22.09 0.42 -1.20
C GLY C 256 -22.72 1.79 -1.36
N ILE C 257 -21.91 2.76 -1.77
CA ILE C 257 -22.34 4.15 -1.91
C ILE C 257 -22.34 4.49 -3.39
N LYS C 258 -23.45 5.04 -3.87
CA LYS C 258 -23.56 5.48 -5.25
C LYS C 258 -23.23 6.96 -5.34
N PRO C 259 -22.15 7.37 -6.01
CA PRO C 259 -21.85 8.83 -6.07
C PRO C 259 -22.76 9.56 -7.06
N VAL C 260 -23.93 9.93 -6.58
CA VAL C 260 -24.96 10.57 -7.40
C VAL C 260 -24.72 12.07 -7.40
N VAL C 261 -25.07 12.72 -8.51
CA VAL C 261 -24.97 14.16 -8.66
C VAL C 261 -26.38 14.73 -8.68
N SER C 262 -26.70 15.57 -7.69
CA SER C 262 -28.01 16.20 -7.63
C SER C 262 -27.90 17.43 -6.74
N THR C 263 -28.90 18.31 -6.86
CA THR C 263 -28.90 19.60 -6.18
C THR C 263 -29.98 19.72 -5.13
N GLN C 264 -31.24 19.50 -5.49
CA GLN C 264 -32.37 19.71 -4.59
C GLN C 264 -32.88 18.44 -3.93
N LEU C 265 -32.87 17.33 -4.66
CA LEU C 265 -33.37 16.05 -4.17
C LEU C 265 -32.28 15.00 -4.27
N LEU C 266 -31.98 14.35 -3.16
CA LEU C 266 -31.02 13.25 -3.17
C LEU C 266 -31.69 12.01 -3.77
N LEU C 267 -30.99 11.35 -4.68
CA LEU C 267 -31.55 10.27 -5.48
C LEU C 267 -30.77 8.99 -5.28
N ASN C 268 -31.49 7.86 -5.31
CA ASN C 268 -30.89 6.53 -5.25
C ASN C 268 -30.05 6.32 -4.00
N GLY C 269 -30.33 7.06 -2.94
CA GLY C 269 -29.56 6.96 -1.72
C GLY C 269 -30.06 5.86 -0.82
N SER C 270 -29.41 5.73 0.33
CA SER C 270 -29.81 4.78 1.36
C SER C 270 -30.89 5.41 2.23
N LEU C 271 -31.79 4.57 2.71
CA LEU C 271 -32.95 5.02 3.48
C LEU C 271 -32.66 4.98 4.97
N ALA C 272 -33.26 5.90 5.71
CA ALA C 272 -33.13 5.91 7.15
C ALA C 272 -33.83 4.70 7.76
N GLU C 273 -33.26 4.21 8.86
CA GLU C 273 -33.79 3.00 9.47
C GLU C 273 -35.08 3.27 10.22
N GLY C 274 -35.12 4.33 11.01
CA GLY C 274 -36.28 4.63 11.84
C GLY C 274 -37.30 5.46 11.13
N GLU C 275 -37.56 6.66 11.65
CA GLU C 275 -38.42 7.64 11.01
C GLU C 275 -37.56 8.67 10.29
N ILE C 276 -38.20 9.73 9.79
CA ILE C 276 -37.46 10.79 9.12
C ILE C 276 -36.51 11.44 10.11
N ILE C 277 -35.31 11.73 9.65
CA ILE C 277 -34.24 12.30 10.47
C ILE C 277 -33.84 13.64 9.87
N ILE C 278 -33.76 14.66 10.71
CA ILE C 278 -33.26 15.97 10.32
C ILE C 278 -31.88 16.16 10.94
N ARG C 279 -30.93 16.63 10.15
CA ARG C 279 -29.58 16.88 10.60
C ARG C 279 -29.10 18.23 10.09
N SER C 280 -28.42 18.96 10.96
CA SER C 280 -27.85 20.25 10.57
C SER C 280 -26.79 20.65 11.57
N GLU C 281 -25.75 21.32 11.09
CA GLU C 281 -24.64 21.70 11.96
C GLU C 281 -25.10 22.63 13.07
N ASN C 282 -25.95 23.59 12.72
CA ASN C 282 -26.48 24.54 13.71
C ASN C 282 -27.86 24.97 13.20
N LEU C 283 -28.90 24.31 13.69
CA LEU C 283 -30.26 24.59 13.23
C LEU C 283 -30.64 26.05 13.46
N THR C 284 -30.09 26.65 14.53
CA THR C 284 -30.37 28.06 14.78
C THR C 284 -29.87 28.93 13.64
N ASN C 285 -28.69 28.64 13.11
CA ASN C 285 -28.17 29.37 11.96
C ASN C 285 -29.01 29.03 10.74
N ASN C 286 -29.46 30.05 10.01
CA ASN C 286 -30.24 29.83 8.81
C ASN C 286 -29.37 29.56 7.59
N VAL C 287 -28.07 29.85 7.67
CA VAL C 287 -27.19 29.63 6.52
C VAL C 287 -26.96 28.15 6.29
N LYS C 288 -26.78 27.39 7.38
CA LYS C 288 -26.39 25.99 7.25
C LYS C 288 -27.50 25.16 6.63
N THR C 289 -27.14 24.35 5.64
CA THR C 289 -28.12 23.52 4.95
C THR C 289 -28.64 22.45 5.90
N ILE C 290 -29.92 22.12 5.73
CA ILE C 290 -30.60 21.12 6.55
C ILE C 290 -30.83 19.90 5.67
N ILE C 291 -30.26 18.77 6.07
CA ILE C 291 -30.34 17.53 5.30
C ILE C 291 -31.49 16.72 5.86
N VAL C 292 -32.55 16.57 5.06
CA VAL C 292 -33.70 15.75 5.40
C VAL C 292 -33.45 14.39 4.79
N HIS C 293 -33.44 13.35 5.61
CA HIS C 293 -33.17 11.98 5.20
C HIS C 293 -34.40 11.14 5.49
N LEU C 294 -35.01 10.58 4.46
CA LEU C 294 -36.28 9.91 4.58
C LEU C 294 -36.11 8.44 4.93
N ASN C 295 -37.15 7.87 5.52
CA ASN C 295 -37.23 6.43 5.77
C ASN C 295 -38.04 5.69 4.72
N GLU C 296 -38.55 6.38 3.70
CA GLU C 296 -39.24 5.74 2.59
C GLU C 296 -38.85 6.43 1.30
N SER C 297 -38.94 5.68 0.21
CA SER C 297 -38.53 6.17 -1.11
C SER C 297 -39.74 6.61 -1.92
N VAL C 298 -39.63 7.78 -2.53
CA VAL C 298 -40.65 8.33 -3.41
C VAL C 298 -40.14 8.23 -4.84
N GLU C 299 -40.74 7.33 -5.62
CA GLU C 299 -40.28 7.11 -6.98
C GLU C 299 -40.52 8.34 -7.82
N ILE C 300 -39.56 8.65 -8.70
CA ILE C 300 -39.68 9.74 -9.67
C ILE C 300 -39.30 9.20 -11.03
N VAL C 301 -40.08 9.57 -12.04
CA VAL C 301 -39.85 9.15 -13.42
C VAL C 301 -39.59 10.41 -14.25
N CYS C 302 -38.52 10.39 -15.04
CA CYS C 302 -38.14 11.50 -15.89
C CYS C 302 -37.85 11.00 -17.29
N THR C 303 -38.10 11.86 -18.27
CA THR C 303 -37.99 11.44 -19.66
C THR C 303 -37.87 12.65 -20.56
N ARG C 304 -37.07 12.51 -21.62
CA ARG C 304 -37.01 13.48 -22.70
C ARG C 304 -37.77 12.90 -23.89
N PRO C 305 -38.94 13.44 -24.27
CA PRO C 305 -39.75 12.73 -25.27
C PRO C 305 -39.28 12.89 -26.70
N ASN C 306 -38.37 13.82 -26.99
CA ASN C 306 -37.97 14.07 -28.38
C ASN C 306 -37.26 12.86 -28.97
N ASN C 307 -37.46 12.65 -30.26
CA ASN C 307 -36.80 11.57 -31.00
C ASN C 307 -35.60 12.19 -31.72
N ASN C 308 -34.42 12.05 -31.12
CA ASN C 308 -33.22 12.69 -31.65
C ASN C 308 -32.62 11.89 -32.78
N THR C 309 -32.12 12.60 -33.79
CA THR C 309 -31.31 12.02 -34.86
C THR C 309 -29.90 12.54 -34.69
N VAL C 310 -28.97 11.66 -34.32
CA VAL C 310 -27.60 12.03 -34.00
C VAL C 310 -26.75 11.86 -35.24
N LYS C 311 -26.10 12.94 -35.66
CA LYS C 311 -25.17 12.93 -36.78
C LYS C 311 -23.84 13.51 -36.32
N SER C 312 -22.76 12.90 -36.80
CA SER C 312 -21.41 13.22 -36.36
C SER C 312 -20.57 13.70 -37.55
N ILE C 313 -19.46 14.35 -37.22
CA ILE C 313 -18.54 14.88 -38.22
C ILE C 313 -17.12 14.70 -37.69
N ARG C 314 -16.15 14.93 -38.58
CA ARG C 314 -14.73 14.89 -38.24
C ARG C 314 -14.20 16.32 -38.23
N ILE C 315 -13.78 16.78 -37.06
CA ILE C 315 -13.26 18.14 -36.92
C ILE C 315 -11.75 18.17 -37.12
N GLY C 316 -11.04 17.17 -36.64
CA GLY C 316 -9.61 17.09 -36.78
C GLY C 316 -9.15 15.66 -36.95
N PRO C 317 -7.84 15.41 -36.87
CA PRO C 317 -7.35 14.04 -36.98
C PRO C 317 -7.89 13.16 -35.87
N GLY C 318 -8.77 12.21 -36.23
CA GLY C 318 -9.37 11.35 -35.23
C GLY C 318 -10.17 12.06 -34.18
N GLN C 319 -10.68 13.26 -34.47
CA GLN C 319 -11.48 14.04 -33.54
C GLN C 319 -12.90 14.11 -34.09
N TRP C 320 -13.81 13.35 -33.47
CA TRP C 320 -15.21 13.33 -33.85
C TRP C 320 -15.99 14.30 -32.97
N PHE C 321 -17.22 14.61 -33.41
CA PHE C 321 -18.10 15.53 -32.70
C PHE C 321 -19.53 15.13 -32.96
N TYR C 322 -20.28 14.86 -31.90
CA TYR C 322 -21.63 14.34 -31.98
C TYR C 322 -22.64 15.43 -31.65
N TYR C 323 -23.66 15.55 -32.47
CA TYR C 323 -24.68 16.57 -32.29
C TYR C 323 -26.02 16.04 -32.77
N THR C 324 -27.09 16.72 -32.37
CA THR C 324 -28.44 16.35 -32.75
C THR C 324 -28.74 16.92 -34.12
N GLY C 325 -28.70 16.06 -35.15
CA GLY C 325 -28.89 16.54 -36.51
C GLY C 325 -30.32 16.92 -36.81
N ASP C 326 -31.28 16.15 -36.28
CA ASP C 326 -32.69 16.39 -36.59
C ASP C 326 -33.52 15.70 -35.52
N ILE C 327 -34.77 16.18 -35.38
CA ILE C 327 -35.73 15.65 -34.43
C ILE C 327 -36.92 15.13 -35.22
N ILE C 328 -37.21 13.85 -35.08
CA ILE C 328 -38.31 13.20 -35.78
C ILE C 328 -39.59 13.40 -34.99
N GLY C 329 -40.67 13.71 -35.68
CA GLY C 329 -41.94 13.93 -35.04
C GLY C 329 -42.05 15.32 -34.46
N ASN C 330 -42.99 15.48 -33.54
CA ASN C 330 -43.23 16.76 -32.90
C ASN C 330 -42.27 16.96 -31.73
N ILE C 331 -41.94 18.21 -31.47
CA ILE C 331 -41.03 18.60 -30.40
C ILE C 331 -41.84 18.88 -29.16
N ARG C 332 -41.40 18.33 -28.02
CA ARG C 332 -42.07 18.54 -26.75
C ARG C 332 -41.01 18.76 -25.67
N GLN C 333 -41.44 19.42 -24.60
CA GLN C 333 -40.55 19.75 -23.50
C GLN C 333 -40.36 18.53 -22.60
N ALA C 334 -39.16 18.37 -22.07
CA ALA C 334 -38.90 17.31 -21.12
C ALA C 334 -39.65 17.54 -19.83
N TYR C 335 -39.94 16.46 -19.11
CA TYR C 335 -40.72 16.54 -17.89
C TYR C 335 -40.32 15.42 -16.94
N CYS C 336 -40.73 15.56 -15.68
CA CYS C 336 -40.64 14.52 -14.68
C CYS C 336 -42.00 14.33 -14.03
N ASN C 337 -42.20 13.14 -13.45
CA ASN C 337 -43.46 12.78 -12.81
C ASN C 337 -43.19 12.18 -11.45
N ILE C 338 -43.98 12.58 -10.46
CA ILE C 338 -43.91 12.06 -9.10
C ILE C 338 -45.33 11.73 -8.66
N LYS C 339 -45.50 10.59 -8.00
CA LYS C 339 -46.82 10.22 -7.52
C LYS C 339 -47.26 11.17 -6.42
N LYS C 340 -48.46 11.74 -6.59
CA LYS C 340 -48.89 12.85 -5.76
C LYS C 340 -49.08 12.44 -4.30
N ASP C 341 -49.66 11.26 -4.07
CA ASP C 341 -49.97 10.85 -2.71
C ASP C 341 -48.70 10.67 -1.88
N ASP C 342 -47.70 9.97 -2.45
CA ASP C 342 -46.47 9.73 -1.72
C ASP C 342 -45.76 11.04 -1.41
N TRP C 343 -45.72 11.95 -2.37
CA TRP C 343 -45.06 13.23 -2.16
C TRP C 343 -45.76 14.03 -1.08
N ILE C 344 -47.10 14.04 -1.08
CA ILE C 344 -47.82 14.80 -0.07
C ILE C 344 -47.56 14.21 1.32
N ARG C 345 -47.61 12.89 1.44
CA ARG C 345 -47.36 12.27 2.74
C ARG C 345 -45.95 12.56 3.22
N THR C 346 -44.98 12.50 2.31
CA THR C 346 -43.59 12.76 2.68
C THR C 346 -43.42 14.20 3.16
N LEU C 347 -44.00 15.16 2.43
CA LEU C 347 -43.88 16.55 2.85
C LEU C 347 -44.58 16.78 4.18
N GLN C 348 -45.73 16.14 4.41
CA GLN C 348 -46.42 16.31 5.68
C GLN C 348 -45.58 15.77 6.83
N ARG C 349 -44.97 14.60 6.66
CA ARG C 349 -44.14 14.06 7.73
C ARG C 349 -42.93 14.94 7.99
N VAL C 350 -42.30 15.46 6.93
CA VAL C 350 -41.14 16.33 7.10
C VAL C 350 -41.57 17.62 7.82
N GLY C 351 -42.74 18.15 7.46
CA GLY C 351 -43.22 19.33 8.14
C GLY C 351 -43.47 19.08 9.61
N LYS C 352 -44.00 17.91 9.94
CA LYS C 352 -44.21 17.54 11.34
C LYS C 352 -42.88 17.52 12.08
N LYS C 353 -41.86 16.90 11.48
CA LYS C 353 -40.55 16.82 12.15
C LYS C 353 -39.95 18.22 12.33
N LEU C 354 -40.04 19.07 11.31
CA LEU C 354 -39.53 20.42 11.44
C LEU C 354 -40.27 21.19 12.53
N ALA C 355 -41.58 21.00 12.60
CA ALA C 355 -42.36 21.64 13.66
C ALA C 355 -41.89 21.19 15.03
N GLU C 356 -41.59 19.90 15.16
CA GLU C 356 -41.05 19.42 16.43
C GLU C 356 -39.72 20.10 16.74
N HIS C 357 -38.87 20.28 15.72
CA HIS C 357 -37.61 20.98 15.94
C HIS C 357 -37.79 22.50 16.05
N PHE C 358 -38.84 23.05 15.43
CA PHE C 358 -39.11 24.50 15.40
C PHE C 358 -40.53 24.71 15.94
N PRO C 359 -40.71 24.61 17.26
CA PRO C 359 -42.08 24.67 17.80
C PRO C 359 -42.69 26.05 17.66
N ARG C 360 -44.02 26.07 17.66
CA ARG C 360 -44.80 27.32 17.63
C ARG C 360 -44.46 28.16 16.40
N ARG C 361 -44.37 27.50 15.25
CA ARG C 361 -44.14 28.17 13.98
C ARG C 361 -44.87 27.39 12.90
N ILE C 362 -45.14 28.09 11.79
CA ILE C 362 -45.80 27.49 10.63
C ILE C 362 -44.74 27.17 9.59
N ILE C 363 -44.70 25.93 9.16
CA ILE C 363 -43.76 25.48 8.14
C ILE C 363 -44.39 25.67 6.78
N ASN C 364 -43.64 26.27 5.85
CA ASN C 364 -44.16 26.70 4.56
C ASN C 364 -43.70 25.84 3.39
N PHE C 365 -42.40 25.68 3.20
CA PHE C 365 -41.84 25.06 1.99
C PHE C 365 -42.26 25.86 0.75
N THR C 366 -41.80 27.11 0.66
CA THR C 366 -42.11 27.93 -0.50
C THR C 366 -41.15 27.61 -1.65
N GLN C 367 -41.28 28.37 -2.73
CA GLN C 367 -40.48 28.15 -3.92
C GLN C 367 -39.05 28.64 -3.70
N PRO C 368 -38.11 28.20 -4.53
CA PRO C 368 -36.74 28.72 -4.41
C PRO C 368 -36.70 30.20 -4.74
N ALA C 369 -35.75 30.90 -4.13
CA ALA C 369 -35.53 32.29 -4.47
C ALA C 369 -35.00 32.41 -5.88
N GLY C 370 -35.22 33.57 -6.49
CA GLY C 370 -34.78 33.77 -7.86
C GLY C 370 -33.27 33.68 -8.00
N GLY C 371 -32.82 33.26 -9.18
CA GLY C 371 -31.40 33.12 -9.42
C GLY C 371 -31.14 32.35 -10.69
N ASP C 372 -29.91 31.88 -10.83
CA ASP C 372 -29.51 31.14 -12.00
C ASP C 372 -30.18 29.77 -12.05
N LEU C 373 -30.20 29.18 -13.23
CA LEU C 373 -30.81 27.87 -13.40
C LEU C 373 -30.03 26.80 -12.64
N GLU C 374 -28.71 26.95 -12.55
CA GLU C 374 -27.88 25.90 -11.96
C GLU C 374 -28.12 25.73 -10.47
N ILE C 375 -28.70 26.72 -9.79
CA ILE C 375 -28.84 26.71 -8.34
C ILE C 375 -30.29 26.72 -7.89
N THR C 376 -31.22 27.24 -8.70
CA THR C 376 -32.62 27.35 -8.32
C THR C 376 -33.48 26.21 -8.84
N THR C 377 -32.89 25.12 -9.30
CA THR C 377 -33.62 24.01 -9.88
C THR C 377 -32.99 22.67 -9.49
N HIS C 378 -33.75 21.60 -9.70
CA HIS C 378 -33.30 20.25 -9.40
C HIS C 378 -32.55 19.70 -10.60
N SER C 379 -31.23 19.75 -10.54
CA SER C 379 -30.38 19.24 -11.61
C SER C 379 -29.95 17.82 -11.31
N PHE C 380 -29.79 17.02 -12.36
CA PHE C 380 -29.30 15.65 -12.22
C PHE C 380 -28.96 15.13 -13.61
N ASN C 381 -28.56 13.86 -13.67
CA ASN C 381 -28.04 13.24 -14.87
C ASN C 381 -28.80 11.94 -15.13
N CYS C 382 -29.22 11.74 -16.38
CA CYS C 382 -29.86 10.50 -16.81
C CYS C 382 -29.24 10.08 -18.14
N ARG C 383 -28.39 9.05 -18.08
CA ARG C 383 -27.70 8.55 -19.27
C ARG C 383 -26.93 9.67 -19.97
N GLY C 384 -26.27 10.51 -19.18
CA GLY C 384 -25.46 11.57 -19.72
C GLY C 384 -26.19 12.82 -20.12
N GLU C 385 -27.53 12.79 -20.18
CA GLU C 385 -28.30 13.99 -20.43
C GLU C 385 -28.51 14.73 -19.12
N PHE C 386 -28.19 16.02 -19.11
CA PHE C 386 -28.26 16.85 -17.91
C PHE C 386 -29.61 17.57 -17.89
N PHE C 387 -30.42 17.25 -16.87
CA PHE C 387 -31.74 17.83 -16.72
C PHE C 387 -31.69 19.02 -15.77
N TYR C 388 -32.71 19.86 -15.86
CA TYR C 388 -32.89 20.99 -14.95
C TYR C 388 -34.38 21.18 -14.73
N CYS C 389 -34.88 20.73 -13.59
CA CYS C 389 -36.31 20.66 -13.30
C CYS C 389 -36.71 21.75 -12.32
N ASN C 390 -37.81 22.44 -12.65
CA ASN C 390 -38.36 23.50 -11.82
C ASN C 390 -39.30 22.86 -10.81
N THR C 391 -38.84 22.69 -9.59
CA THR C 391 -39.61 22.03 -8.54
C THR C 391 -40.53 22.98 -7.79
N SER C 392 -40.91 24.11 -8.40
CA SER C 392 -41.80 25.04 -7.72
C SER C 392 -43.16 24.41 -7.44
N SER C 393 -43.61 23.50 -8.31
CA SER C 393 -44.91 22.87 -8.10
C SER C 393 -44.89 21.85 -6.97
N LEU C 394 -43.72 21.42 -6.51
CA LEU C 394 -43.61 20.48 -5.40
C LEU C 394 -43.60 21.21 -4.06
N PHE C 395 -42.67 22.16 -3.89
CA PHE C 395 -42.55 22.92 -2.65
C PHE C 395 -43.54 24.09 -2.69
N ASN C 396 -44.81 23.75 -2.53
CA ASN C 396 -45.91 24.71 -2.56
C ASN C 396 -46.78 24.67 -1.32
N SER C 397 -46.95 23.50 -0.71
CA SER C 397 -47.91 23.34 0.38
C SER C 397 -47.27 23.68 1.72
N THR C 398 -48.04 24.37 2.56
CA THR C 398 -47.67 24.68 3.93
C THR C 398 -48.33 23.71 4.89
N TYR C 399 -47.69 23.51 6.04
CA TYR C 399 -48.16 22.59 7.07
C TYR C 399 -48.42 23.38 8.34
N ASN C 400 -49.56 23.14 8.96
CA ASN C 400 -50.02 23.90 10.13
C ASN C 400 -50.13 23.00 11.35
N PRO C 401 -49.14 22.97 12.26
CA PRO C 401 -49.32 22.26 13.53
C PRO C 401 -50.03 23.12 14.57
N ASN C 402 -49.85 24.44 14.47
CA ASN C 402 -50.35 25.37 15.46
C ASN C 402 -51.86 25.51 15.34
N ASP C 403 -52.46 26.17 16.33
CA ASP C 403 -53.90 26.46 16.34
C ASP C 403 -54.74 25.19 16.25
N LEU C 415 -52.66 9.86 -11.00
CA LEU C 415 -52.64 11.16 -10.35
C LEU C 415 -51.23 11.50 -9.89
N ASP C 416 -50.44 12.04 -10.81
CA ASP C 416 -49.03 12.35 -10.56
C ASP C 416 -48.75 13.81 -10.87
N ILE C 417 -47.79 14.37 -10.16
CA ILE C 417 -47.40 15.77 -10.31
C ILE C 417 -46.41 15.85 -11.46
N THR C 418 -46.75 16.62 -12.48
CA THR C 418 -45.89 16.80 -13.66
C THR C 418 -45.06 18.06 -13.49
N ILE C 419 -43.76 17.96 -13.80
CA ILE C 419 -42.81 19.02 -13.56
C ILE C 419 -42.08 19.30 -14.87
N PRO C 420 -42.15 20.50 -15.44
CA PRO C 420 -41.33 20.77 -16.63
C PRO C 420 -39.86 20.80 -16.30
N CYS C 421 -39.04 20.32 -17.23
CA CYS C 421 -37.60 20.23 -17.03
C CYS C 421 -36.88 20.68 -18.30
N ARG C 422 -35.80 21.42 -18.10
CA ARG C 422 -34.96 21.90 -19.19
C ARG C 422 -33.76 20.98 -19.35
N ILE C 423 -33.13 21.08 -20.53
CA ILE C 423 -31.98 20.26 -20.87
C ILE C 423 -30.85 21.19 -21.30
N LYS C 424 -29.65 20.88 -20.85
CA LYS C 424 -28.44 21.58 -21.26
C LYS C 424 -27.38 20.57 -21.67
N GLN C 425 -26.56 20.95 -22.64
CA GLN C 425 -25.43 20.15 -23.09
C GLN C 425 -24.10 20.66 -22.59
N ILE C 426 -23.91 21.98 -22.54
CA ILE C 426 -22.70 22.58 -22.00
C ILE C 426 -22.90 22.79 -20.51
N ILE C 427 -22.00 22.21 -19.71
CA ILE C 427 -22.17 22.11 -18.27
C ILE C 427 -20.96 22.71 -17.57
N ASN C 428 -21.19 23.23 -16.37
CA ASN C 428 -20.12 23.60 -15.45
C ASN C 428 -20.39 22.88 -14.13
N MET C 429 -19.51 21.96 -13.76
CA MET C 429 -19.74 21.06 -12.65
C MET C 429 -18.99 21.54 -11.40
N TRP C 430 -19.68 21.54 -10.26
CA TRP C 430 -19.15 22.00 -8.99
C TRP C 430 -18.80 23.48 -9.02
N GLN C 431 -19.50 24.26 -9.83
CA GLN C 431 -19.35 25.71 -9.90
C GLN C 431 -17.93 26.14 -10.27
N ARG C 432 -17.18 25.27 -10.92
CA ARG C 432 -15.79 25.59 -11.27
C ARG C 432 -15.80 26.52 -12.46
N VAL C 433 -15.55 27.81 -12.21
CA VAL C 433 -15.39 28.76 -13.30
C VAL C 433 -14.07 28.47 -14.00
N GLY C 434 -14.11 28.44 -15.33
CA GLY C 434 -12.93 28.20 -16.14
C GLY C 434 -12.82 26.78 -16.69
N GLN C 435 -13.84 25.95 -16.52
CA GLN C 435 -13.87 24.62 -17.12
C GLN C 435 -15.30 24.30 -17.49
N ALA C 436 -15.46 23.41 -18.47
CA ALA C 436 -16.79 23.04 -18.94
C ALA C 436 -16.69 21.73 -19.69
N MET C 437 -17.85 21.15 -19.99
CA MET C 437 -17.91 19.94 -20.78
C MET C 437 -19.20 19.92 -21.58
N TYR C 438 -19.15 19.26 -22.74
CA TYR C 438 -20.26 19.21 -23.67
C TYR C 438 -20.77 17.77 -23.72
N ALA C 439 -21.90 17.52 -23.07
CA ALA C 439 -22.45 16.17 -23.06
C ALA C 439 -23.10 15.88 -24.42
N PRO C 440 -22.68 14.84 -25.14
CA PRO C 440 -23.26 14.62 -26.46
C PRO C 440 -24.69 14.14 -26.34
N PRO C 441 -25.51 14.34 -27.36
CA PRO C 441 -26.89 13.86 -27.31
C PRO C 441 -26.95 12.36 -27.58
N ILE C 442 -28.14 11.80 -27.38
CA ILE C 442 -28.40 10.38 -27.60
C ILE C 442 -29.61 10.26 -28.51
N GLU C 443 -29.48 9.44 -29.55
CA GLU C 443 -30.59 9.17 -30.44
C GLU C 443 -31.70 8.43 -29.69
N GLY C 444 -32.93 8.63 -30.15
CA GLY C 444 -34.08 8.09 -29.46
C GLY C 444 -34.45 8.95 -28.26
N ASN C 445 -35.44 8.47 -27.53
CA ASN C 445 -35.97 9.18 -26.36
C ASN C 445 -35.51 8.50 -25.09
N ILE C 446 -35.13 9.31 -24.11
CA ILE C 446 -34.53 8.84 -22.87
C ILE C 446 -35.62 8.73 -21.81
N THR C 447 -35.52 7.69 -20.99
CA THR C 447 -36.37 7.51 -19.82
C THR C 447 -35.51 6.98 -18.67
N CYS C 448 -35.80 7.46 -17.47
CA CYS C 448 -35.06 7.02 -16.29
C CYS C 448 -35.95 7.14 -15.07
N LYS C 449 -35.72 6.24 -14.11
CA LYS C 449 -36.49 6.17 -12.88
C LYS C 449 -35.55 6.22 -11.70
N SER C 450 -35.93 6.98 -10.68
CA SER C 450 -35.07 7.21 -9.52
C SER C 450 -35.92 7.22 -8.26
N ASN C 451 -35.25 6.98 -7.14
CA ASN C 451 -35.86 6.96 -5.81
C ASN C 451 -35.42 8.22 -5.07
N ILE C 452 -36.37 9.11 -4.78
CA ILE C 452 -36.06 10.29 -4.00
C ILE C 452 -36.01 9.89 -2.54
N THR C 453 -34.82 9.93 -1.94
CA THR C 453 -34.61 9.49 -0.57
C THR C 453 -34.31 10.62 0.40
N GLY C 454 -33.88 11.78 -0.08
CA GLY C 454 -33.55 12.88 0.82
C GLY C 454 -33.80 14.21 0.16
N LEU C 455 -33.97 15.22 1.00
CA LEU C 455 -34.21 16.60 0.58
C LEU C 455 -33.17 17.49 1.24
N LEU C 456 -32.82 18.57 0.56
CA LEU C 456 -31.89 19.57 1.07
C LEU C 456 -32.63 20.90 1.17
N LEU C 457 -32.83 21.37 2.40
CA LEU C 457 -33.64 22.55 2.69
C LEU C 457 -32.76 23.65 3.24
N VAL C 458 -33.05 24.89 2.87
CA VAL C 458 -32.40 26.08 3.38
C VAL C 458 -33.45 26.90 4.10
N ARG C 459 -33.28 27.09 5.41
CA ARG C 459 -34.24 27.85 6.19
C ARG C 459 -34.06 29.33 5.90
N ASP C 460 -35.19 30.02 5.68
CA ASP C 460 -35.14 31.44 5.35
C ASP C 460 -34.59 32.26 6.49
N GLY C 461 -34.98 31.94 7.72
CA GLY C 461 -34.58 32.75 8.86
C GLY C 461 -35.11 34.16 8.78
N GLY C 462 -36.37 34.33 8.38
CA GLY C 462 -36.98 35.64 8.31
C GLY C 462 -37.05 36.30 9.67
N VAL C 463 -36.46 37.50 9.78
CA VAL C 463 -36.42 38.18 11.06
C VAL C 463 -37.81 38.68 11.41
N GLU C 464 -38.27 38.33 12.61
CA GLU C 464 -39.58 38.76 13.11
C GLU C 464 -40.70 38.35 12.17
N SER C 465 -40.59 37.16 11.58
CA SER C 465 -41.64 36.65 10.72
C SER C 465 -42.90 36.40 11.55
N ASN C 466 -44.04 36.37 10.86
CA ASN C 466 -45.34 36.21 11.52
C ASN C 466 -45.57 34.76 11.93
N GLU C 467 -44.72 34.30 12.86
CA GLU C 467 -44.76 32.93 13.35
C GLU C 467 -44.65 31.92 12.21
N THR C 468 -43.81 32.25 11.22
CA THR C 468 -43.66 31.46 10.01
C THR C 468 -42.19 31.21 9.73
N GLU C 469 -41.90 30.00 9.24
CA GLU C 469 -40.58 29.65 8.77
C GLU C 469 -40.69 29.11 7.34
N ILE C 470 -39.75 29.51 6.50
CA ILE C 470 -39.78 29.20 5.08
C ILE C 470 -38.53 28.38 4.77
N PHE C 471 -38.73 27.18 4.22
CA PHE C 471 -37.67 26.25 3.91
C PHE C 471 -37.64 26.04 2.40
N ARG C 472 -36.80 26.78 1.72
CA ARG C 472 -36.66 26.64 0.29
C ARG C 472 -35.68 25.51 -0.02
N PRO C 473 -35.77 24.90 -1.20
CA PRO C 473 -34.78 23.85 -1.54
C PRO C 473 -33.37 24.42 -1.59
N GLY C 474 -32.42 23.61 -1.15
CA GLY C 474 -31.03 24.01 -1.02
C GLY C 474 -30.22 23.67 -2.25
N GLY C 475 -29.11 22.99 -2.03
CA GLY C 475 -28.24 22.54 -3.10
C GLY C 475 -27.13 23.53 -3.39
N GLY C 476 -26.30 23.14 -4.36
CA GLY C 476 -25.19 23.95 -4.83
C GLY C 476 -23.83 23.52 -4.32
N ASP C 477 -23.77 22.81 -3.19
CA ASP C 477 -22.52 22.28 -2.65
C ASP C 477 -22.63 20.77 -2.66
N MET C 478 -21.82 20.12 -3.48
CA MET C 478 -21.97 18.69 -3.68
C MET C 478 -21.49 17.88 -2.48
N ARG C 479 -20.73 18.48 -1.57
CA ARG C 479 -20.24 17.74 -0.42
C ARG C 479 -21.39 17.30 0.49
N ASN C 480 -22.51 18.02 0.44
CA ASN C 480 -23.63 17.69 1.32
C ASN C 480 -24.19 16.30 1.03
N ASN C 481 -24.21 15.90 -0.24
CA ASN C 481 -24.75 14.58 -0.58
C ASN C 481 -23.92 13.48 0.07
N TRP C 482 -22.60 13.53 -0.12
CA TRP C 482 -21.76 12.49 0.43
C TRP C 482 -21.66 12.58 1.94
N ARG C 483 -21.85 13.77 2.50
CA ARG C 483 -21.99 13.85 3.94
C ARG C 483 -23.27 13.18 4.41
N SER C 484 -24.34 13.27 3.64
CA SER C 484 -25.56 12.56 3.97
C SER C 484 -25.37 11.05 3.88
N GLU C 485 -24.57 10.60 2.92
CA GLU C 485 -24.31 9.17 2.81
C GLU C 485 -23.25 8.66 3.79
N LEU C 486 -22.25 9.49 4.11
CA LEU C 486 -21.19 9.13 5.04
C LEU C 486 -21.41 9.72 6.42
N TYR C 487 -22.67 9.81 6.86
CA TYR C 487 -22.96 10.41 8.15
C TYR C 487 -22.61 9.50 9.32
N LYS C 488 -22.64 8.19 9.12
CA LYS C 488 -22.49 7.23 10.20
C LYS C 488 -21.06 6.74 10.40
N TYR C 489 -20.10 7.19 9.61
CA TYR C 489 -18.76 6.63 9.60
C TYR C 489 -17.75 7.57 10.23
N LYS C 490 -16.69 6.98 10.76
CA LYS C 490 -15.58 7.71 11.35
C LYS C 490 -14.32 6.87 11.21
N VAL C 491 -13.20 7.53 10.96
CA VAL C 491 -11.91 6.87 10.76
C VAL C 491 -11.11 7.01 12.05
N VAL C 492 -10.49 5.92 12.47
CA VAL C 492 -9.67 5.90 13.68
C VAL C 492 -8.41 5.10 13.42
N GLU C 493 -7.33 5.52 14.07
CA GLU C 493 -6.02 4.88 13.97
C GLU C 493 -5.76 4.11 15.25
N ILE C 494 -5.31 2.87 15.12
CA ILE C 494 -5.00 2.05 16.29
C ILE C 494 -3.66 2.48 16.85
N LYS C 495 -3.54 2.46 18.17
CA LYS C 495 -2.31 2.81 18.89
C LYS C 495 -1.98 1.65 19.82
N PRO C 496 -1.45 0.55 19.28
CA PRO C 496 -1.42 -0.70 20.05
C PRO C 496 -0.54 -0.65 21.29
N LEU C 497 0.40 0.28 21.37
CA LEU C 497 1.29 0.33 22.52
C LEU C 497 0.57 0.95 23.70
N GLY C 498 0.83 0.40 24.89
CA GLY C 498 0.16 0.88 26.09
C GLY C 498 0.91 0.46 27.33
N ILE C 499 0.62 1.17 28.42
CA ILE C 499 1.31 1.01 29.69
C ILE C 499 0.28 0.95 30.80
N ALA C 500 0.52 0.09 31.80
CA ALA C 500 -0.35 -0.04 32.95
C ALA C 500 0.45 -0.65 34.08
N PRO C 501 0.00 -0.50 35.33
CA PRO C 501 0.74 -1.06 36.45
C PRO C 501 0.30 -2.47 36.81
N THR C 502 1.22 -3.22 37.40
CA THR C 502 0.94 -4.56 37.88
C THR C 502 1.94 -4.91 38.98
N ARG C 503 1.98 -6.19 39.35
CA ARG C 503 2.75 -6.63 40.50
C ARG C 503 4.09 -7.26 40.15
N CYS C 504 4.24 -7.80 38.95
CA CYS C 504 5.46 -8.50 38.55
C CYS C 504 6.44 -7.53 37.90
N LYS C 505 7.68 -7.51 38.39
CA LYS C 505 8.71 -6.59 37.96
C LYS C 505 9.80 -7.33 37.19
N ARG C 506 10.70 -6.54 36.60
CA ARG C 506 11.72 -7.09 35.71
C ARG C 506 12.66 -8.03 36.46
N ARG C 507 13.10 -7.62 37.65
CA ARG C 507 14.09 -8.38 38.41
C ARG C 507 15.36 -8.61 37.60
N UNK D 1 -18.09 -23.03 37.22
CA UNK D 1 -17.90 -22.86 35.75
C UNK D 1 -16.97 -23.93 35.19
N UNK D 2 -15.74 -23.97 35.72
CA UNK D 2 -14.74 -24.93 35.27
C UNK D 2 -15.00 -26.29 35.92
N UNK D 3 -15.99 -26.98 35.37
CA UNK D 3 -16.32 -28.33 35.82
C UNK D 3 -15.47 -29.35 35.07
N UNK D 4 -14.74 -30.17 35.82
CA UNK D 4 -13.85 -31.18 35.25
C UNK D 4 -14.26 -32.55 35.77
N UNK D 5 -14.28 -33.53 34.86
CA UNK D 5 -14.73 -34.88 35.17
C UNK D 5 -13.69 -35.88 34.74
N UNK D 6 -13.31 -36.78 35.64
CA UNK D 6 -12.38 -37.85 35.32
C UNK D 6 -13.10 -38.96 34.58
N UNK D 7 -12.40 -39.59 33.64
CA UNK D 7 -13.00 -40.48 32.66
C UNK D 7 -12.83 -41.96 33.01
N UNK D 8 -12.55 -42.29 34.26
CA UNK D 8 -12.52 -43.69 34.66
C UNK D 8 -12.65 -43.75 36.17
N UNK D 9 -13.73 -44.37 36.65
CA UNK D 9 -13.93 -44.47 38.09
C UNK D 9 -12.88 -45.35 38.74
N UNK D 10 -12.41 -46.38 38.03
CA UNK D 10 -11.34 -47.23 38.53
C UNK D 10 -10.67 -47.89 37.34
N UNK D 11 -9.48 -48.43 37.58
CA UNK D 11 -8.73 -49.13 36.53
C UNK D 11 -7.80 -50.11 37.22
N UNK D 12 -8.18 -51.39 37.22
CA UNK D 12 -7.42 -52.43 37.91
C UNK D 12 -6.44 -53.10 36.95
N UNK D 13 -5.50 -52.30 36.44
CA UNK D 13 -4.52 -52.81 35.50
C UNK D 13 -3.57 -53.78 36.20
N UNK D 14 -2.94 -54.63 35.39
CA UNK D 14 -2.02 -55.62 35.90
C UNK D 14 -0.75 -54.95 36.42
N UNK D 15 -0.03 -55.68 37.28
CA UNK D 15 1.21 -55.16 37.83
C UNK D 15 2.23 -54.98 36.72
N UNK D 16 2.99 -53.88 36.80
CA UNK D 16 4.03 -53.51 35.86
C UNK D 16 3.49 -53.22 34.47
N UNK D 17 2.21 -52.87 34.34
CA UNK D 17 1.57 -52.57 33.07
C UNK D 17 1.22 -51.08 33.00
N UNK D 18 0.71 -50.67 31.84
CA UNK D 18 0.37 -49.28 31.58
C UNK D 18 -1.12 -49.04 31.80
N UNK D 19 -1.44 -47.79 32.16
CA UNK D 19 -2.81 -47.36 32.36
C UNK D 19 -2.93 -45.88 32.03
N UNK D 20 -4.15 -45.45 31.73
CA UNK D 20 -4.41 -44.07 31.35
C UNK D 20 -5.78 -43.66 31.86
N UNK D 21 -5.94 -42.36 32.12
CA UNK D 21 -7.18 -41.83 32.67
C UNK D 21 -7.34 -40.39 32.22
N UNK D 22 -8.40 -40.12 31.48
CA UNK D 22 -8.62 -38.81 30.88
C UNK D 22 -9.40 -37.90 31.82
N UNK D 23 -9.39 -36.60 31.52
CA UNK D 23 -10.05 -35.58 32.33
C UNK D 23 -10.61 -34.51 31.39
N UNK D 24 -11.82 -34.72 30.91
CA UNK D 24 -12.46 -33.74 30.04
C UNK D 24 -12.89 -32.52 30.83
N UNK D 25 -12.73 -31.34 30.22
CA UNK D 25 -12.99 -30.07 30.87
C UNK D 25 -14.18 -29.38 30.23
N UNK D 26 -14.99 -28.72 31.05
CA UNK D 26 -16.17 -28.01 30.57
C UNK D 26 -15.83 -26.75 29.79
N UNK D 27 -14.59 -26.28 29.83
CA UNK D 27 -14.17 -25.12 29.06
C UNK D 27 -12.69 -25.27 28.76
N UNK D 28 -12.23 -24.55 27.73
CA UNK D 28 -10.84 -24.65 27.33
C UNK D 28 -9.93 -24.06 28.41
N UNK D 29 -8.95 -24.83 28.85
CA UNK D 29 -8.05 -24.38 29.90
C UNK D 29 -7.19 -23.22 29.40
N UNK D 30 -6.87 -22.30 30.30
CA UNK D 30 -6.15 -21.09 29.94
C UNK D 30 -4.79 -21.44 29.38
N UNK D 31 -4.55 -21.06 28.12
CA UNK D 31 -3.29 -21.32 27.42
C UNK D 31 -2.98 -22.81 27.31
N UNK D 32 -3.98 -23.68 27.49
CA UNK D 32 -3.81 -25.12 27.40
C UNK D 32 -2.74 -25.63 28.37
N UNK D 33 -2.59 -24.96 29.51
CA UNK D 33 -1.56 -25.29 30.48
C UNK D 33 -2.00 -25.23 31.93
N UNK D 34 -3.28 -25.03 32.22
CA UNK D 34 -3.71 -24.91 33.61
C UNK D 34 -3.84 -26.26 34.30
N UNK D 35 -4.19 -27.31 33.56
CA UNK D 35 -4.48 -28.60 34.18
C UNK D 35 -3.25 -29.20 34.83
N UNK D 36 -3.43 -29.73 36.04
CA UNK D 36 -2.36 -30.36 36.79
C UNK D 36 -2.93 -31.55 37.56
N UNK D 37 -2.16 -32.64 37.60
CA UNK D 37 -2.63 -33.91 38.13
C UNK D 37 -1.89 -34.24 39.41
N UNK D 38 -2.64 -34.59 40.46
CA UNK D 38 -2.10 -34.91 41.76
C UNK D 38 -2.62 -36.27 42.19
N UNK D 39 -1.77 -37.01 42.92
CA UNK D 39 -2.07 -38.36 43.37
C UNK D 39 -2.03 -38.41 44.89
N UNK D 40 -3.01 -39.09 45.46
CA UNK D 40 -3.15 -39.18 46.91
C UNK D 40 -3.42 -40.61 47.32
N UNK D 41 -2.52 -41.18 48.11
CA UNK D 41 -2.76 -42.48 48.71
C UNK D 41 -3.83 -42.35 49.79
N UNK D 42 -4.33 -43.50 50.23
CA UNK D 42 -5.37 -43.51 51.26
C UNK D 42 -4.81 -42.97 52.56
N UNK D 43 -5.51 -42.02 53.17
CA UNK D 43 -5.12 -41.42 54.44
C UNK D 43 -3.73 -40.78 54.35
N UNK D 44 -3.62 -39.78 53.49
CA UNK D 44 -2.38 -39.04 53.35
C UNK D 44 -2.68 -37.75 52.59
N UNK D 45 -1.74 -36.82 52.65
CA UNK D 45 -1.86 -35.57 51.92
C UNK D 45 -1.62 -35.81 50.43
N UNK D 46 -2.41 -35.15 49.59
CA UNK D 46 -2.23 -35.26 48.16
C UNK D 46 -0.90 -34.63 47.74
N UNK D 47 -0.22 -35.28 46.80
CA UNK D 47 1.05 -34.82 46.26
C UNK D 47 0.89 -34.48 44.77
N UNK D 48 1.58 -33.44 44.33
CA UNK D 48 1.53 -33.06 42.92
C UNK D 48 2.29 -34.08 42.08
N UNK D 49 1.79 -34.34 40.87
CA UNK D 49 2.41 -35.27 39.94
C UNK D 49 2.65 -34.69 38.55
N UNK D 50 2.17 -33.49 38.26
CA UNK D 50 2.47 -32.83 37.00
C UNK D 50 2.21 -31.33 37.18
N UNK D 51 3.30 -30.54 37.18
CA UNK D 51 3.21 -29.13 37.57
C UNK D 51 2.27 -28.36 36.65
N UNK D 52 2.48 -28.47 35.35
CA UNK D 52 1.59 -27.95 34.32
C UNK D 52 1.15 -29.15 33.49
N UNK D 53 0.56 -28.88 32.33
CA UNK D 53 0.20 -29.99 31.45
C UNK D 53 1.45 -30.69 30.93
N UNK D 54 1.69 -31.92 31.40
CA UNK D 54 2.77 -32.76 30.91
C UNK D 54 4.15 -32.22 31.26
N UNK D 55 4.32 -31.73 32.49
CA UNK D 55 5.61 -31.31 33.01
C UNK D 55 5.81 -31.95 34.37
N UNK D 56 6.88 -32.74 34.51
CA UNK D 56 7.08 -33.50 35.74
C UNK D 56 7.39 -32.56 36.90
N UNK D 57 7.28 -33.11 38.11
CA UNK D 57 7.43 -32.37 39.36
C UNK D 57 8.39 -33.09 40.29
N UNK D 58 9.55 -33.48 39.76
CA UNK D 58 10.55 -34.22 40.52
C UNK D 58 10.02 -35.56 41.01
N UNK D 59 9.12 -36.17 40.24
CA UNK D 59 8.57 -37.48 40.52
C UNK D 59 9.24 -38.52 39.64
N UNK D 60 8.78 -39.76 39.73
CA UNK D 60 9.32 -40.82 38.89
C UNK D 60 9.02 -40.54 37.43
N UNK D 61 9.94 -40.93 36.55
CA UNK D 61 9.81 -40.67 35.13
C UNK D 61 8.74 -41.53 34.45
N UNK D 62 8.17 -42.51 35.16
CA UNK D 62 7.14 -43.35 34.55
C UNK D 62 5.93 -42.53 34.15
N UNK D 63 5.51 -41.60 35.00
CA UNK D 63 4.31 -40.82 34.73
C UNK D 63 4.51 -39.90 33.53
N UNK D 64 3.45 -39.75 32.74
CA UNK D 64 3.46 -38.89 31.58
C UNK D 64 2.03 -38.44 31.32
N UNK D 65 1.89 -37.38 30.52
CA UNK D 65 0.57 -36.81 30.29
C UNK D 65 0.53 -36.11 28.93
N UNK D 66 -0.67 -36.08 28.36
CA UNK D 66 -0.95 -35.38 27.11
C UNK D 66 -1.43 -33.97 27.42
N UNK D 67 -1.57 -33.17 26.37
CA UNK D 67 -1.93 -31.76 26.49
C UNK D 67 -2.95 -31.34 25.45
N UNK D 68 -4.02 -32.11 25.32
CA UNK D 68 -5.12 -31.68 24.47
C UNK D 68 -5.73 -30.41 25.03
N UNK D 69 -6.35 -29.61 24.16
CA UNK D 69 -6.86 -28.31 24.58
C UNK D 69 -7.96 -28.43 25.60
N UNK D 70 -8.78 -29.49 25.53
CA UNK D 70 -9.91 -29.66 26.45
C UNK D 70 -10.08 -31.10 26.92
N UNK D 71 -9.16 -32.01 26.57
CA UNK D 71 -9.27 -33.42 26.92
C UNK D 71 -7.94 -33.94 27.45
N UNK D 72 -7.35 -33.19 28.39
CA UNK D 72 -6.06 -33.57 28.94
C UNK D 72 -6.14 -34.91 29.63
N UNK D 73 -5.08 -35.72 29.49
CA UNK D 73 -5.05 -37.08 29.99
C UNK D 73 -3.66 -37.39 30.54
N UNK D 74 -3.62 -38.39 31.42
CA UNK D 74 -2.40 -38.87 32.05
C UNK D 74 -2.20 -40.34 31.73
N UNK D 75 -0.96 -40.81 31.83
CA UNK D 75 -0.64 -42.19 31.56
C UNK D 75 0.58 -42.61 32.35
N UNK D 76 0.51 -43.79 32.96
CA UNK D 76 1.58 -44.34 33.77
C UNK D 76 2.24 -45.49 33.00
N UNK D 77 3.57 -45.52 33.01
CA UNK D 77 4.29 -46.47 32.17
C UNK D 77 4.14 -47.90 32.69
N UNK D 78 4.68 -48.18 33.87
CA UNK D 78 4.68 -49.51 34.45
C UNK D 78 4.06 -49.43 35.83
N UNK D 79 2.84 -49.94 35.98
CA UNK D 79 2.08 -49.81 37.21
C UNK D 79 2.75 -50.66 38.30
N UNK D 80 3.72 -50.06 38.97
CA UNK D 80 4.35 -50.70 40.11
C UNK D 80 3.38 -50.73 41.29
N UNK D 81 3.74 -51.50 42.31
CA UNK D 81 2.88 -51.62 43.48
C UNK D 81 2.73 -50.29 44.21
N UNK D 82 3.75 -49.44 44.16
CA UNK D 82 3.68 -48.14 44.83
C UNK D 82 2.76 -47.15 44.13
N UNK D 83 2.29 -47.46 42.92
CA UNK D 83 1.45 -46.57 42.14
C UNK D 83 -0.03 -46.88 42.29
N UNK D 84 -0.45 -47.51 43.39
CA UNK D 84 -1.85 -47.83 43.64
C UNK D 84 -2.44 -46.77 44.56
N UNK D 85 -3.22 -45.86 44.01
CA UNK D 85 -3.80 -44.76 44.79
C UNK D 85 -4.81 -44.04 43.92
N UNK D 86 -5.54 -43.12 44.55
CA UNK D 86 -6.49 -42.29 43.82
C UNK D 86 -5.79 -41.08 43.22
N UNK D 87 -6.03 -40.83 41.94
CA UNK D 87 -5.40 -39.76 41.18
C UNK D 87 -6.45 -38.73 40.79
N UNK D 88 -6.15 -37.45 41.00
CA UNK D 88 -7.08 -36.36 40.79
C UNK D 88 -6.44 -35.27 39.96
N UNK D 89 -7.29 -34.49 39.28
CA UNK D 89 -6.85 -33.43 38.37
C UNK D 89 -7.49 -32.10 38.77
N UNK D 90 -6.70 -31.03 38.73
CA UNK D 90 -7.15 -29.68 39.02
C UNK D 90 -7.24 -28.88 37.74
N UNK D 91 -8.13 -27.90 37.70
CA UNK D 91 -8.32 -27.04 36.54
C UNK D 91 -8.64 -25.63 37.01
N UNK D 92 -8.30 -24.65 36.16
CA UNK D 92 -8.41 -23.25 36.49
C UNK D 92 -9.19 -22.52 35.41
N UNK D 93 -9.99 -21.54 35.83
CA UNK D 93 -10.80 -20.72 34.94
C UNK D 93 -10.10 -19.40 34.68
N UNK D 94 -10.68 -18.62 33.75
CA UNK D 94 -10.18 -17.27 33.53
C UNK D 94 -10.37 -16.41 34.77
N UNK D 95 -11.54 -16.52 35.41
CA UNK D 95 -11.75 -15.90 36.70
C UNK D 95 -10.94 -16.66 37.76
N UNK D 96 -11.07 -16.26 39.01
CA UNK D 96 -10.30 -16.89 40.07
C UNK D 96 -10.71 -18.33 40.32
N UNK D 97 -11.90 -18.74 39.88
CA UNK D 97 -12.44 -20.04 40.25
C UNK D 97 -11.60 -21.17 39.68
N UNK D 98 -11.28 -22.15 40.52
CA UNK D 98 -10.57 -23.37 40.13
C UNK D 98 -11.23 -24.54 40.84
N UNK D 99 -11.24 -25.69 40.17
CA UNK D 99 -11.94 -26.87 40.67
C UNK D 99 -11.09 -28.10 40.45
N UNK D 100 -11.25 -29.08 41.34
CA UNK D 100 -10.58 -30.36 41.26
C UNK D 100 -11.60 -31.44 40.96
N UNK D 101 -11.34 -32.24 39.94
CA UNK D 101 -12.29 -33.25 39.51
C UNK D 101 -12.30 -34.43 40.46
N UNK D 102 -13.30 -35.28 40.31
CA UNK D 102 -13.36 -36.52 41.06
C UNK D 102 -12.19 -37.42 40.68
N UNK D 103 -11.67 -38.14 41.66
CA UNK D 103 -10.47 -38.93 41.45
C UNK D 103 -10.78 -40.25 40.75
N UNK D 104 -9.77 -40.81 40.11
CA UNK D 104 -9.82 -42.15 39.53
C UNK D 104 -8.97 -43.07 40.39
N UNK D 105 -9.53 -44.20 40.79
CA UNK D 105 -8.87 -45.13 41.71
C UNK D 105 -8.16 -46.20 40.90
N UNK D 106 -6.89 -45.98 40.62
CA UNK D 106 -6.08 -47.00 39.96
C UNK D 106 -5.65 -48.06 40.97
N UNK D 107 -5.73 -49.32 40.55
CA UNK D 107 -5.40 -50.46 41.40
C UNK D 107 -4.41 -51.35 40.68
N UNK D 108 -3.29 -51.66 41.35
CA UNK D 108 -2.25 -52.50 40.79
C UNK D 108 -2.53 -53.94 41.19
N UNK D 109 -2.90 -54.77 40.22
CA UNK D 109 -3.22 -56.16 40.48
C UNK D 109 -1.97 -57.00 40.56
N UNK E 1 10.45 -26.71 52.82
CA UNK E 1 9.55 -26.12 53.85
C UNK E 1 8.43 -27.09 54.19
N UNK E 2 7.52 -26.66 55.07
CA UNK E 2 6.42 -27.51 55.50
C UNK E 2 5.31 -26.61 56.03
N UNK E 3 4.14 -27.22 56.21
CA UNK E 3 2.98 -26.53 56.74
C UNK E 3 2.17 -27.53 57.56
N UNK E 4 1.30 -27.01 58.42
CA UNK E 4 0.48 -27.87 59.28
C UNK E 4 -0.80 -27.14 59.67
N UNK E 5 -1.92 -27.83 59.54
CA UNK E 5 -3.20 -27.32 60.00
C UNK E 5 -3.40 -27.65 61.47
N UNK E 6 -4.44 -27.07 62.07
CA UNK E 6 -4.73 -27.29 63.48
C UNK E 6 -6.10 -26.72 63.82
N UNK E 7 -6.53 -26.96 65.05
CA UNK E 7 -7.71 -26.34 65.64
C UNK E 7 -9.01 -26.81 64.99
N UNK E 8 -9.12 -28.13 64.78
CA UNK E 8 -10.35 -28.76 64.34
C UNK E 8 -10.97 -29.54 65.50
N UNK E 9 -12.30 -29.64 65.50
CA UNK E 9 -13.00 -30.27 66.61
C UNK E 9 -14.38 -30.71 66.13
N UNK E 10 -15.02 -31.54 66.96
CA UNK E 10 -16.38 -32.02 66.70
C UNK E 10 -17.36 -30.92 67.12
N UNK E 11 -17.48 -29.91 66.27
CA UNK E 11 -18.32 -28.76 66.58
C UNK E 11 -19.79 -29.16 66.62
N UNK E 12 -20.56 -28.40 67.37
CA UNK E 12 -22.00 -28.62 67.43
C UNK E 12 -22.63 -28.27 66.08
N UNK E 13 -23.75 -28.92 65.80
CA UNK E 13 -24.44 -28.69 64.54
C UNK E 13 -24.87 -27.23 64.43
N UNK E 14 -24.65 -26.64 63.26
CA UNK E 14 -25.03 -25.26 62.98
C UNK E 14 -24.36 -24.27 63.94
N UNK E 15 -23.10 -24.52 64.26
CA UNK E 15 -22.31 -23.67 65.14
C UNK E 15 -21.05 -23.19 64.42
N UNK E 16 -20.68 -21.95 64.72
CA UNK E 16 -19.50 -21.36 64.09
C UNK E 16 -18.23 -22.03 64.59
N UNK E 17 -17.18 -21.93 63.77
CA UNK E 17 -15.90 -22.55 64.10
C UNK E 17 -14.81 -21.83 63.32
N UNK E 18 -13.56 -22.08 63.73
CA UNK E 18 -12.40 -21.51 63.07
C UNK E 18 -11.24 -22.49 63.16
N UNK E 19 -10.36 -22.43 62.17
CA UNK E 19 -9.18 -23.29 62.10
C UNK E 19 -7.99 -22.45 61.68
N UNK E 20 -6.79 -22.92 62.04
CA UNK E 20 -5.55 -22.19 61.81
C UNK E 20 -4.52 -23.11 61.19
N UNK E 21 -3.63 -22.53 60.38
CA UNK E 21 -2.56 -23.25 59.71
C UNK E 21 -1.28 -22.45 59.85
N UNK E 22 -0.23 -23.11 60.37
CA UNK E 22 1.06 -22.48 60.60
C UNK E 22 2.07 -23.08 59.64
N UNK E 23 2.97 -22.24 59.14
CA UNK E 23 3.95 -22.61 58.14
C UNK E 23 5.35 -22.50 58.73
N UNK E 24 6.19 -23.49 58.42
CA UNK E 24 7.59 -23.50 58.80
C UNK E 24 8.44 -23.20 57.58
N UNK E 25 9.50 -22.42 57.77
CA UNK E 25 10.38 -21.98 56.67
C UNK E 25 9.51 -21.15 55.73
N UNK E 26 9.64 -21.31 54.41
CA UNK E 26 8.85 -20.54 53.44
C UNK E 26 9.04 -19.05 53.64
N UNK E 27 10.26 -18.58 53.35
CA UNK E 27 10.62 -17.20 53.61
C UNK E 27 9.89 -16.23 52.68
N UNK E 28 9.85 -16.54 51.38
CA UNK E 28 9.32 -15.60 50.40
C UNK E 28 7.81 -15.43 50.57
N UNK E 29 7.32 -14.24 50.19
CA UNK E 29 5.92 -13.88 50.29
C UNK E 29 5.20 -13.95 48.95
N UNK E 30 5.78 -14.62 47.95
CA UNK E 30 5.13 -14.73 46.64
C UNK E 30 4.10 -15.86 46.59
N UNK E 31 4.30 -16.92 47.37
CA UNK E 31 3.42 -18.08 47.30
C UNK E 31 2.08 -17.79 47.94
N UNK E 32 1.00 -18.20 47.28
CA UNK E 32 -0.36 -17.97 47.75
C UNK E 32 -0.88 -19.20 48.50
N UNK E 33 -1.20 -19.01 49.77
CA UNK E 33 -1.73 -20.09 50.59
C UNK E 33 -3.22 -20.27 50.33
N UNK E 34 -3.67 -21.52 50.40
CA UNK E 34 -5.06 -21.85 50.13
C UNK E 34 -5.43 -23.10 50.92
N UNK E 35 -6.73 -23.24 51.20
CA UNK E 35 -7.26 -24.32 52.01
C UNK E 35 -8.22 -25.14 51.18
N UNK E 36 -8.03 -26.46 51.20
CA UNK E 36 -8.88 -27.41 50.49
C UNK E 36 -9.35 -28.49 51.47
N UNK E 37 -10.54 -29.01 51.23
CA UNK E 37 -11.17 -29.97 52.13
C UNK E 37 -11.81 -31.09 51.32
N UNK E 38 -11.68 -32.31 51.82
CA UNK E 38 -12.22 -33.50 51.19
C UNK E 38 -13.12 -34.22 52.19
N UNK E 39 -14.33 -34.56 51.75
CA UNK E 39 -15.26 -35.28 52.61
C UNK E 39 -14.75 -36.71 52.81
N UNK E 40 -15.56 -37.52 53.52
CA UNK E 40 -15.15 -38.88 53.82
C UNK E 40 -15.00 -39.70 52.54
N UNK E 41 -15.89 -39.51 51.58
CA UNK E 41 -15.94 -40.32 50.36
C UNK E 41 -16.16 -39.42 49.14
N UNK E 42 -15.33 -38.40 49.01
CA UNK E 42 -15.42 -37.49 47.87
C UNK E 42 -14.05 -36.89 47.62
N UNK E 43 -13.87 -36.33 46.43
CA UNK E 43 -12.61 -35.71 46.08
C UNK E 43 -12.49 -34.33 46.72
N UNK E 44 -11.28 -33.80 46.70
CA UNK E 44 -11.02 -32.51 47.31
C UNK E 44 -11.72 -31.41 46.53
N UNK E 45 -12.04 -30.31 47.22
CA UNK E 45 -12.62 -29.12 46.62
C UNK E 45 -11.96 -27.89 47.23
N UNK E 46 -11.60 -26.92 46.38
CA UNK E 46 -10.95 -25.72 46.87
C UNK E 46 -11.93 -24.90 47.69
N UNK E 47 -11.54 -24.56 48.92
CA UNK E 47 -12.40 -23.79 49.81
C UNK E 47 -12.16 -22.29 49.70
N UNK E 48 -10.90 -21.87 49.68
CA UNK E 48 -10.55 -20.45 49.57
C UNK E 48 -9.06 -20.33 49.32
N UNK E 49 -8.62 -19.10 49.05
CA UNK E 49 -7.21 -18.82 48.84
C UNK E 49 -6.94 -17.36 49.14
N UNK E 50 -5.79 -17.10 49.77
CA UNK E 50 -5.38 -15.75 50.15
C UNK E 50 -3.91 -15.58 49.87
N UNK E 51 -3.56 -14.54 49.12
CA UNK E 51 -2.18 -14.31 48.74
C UNK E 51 -1.34 -13.93 49.95
N UNK E 52 -0.06 -14.30 49.92
CA UNK E 52 0.85 -13.98 51.00
C UNK E 52 1.36 -12.55 50.96
N UNK E 53 1.13 -11.82 49.86
CA UNK E 53 1.52 -10.43 49.75
C UNK E 53 0.41 -9.67 49.02
N UNK E 54 0.18 -8.43 49.44
CA UNK E 54 -0.83 -7.52 48.91
C UNK E 54 -2.25 -7.90 49.33
N UNK E 55 -2.44 -8.96 50.11
CA UNK E 55 -3.73 -9.28 50.73
C UNK E 55 -4.82 -9.57 49.71
N UNK E 56 -4.46 -10.15 48.57
CA UNK E 56 -5.46 -10.63 47.63
C UNK E 56 -6.13 -11.88 48.18
N UNK E 57 -7.41 -12.06 47.84
CA UNK E 57 -8.17 -13.20 48.33
C UNK E 57 -9.23 -13.58 47.32
N UNK E 58 -9.36 -14.88 47.07
CA UNK E 58 -10.36 -15.42 46.16
C UNK E 58 -10.99 -16.64 46.80
N UNK E 59 -12.31 -16.76 46.64
CA UNK E 59 -13.10 -17.82 47.28
C UNK E 59 -13.99 -18.48 46.24
N UNK E 60 -14.22 -19.78 46.42
CA UNK E 60 -15.03 -20.53 45.49
C UNK E 60 -16.51 -20.24 45.69
N UNK E 61 -17.30 -20.53 44.65
CA UNK E 61 -18.73 -20.25 44.70
C UNK E 61 -19.45 -21.15 45.69
N UNK E 62 -18.96 -22.38 45.90
CA UNK E 62 -19.61 -23.29 46.81
C UNK E 62 -19.65 -22.76 48.24
N UNK E 63 -18.69 -21.92 48.62
CA UNK E 63 -18.62 -21.37 49.97
C UNK E 63 -18.27 -19.89 49.95
N UNK E 64 -18.83 -19.14 49.00
CA UNK E 64 -18.59 -17.70 48.96
C UNK E 64 -19.12 -16.99 50.20
N UNK E 65 -20.11 -17.55 50.88
CA UNK E 65 -20.66 -17.01 52.11
C UNK E 65 -20.46 -18.03 53.22
N UNK E 66 -20.51 -17.54 54.46
CA UNK E 66 -20.31 -18.38 55.64
C UNK E 66 -18.92 -19.01 55.65
N UNK E 67 -17.94 -18.34 55.05
CA UNK E 67 -16.56 -18.80 55.12
C UNK E 67 -15.63 -17.67 54.68
N UNK E 68 -14.67 -17.31 55.54
CA UNK E 68 -13.76 -16.21 55.26
C UNK E 68 -12.36 -16.61 55.70
N UNK E 69 -11.38 -16.35 54.83
CA UNK E 69 -9.98 -16.64 55.08
C UNK E 69 -9.20 -15.34 55.05
N UNK E 70 -8.44 -15.09 56.10
CA UNK E 70 -7.64 -13.88 56.20
C UNK E 70 -6.35 -14.20 56.94
N UNK E 71 -5.30 -13.45 56.61
CA UNK E 71 -4.00 -13.67 57.22
C UNK E 71 -3.96 -13.09 58.63
N UNK E 72 -3.54 -13.91 59.59
CA UNK E 72 -3.40 -13.47 60.97
C UNK E 72 -2.02 -12.90 61.25
N UNK E 73 -0.98 -13.47 60.63
CA UNK E 73 0.38 -13.01 60.81
C UNK E 73 1.25 -13.70 59.77
N UNK E 74 2.55 -13.40 59.81
CA UNK E 74 3.48 -14.06 58.92
C UNK E 74 3.52 -15.55 59.21
N UNK E 75 3.41 -16.36 58.17
CA UNK E 75 3.41 -17.82 58.30
C UNK E 75 2.29 -18.29 59.24
N UNK E 76 1.11 -17.70 59.09
CA UNK E 76 -0.04 -18.10 59.90
C UNK E 76 -1.30 -17.53 59.28
N UNK E 77 -2.26 -18.39 58.98
CA UNK E 77 -3.53 -17.99 58.38
C UNK E 77 -4.67 -18.69 59.11
N UNK E 78 -5.84 -18.08 59.07
CA UNK E 78 -7.03 -18.59 59.75
C UNK E 78 -8.22 -18.55 58.80
N UNK E 79 -8.97 -19.64 58.77
CA UNK E 79 -10.15 -19.79 57.91
C UNK E 79 -11.36 -20.02 58.79
N UNK E 80 -12.25 -19.03 58.84
CA UNK E 80 -13.44 -19.10 59.67
C UNK E 80 -14.59 -19.74 58.89
N UNK E 81 -15.57 -20.25 59.63
CA UNK E 81 -16.73 -20.89 59.04
C UNK E 81 -17.94 -20.59 59.90
N UNK E 82 -19.12 -20.67 59.27
CA UNK E 82 -20.39 -20.43 59.95
C UNK E 82 -21.42 -21.41 59.42
N UNK E 83 -22.44 -21.67 60.25
CA UNK E 83 -23.51 -22.60 59.90
C UNK E 83 -22.94 -23.97 59.52
N UNK E 84 -22.00 -24.45 60.32
CA UNK E 84 -21.28 -25.69 60.02
C UNK E 84 -22.24 -26.85 60.21
N UNK E 85 -23.04 -27.10 59.18
CA UNK E 85 -23.94 -28.24 59.20
C UNK E 85 -23.15 -29.54 59.21
N UNK E 86 -23.85 -30.64 59.51
CA UNK E 86 -23.21 -31.94 59.48
C UNK E 86 -22.67 -32.29 58.10
N UNK E 87 -23.29 -31.73 57.05
CA UNK E 87 -22.82 -31.93 55.69
C UNK E 87 -21.47 -31.27 55.42
N UNK E 88 -20.97 -30.43 56.32
CA UNK E 88 -19.68 -29.78 56.17
C UNK E 88 -18.54 -30.57 56.81
N UNK E 89 -18.80 -31.79 57.30
CA UNK E 89 -17.74 -32.60 57.87
C UNK E 89 -16.79 -33.04 56.77
N UNK E 90 -15.48 -32.86 57.00
CA UNK E 90 -14.47 -33.17 56.00
C UNK E 90 -13.11 -32.91 56.60
N UNK E 91 -12.09 -33.59 56.07
CA UNK E 91 -10.72 -33.38 56.51
C UNK E 91 -10.11 -32.22 55.74
N UNK E 92 -10.01 -31.06 56.38
CA UNK E 92 -9.50 -29.85 55.75
C UNK E 92 -7.98 -29.83 55.80
N UNK E 93 -7.37 -29.34 54.72
CA UNK E 93 -5.92 -29.32 54.60
C UNK E 93 -5.51 -28.07 53.83
N UNK E 94 -4.39 -27.48 54.26
CA UNK E 94 -3.85 -26.29 53.61
C UNK E 94 -2.93 -26.69 52.47
N UNK E 95 -2.63 -25.72 51.60
CA UNK E 95 -1.74 -25.96 50.48
C UNK E 95 -1.13 -24.65 50.03
N UNK E 96 0.11 -24.72 49.55
CA UNK E 96 0.84 -23.56 49.06
C UNK E 96 0.68 -23.51 47.54
N UNK E 97 -0.10 -22.56 47.06
CA UNK E 97 -0.41 -22.46 45.64
C UNK E 97 0.62 -21.58 44.94
N UNK E 98 1.37 -22.17 44.03
CA UNK E 98 2.39 -21.42 43.31
C UNK E 98 1.76 -20.33 42.47
N UNK E 99 2.45 -19.20 42.38
CA UNK E 99 1.98 -18.08 41.59
C UNK E 99 2.09 -18.40 40.12
N UNK E 100 1.13 -17.94 39.33
CA UNK E 100 1.11 -18.17 37.89
C UNK E 100 0.47 -16.98 37.20
N UNK E 101 1.15 -16.43 36.20
CA UNK E 101 0.65 -15.23 35.53
C UNK E 101 -0.61 -15.53 34.74
N UNK E 102 -1.56 -14.60 34.80
CA UNK E 102 -2.76 -14.61 33.98
C UNK E 102 -2.93 -13.28 33.26
N UNK E 103 -1.81 -12.64 32.90
CA UNK E 103 -1.83 -11.35 32.19
C UNK E 103 -2.12 -10.21 33.18
N UNK E 104 -3.29 -10.23 33.82
CA UNK E 104 -3.66 -9.17 34.78
C UNK E 104 -2.68 -9.19 35.96
N UNK E 105 -2.37 -10.37 36.50
CA UNK E 105 -1.42 -10.50 37.63
C UNK E 105 -1.06 -11.98 37.81
N UNK E 106 -0.73 -12.40 39.03
CA UNK E 106 -0.44 -13.81 39.26
C UNK E 106 -1.52 -14.43 40.14
N UNK E 107 -2.20 -15.45 39.62
CA UNK E 107 -3.28 -16.13 40.31
C UNK E 107 -2.83 -17.50 40.80
N UNK E 108 -3.58 -18.03 41.76
CA UNK E 108 -3.21 -19.28 42.42
C UNK E 108 -3.44 -20.45 41.48
N UNK E 109 -2.39 -21.24 41.24
CA UNK E 109 -2.47 -22.40 40.37
C UNK E 109 -1.42 -23.41 40.81
N UNK E 110 -1.64 -24.67 40.45
CA UNK E 110 -0.68 -25.75 40.67
C UNK E 110 -0.34 -25.88 42.15
N UNK E 111 -1.36 -26.22 42.93
CA UNK E 111 -1.20 -26.34 44.38
C UNK E 111 -0.15 -27.39 44.72
N UNK E 112 0.89 -26.97 45.43
CA UNK E 112 2.02 -27.83 45.79
C UNK E 112 2.29 -27.70 47.28
N UNK E 113 2.96 -28.71 47.83
CA UNK E 113 3.32 -28.75 49.25
C UNK E 113 2.07 -28.69 50.12
N UNK E 114 1.16 -29.64 49.88
CA UNK E 114 -0.04 -29.72 50.70
C UNK E 114 0.31 -30.13 52.12
N UNK E 115 -0.32 -29.47 53.09
CA UNK E 115 -0.01 -29.68 54.48
C UNK E 115 -0.72 -30.93 55.02
N UNK E 116 -0.30 -31.35 56.21
CA UNK E 116 -0.99 -32.44 56.88
C UNK E 116 -2.43 -32.04 57.21
N UNK E 117 -3.36 -32.96 56.98
CA UNK E 117 -4.77 -32.65 57.09
C UNK E 117 -5.23 -32.60 58.54
N UNK E 118 -6.27 -31.82 58.77
CA UNK E 118 -6.94 -31.71 60.07
C UNK E 118 -8.39 -32.16 59.91
N UNK E 119 -8.84 -33.02 60.83
CA UNK E 119 -10.16 -33.64 60.73
C UNK E 119 -11.19 -32.75 61.43
N UNK E 120 -12.02 -32.08 60.63
CA UNK E 120 -13.15 -31.31 61.15
C UNK E 120 -14.42 -32.11 61.00
N UNK E 121 -15.21 -32.16 62.07
CA UNK E 121 -16.47 -32.90 62.09
C UNK E 121 -17.53 -32.05 62.76
N UNK E 122 -18.78 -32.30 62.37
CA UNK E 122 -19.92 -31.57 62.91
C UNK E 122 -21.02 -32.57 63.22
N UNK E 123 -21.50 -32.56 64.45
CA UNK E 123 -22.55 -33.48 64.88
C UNK E 123 -23.37 -32.81 65.98
N UNK E 124 -24.58 -33.34 66.18
CA UNK E 124 -25.47 -32.86 67.23
C UNK E 124 -25.39 -33.78 68.44
N UNK F 1 -23.18 -35.66 33.43
CA UNK F 1 -23.56 -35.92 32.02
C UNK F 1 -24.66 -34.96 31.58
N UNK F 2 -24.74 -34.71 30.28
CA UNK F 2 -25.77 -33.82 29.74
C UNK F 2 -27.12 -34.53 29.69
N UNK F 3 -28.18 -33.73 29.76
CA UNK F 3 -29.53 -34.28 29.79
C UNK F 3 -29.89 -34.90 28.45
N UNK F 4 -30.69 -35.97 28.51
CA UNK F 4 -31.14 -36.68 27.31
C UNK F 4 -32.60 -36.30 27.06
N UNK F 5 -32.79 -35.21 26.33
CA UNK F 5 -34.13 -34.69 26.06
C UNK F 5 -34.85 -35.54 25.02
N UNK F 6 -36.18 -35.48 25.05
CA UNK F 6 -37.00 -36.25 24.13
C UNK F 6 -38.34 -35.54 23.97
N UNK F 7 -39.06 -35.90 22.93
CA UNK F 7 -40.39 -35.36 22.70
C UNK F 7 -41.39 -35.97 23.67
N UNK F 8 -42.56 -35.32 23.78
CA UNK F 8 -43.60 -35.78 24.68
C UNK F 8 -44.20 -37.09 24.15
N UNK F 9 -45.24 -37.56 24.84
CA UNK F 9 -45.92 -38.78 24.43
C UNK F 9 -46.60 -38.59 23.08
N UNK F 10 -46.37 -39.54 22.18
CA UNK F 10 -46.91 -39.48 20.82
C UNK F 10 -48.24 -40.23 20.75
N UNK F 11 -48.91 -40.06 19.62
CA UNK F 11 -50.24 -40.64 19.40
C UNK F 11 -50.13 -41.95 18.64
N UNK F 12 -50.86 -42.96 19.11
CA UNK F 12 -50.88 -44.28 18.49
C UNK F 12 -51.88 -44.28 17.34
N UNK F 13 -51.41 -43.88 16.17
CA UNK F 13 -52.17 -43.94 14.93
C UNK F 13 -51.74 -45.20 14.18
N UNK F 14 -52.58 -46.22 14.21
CA UNK F 14 -52.22 -47.50 13.62
C UNK F 14 -52.10 -47.40 12.10
N UNK F 15 -51.27 -48.26 11.53
CA UNK F 15 -51.05 -48.32 10.09
C UNK F 15 -50.56 -46.97 9.55
N UNK F 16 -49.71 -46.31 10.31
CA UNK F 16 -49.19 -45.00 9.92
C UNK F 16 -47.79 -44.83 10.47
N UNK F 17 -47.03 -43.93 9.84
CA UNK F 17 -45.69 -43.61 10.30
C UNK F 17 -45.75 -42.69 11.50
N UNK F 18 -44.68 -42.73 12.30
CA UNK F 18 -44.57 -41.87 13.48
C UNK F 18 -43.10 -41.47 13.63
N UNK F 19 -42.89 -40.36 14.31
CA UNK F 19 -41.54 -39.81 14.50
C UNK F 19 -41.42 -39.27 15.91
N UNK F 20 -40.18 -39.20 16.38
CA UNK F 20 -39.87 -38.68 17.71
C UNK F 20 -38.56 -37.92 17.64
N UNK F 21 -38.48 -36.83 18.39
CA UNK F 21 -37.30 -35.97 18.43
C UNK F 21 -36.55 -36.14 19.74
N UNK F 22 -35.31 -35.67 19.75
CA UNK F 22 -34.47 -35.70 20.95
C UNK F 22 -33.35 -34.69 20.76
N UNK F 23 -32.72 -34.33 21.88
CA UNK F 23 -31.62 -33.38 21.88
C UNK F 23 -30.55 -33.83 22.86
N UNK F 24 -29.31 -33.42 22.58
CA UNK F 24 -28.16 -33.83 23.37
C UNK F 24 -27.87 -32.93 24.56
N UNK F 25 -28.69 -31.89 24.79
CA UNK F 25 -28.47 -30.94 25.88
C UNK F 25 -27.07 -30.32 25.80
N UNK F 26 -26.71 -29.89 24.60
CA UNK F 26 -25.45 -29.19 24.30
C UNK F 26 -24.22 -30.06 24.44
N UNK F 27 -24.38 -31.38 24.56
CA UNK F 27 -23.22 -32.26 24.61
C UNK F 27 -22.50 -32.30 23.27
N UNK F 28 -23.25 -32.42 22.18
CA UNK F 28 -22.68 -32.48 20.83
C UNK F 28 -21.72 -33.66 20.68
N UNK F 29 -22.27 -34.87 20.88
CA UNK F 29 -21.52 -36.10 20.71
C UNK F 29 -21.84 -36.74 19.37
N UNK F 30 -20.81 -37.30 18.73
CA UNK F 30 -21.00 -37.94 17.43
C UNK F 30 -21.80 -39.24 17.55
N UNK F 31 -21.48 -40.05 18.56
CA UNK F 31 -22.17 -41.31 18.76
C UNK F 31 -23.59 -41.08 19.29
N UNK F 32 -24.45 -42.07 19.06
CA UNK F 32 -25.82 -42.04 19.57
C UNK F 32 -26.40 -43.44 19.44
N UNK F 33 -27.50 -43.67 20.17
CA UNK F 33 -28.15 -44.97 20.14
C UNK F 33 -29.59 -44.80 20.60
N UNK F 34 -30.42 -45.80 20.25
CA UNK F 34 -31.83 -45.79 20.59
C UNK F 34 -32.26 -47.21 20.89
N UNK F 35 -33.02 -47.37 21.98
CA UNK F 35 -33.47 -48.67 22.45
C UNK F 35 -34.99 -48.68 22.53
N UNK F 36 -35.58 -49.79 22.08
CA UNK F 36 -37.03 -49.99 22.07
C UNK F 36 -37.38 -50.90 23.24
N UNK F 37 -38.25 -50.40 24.13
CA UNK F 37 -38.60 -51.09 25.36
C UNK F 37 -40.05 -51.56 25.29
N UNK F 38 -40.23 -52.86 25.04
CA UNK F 38 -41.55 -53.46 25.12
C UNK F 38 -41.93 -53.68 26.58
N UNK F 39 -43.23 -53.64 26.85
CA UNK F 39 -43.73 -53.85 28.20
C UNK F 39 -43.43 -55.27 28.66
N UNK F 40 -43.01 -55.40 29.91
CA UNK F 40 -42.67 -56.70 30.50
C UNK F 40 -41.59 -57.41 29.70
N UNK F 41 -40.61 -56.64 29.23
CA UNK F 41 -39.51 -57.21 28.47
C UNK F 41 -38.35 -56.23 28.48
N UNK F 42 -37.13 -56.79 28.42
CA UNK F 42 -35.94 -55.97 28.33
C UNK F 42 -35.92 -55.23 27.00
N UNK F 43 -35.31 -54.05 27.02
CA UNK F 43 -35.27 -53.23 25.82
C UNK F 43 -34.37 -53.86 24.76
N UNK F 44 -34.69 -53.59 23.49
CA UNK F 44 -33.94 -54.08 22.35
C UNK F 44 -33.32 -52.93 21.57
N UNK F 45 -32.09 -53.12 21.10
CA UNK F 45 -31.38 -52.08 20.37
C UNK F 45 -32.06 -51.81 19.03
N UNK F 46 -32.39 -50.54 18.79
CA UNK F 46 -33.09 -50.12 17.58
C UNK F 46 -32.20 -49.39 16.58
N UNK F 47 -30.98 -49.01 16.96
CA UNK F 47 -30.07 -48.35 16.04
C UNK F 47 -28.66 -48.44 16.60
N UNK F 48 -27.77 -49.09 15.83
CA UNK F 48 -26.39 -49.27 16.31
C UNK F 48 -25.65 -47.95 16.41
N UNK F 49 -26.00 -46.97 15.58
CA UNK F 49 -25.36 -45.66 15.58
C UNK F 49 -26.44 -44.62 15.39
N UNK F 50 -26.03 -43.39 15.07
CA UNK F 50 -26.98 -42.29 14.94
C UNK F 50 -28.00 -42.56 13.86
N UNK F 51 -27.56 -43.08 12.71
CA UNK F 51 -28.44 -43.44 11.60
C UNK F 51 -28.50 -44.94 11.35
N UNK F 52 -27.44 -45.68 11.70
CA UNK F 52 -27.37 -47.10 11.40
C UNK F 52 -28.46 -47.86 12.15
N UNK F 53 -29.07 -48.82 11.47
CA UNK F 53 -30.09 -49.67 12.04
C UNK F 53 -29.47 -50.93 12.64
N UNK F 54 -30.02 -51.36 13.77
CA UNK F 54 -29.52 -52.55 14.45
C UNK F 54 -29.77 -53.79 13.59
N UNK F 55 -28.93 -54.80 13.79
CA UNK F 55 -29.09 -56.05 13.06
C UNK F 55 -30.40 -56.71 13.44
N UNK F 56 -31.08 -57.28 12.44
CA UNK F 56 -32.38 -57.93 12.60
C UNK F 56 -33.46 -56.94 13.05
N UNK F 57 -33.31 -55.67 12.71
CA UNK F 57 -34.28 -54.65 13.08
C UNK F 57 -35.37 -54.54 12.00
N UNK F 58 -36.36 -53.71 12.28
CA UNK F 58 -37.39 -53.41 11.29
C UNK F 58 -36.86 -52.43 10.26
N UNK F 59 -36.81 -52.87 9.00
CA UNK F 59 -36.32 -52.00 7.93
C UNK F 59 -37.20 -50.77 7.72
N UNK F 60 -38.45 -50.81 8.20
CA UNK F 60 -39.36 -49.67 8.07
C UNK F 60 -39.13 -48.66 9.19
N UNK F 61 -37.89 -48.19 9.29
CA UNK F 61 -37.49 -47.25 10.33
C UNK F 61 -36.34 -46.40 9.80
N UNK F 62 -36.21 -45.20 10.36
CA UNK F 62 -35.19 -44.27 9.91
C UNK F 62 -34.87 -43.31 11.04
N UNK F 63 -33.71 -42.67 10.94
CA UNK F 63 -33.26 -41.73 11.96
C UNK F 63 -32.24 -40.79 11.33
N UNK F 64 -32.02 -39.66 12.01
CA UNK F 64 -31.04 -38.68 11.56
C UNK F 64 -30.60 -37.87 12.78
N UNK F 65 -29.39 -37.33 12.69
CA UNK F 65 -28.76 -36.61 13.79
C UNK F 65 -28.12 -35.34 13.27
N UNK F 66 -28.65 -34.19 13.71
CA UNK F 66 -28.05 -32.89 13.42
C UNK F 66 -27.21 -32.49 14.63
N UNK F 67 -26.12 -33.24 14.83
CA UNK F 67 -25.22 -33.05 15.97
C UNK F 67 -25.98 -33.14 17.30
N UNK F 68 -26.34 -32.01 17.90
CA UNK F 68 -26.99 -32.05 19.20
C UNK F 68 -28.40 -32.65 19.10
N UNK F 69 -29.16 -32.24 18.09
CA UNK F 69 -30.52 -32.74 17.89
C UNK F 69 -30.49 -34.04 17.10
N UNK F 70 -31.47 -34.90 17.38
CA UNK F 70 -31.60 -36.16 16.67
C UNK F 70 -33.07 -36.56 16.66
N UNK F 71 -33.44 -37.35 15.65
CA UNK F 71 -34.81 -37.80 15.48
C UNK F 71 -34.81 -39.22 14.93
N UNK F 72 -35.86 -39.96 15.27
CA UNK F 72 -36.06 -41.30 14.76
C UNK F 72 -37.52 -41.44 14.35
N UNK F 73 -37.76 -42.26 13.33
CA UNK F 73 -39.10 -42.41 12.79
C UNK F 73 -39.30 -43.82 12.25
N UNK F 74 -40.53 -44.31 12.39
CA UNK F 74 -40.95 -45.60 11.88
C UNK F 74 -41.84 -45.38 10.65
N UNK F 75 -41.53 -46.08 9.56
CA UNK F 75 -42.27 -45.87 8.32
C UNK F 75 -43.64 -46.55 8.33
N UNK F 76 -43.75 -47.70 8.97
CA UNK F 76 -45.01 -48.42 9.10
C UNK F 76 -45.17 -48.86 10.55
N UNK F 77 -46.42 -49.09 10.95
CA UNK F 77 -46.74 -49.38 12.33
C UNK F 77 -47.94 -50.30 12.40
N UNK F 78 -48.18 -50.82 13.61
CA UNK F 78 -49.32 -51.68 13.87
C UNK F 78 -49.58 -51.67 15.37
N UNK F 79 -50.65 -52.36 15.78
CA UNK F 79 -50.98 -52.42 17.20
C UNK F 79 -49.88 -53.13 17.98
N UNK F 80 -49.22 -54.11 17.38
CA UNK F 80 -48.15 -54.84 18.04
C UNK F 80 -46.79 -54.15 17.93
N UNK F 81 -46.65 -53.13 17.09
CA UNK F 81 -45.39 -52.42 16.92
C UNK F 81 -45.25 -51.19 17.81
N UNK F 82 -46.23 -50.91 18.67
CA UNK F 82 -46.10 -49.81 19.62
C UNK F 82 -45.22 -50.22 20.79
N UNK F 83 -44.28 -49.35 21.15
CA UNK F 83 -43.34 -49.65 22.22
C UNK F 83 -42.74 -48.34 22.73
N UNK F 84 -42.10 -48.42 23.88
CA UNK F 84 -41.40 -47.29 24.49
C UNK F 84 -39.99 -47.23 23.92
N UNK F 85 -39.79 -46.33 22.96
CA UNK F 85 -38.50 -46.14 22.31
C UNK F 85 -37.83 -44.88 22.85
N UNK F 86 -36.59 -45.01 23.33
CA UNK F 86 -35.85 -43.91 23.91
C UNK F 86 -34.42 -43.93 23.40
N UNK F 87 -33.76 -42.78 23.55
CA UNK F 87 -32.40 -42.59 23.08
C UNK F 87 -31.40 -42.95 24.19
N UNK F 88 -30.12 -43.06 23.79
CA UNK F 88 -29.04 -43.30 24.73
C UNK F 88 -27.80 -42.60 24.21
N UNK F 89 -27.03 -42.00 25.13
CA UNK F 89 -25.89 -41.18 24.72
C UNK F 89 -24.80 -42.01 24.06
N UNK F 90 -24.64 -43.27 24.48
CA UNK F 90 -23.66 -44.19 23.91
C UNK F 90 -22.22 -43.70 24.06
N UNK F 91 -21.97 -42.79 24.99
CA UNK F 91 -20.62 -42.30 25.23
C UNK F 91 -19.83 -43.32 26.06
N UNK F 92 -18.51 -43.23 25.98
CA UNK F 92 -17.63 -44.09 26.75
C UNK F 92 -17.37 -43.52 28.14
N UNK F 93 -16.80 -42.32 28.20
CA UNK F 93 -16.49 -41.68 29.48
C UNK F 93 -17.75 -41.08 30.11
N UNK F 94 -18.41 -40.19 29.38
CA UNK F 94 -19.68 -39.63 29.86
C UNK F 94 -20.70 -40.75 30.02
N UNK F 95 -21.53 -40.62 31.06
CA UNK F 95 -22.51 -41.66 31.35
C UNK F 95 -23.48 -41.84 30.20
N UNK F 96 -23.88 -43.09 29.96
CA UNK F 96 -24.81 -43.42 28.89
C UNK F 96 -26.25 -43.19 29.39
N UNK F 97 -26.57 -41.92 29.60
CA UNK F 97 -27.90 -41.56 30.09
C UNK F 97 -28.96 -41.83 29.03
N UNK F 98 -30.10 -42.34 29.48
CA UNK F 98 -31.21 -42.67 28.59
C UNK F 98 -32.26 -41.57 28.65
N UNK F 99 -32.84 -41.27 27.48
CA UNK F 99 -33.89 -40.27 27.38
C UNK F 99 -35.25 -40.87 27.73
N UNK F 100 -36.28 -40.06 27.56
CA UNK F 100 -37.66 -40.53 27.70
C UNK F 100 -38.18 -41.01 26.35
N UNK F 101 -39.24 -41.82 26.41
CA UNK F 101 -39.84 -42.43 25.24
C UNK F 101 -41.24 -41.88 25.00
N UNK F 102 -41.56 -41.64 23.73
CA UNK F 102 -42.90 -41.19 23.39
C UNK F 102 -43.93 -42.29 23.68
N UNK F 103 -43.54 -43.55 23.55
CA UNK F 103 -44.39 -44.68 23.88
C UNK F 103 -45.63 -44.74 22.99
N UNK F 104 -45.41 -44.67 21.69
CA UNK F 104 -46.48 -44.79 20.70
C UNK F 104 -45.89 -44.87 19.29
N UNK G 1 -27.18 -66.98 25.73
CA UNK G 1 -26.25 -65.81 25.73
C UNK G 1 -26.58 -64.84 26.86
N UNK G 2 -27.88 -64.67 27.11
CA UNK G 2 -28.33 -63.70 28.09
C UNK G 2 -27.87 -64.09 29.50
N UNK G 3 -27.45 -63.08 30.26
CA UNK G 3 -27.01 -63.32 31.62
C UNK G 3 -28.20 -63.67 32.51
N UNK G 4 -27.91 -64.46 33.55
CA UNK G 4 -28.94 -64.93 34.49
C UNK G 4 -28.93 -64.05 35.72
N UNK G 5 -29.59 -62.89 35.60
CA UNK G 5 -29.68 -61.98 36.74
C UNK G 5 -30.50 -62.59 37.86
N UNK G 6 -30.08 -62.34 39.09
CA UNK G 6 -30.75 -62.84 40.29
C UNK G 6 -30.97 -61.70 41.27
N UNK G 7 -32.14 -61.68 41.88
CA UNK G 7 -32.55 -60.58 42.74
C UNK G 7 -33.36 -61.12 43.91
N UNK G 8 -33.54 -60.29 44.92
CA UNK G 8 -34.33 -60.65 46.10
C UNK G 8 -34.77 -59.39 46.80
N UNK G 9 -35.86 -59.50 47.57
CA UNK G 9 -36.36 -58.38 48.35
C UNK G 9 -35.50 -58.18 49.59
N UNK G 10 -35.46 -56.94 50.07
CA UNK G 10 -34.61 -56.57 51.19
C UNK G 10 -35.34 -55.52 52.02
N UNK G 11 -34.71 -55.11 53.12
CA UNK G 11 -35.26 -54.13 54.05
C UNK G 11 -34.71 -52.75 53.74
N UNK G 12 -35.31 -51.75 54.37
CA UNK G 12 -34.84 -50.37 54.18
C UNK G 12 -33.46 -50.19 54.77
N UNK G 13 -32.61 -49.46 54.04
CA UNK G 13 -31.24 -49.17 54.47
C UNK G 13 -30.46 -50.46 54.72
N UNK G 14 -30.72 -51.48 53.91
CA UNK G 14 -30.13 -52.79 54.05
C UNK G 14 -29.22 -53.08 52.86
N UNK G 15 -28.06 -53.66 53.14
CA UNK G 15 -27.16 -54.06 52.07
C UNK G 15 -27.80 -55.14 51.22
N UNK G 16 -27.42 -55.17 49.95
CA UNK G 16 -27.92 -56.18 49.02
C UNK G 16 -26.88 -56.40 47.94
N UNK G 17 -26.99 -57.55 47.27
CA UNK G 17 -26.06 -57.92 46.22
C UNK G 17 -26.82 -58.72 45.17
N UNK G 18 -26.23 -58.78 43.97
CA UNK G 18 -26.82 -59.49 42.86
C UNK G 18 -25.70 -59.97 41.95
N UNK G 19 -26.02 -60.94 41.10
CA UNK G 19 -25.07 -61.49 40.15
C UNK G 19 -25.81 -61.93 38.91
N UNK G 20 -25.19 -61.73 37.75
CA UNK G 20 -25.76 -62.08 36.45
C UNK G 20 -24.69 -62.83 35.67
N UNK G 21 -24.61 -64.15 35.90
CA UNK G 21 -23.62 -64.96 35.23
C UNK G 21 -23.94 -65.06 33.74
N UNK G 22 -22.95 -64.79 32.91
CA UNK G 22 -23.15 -64.74 31.47
C UNK G 22 -23.04 -66.15 30.87
N UNK G 23 -23.93 -66.44 29.93
CA UNK G 23 -23.87 -67.69 29.18
C UNK G 23 -22.78 -67.68 28.11
N UNK G 24 -22.41 -66.51 27.62
CA UNK G 24 -21.38 -66.40 26.59
C UNK G 24 -20.82 -64.98 26.60
N UNK G 25 -19.65 -64.84 25.98
CA UNK G 25 -18.99 -63.53 25.82
C UNK G 25 -18.71 -62.88 27.17
N UNK G 26 -17.85 -63.54 27.95
CA UNK G 26 -17.50 -63.02 29.26
C UNK G 26 -16.54 -61.83 29.16
N UNK G 27 -15.76 -61.74 28.09
CA UNK G 27 -14.74 -60.71 27.96
C UNK G 27 -15.25 -59.41 27.37
N UNK G 28 -16.48 -59.36 26.86
CA UNK G 28 -17.02 -58.13 26.31
C UNK G 28 -17.30 -57.12 27.42
N UNK G 29 -17.22 -55.84 27.06
CA UNK G 29 -17.54 -54.79 28.02
C UNK G 29 -19.02 -54.83 28.36
N UNK G 30 -19.32 -54.95 29.65
CA UNK G 30 -20.69 -55.15 30.13
C UNK G 30 -21.14 -53.95 30.96
N UNK G 31 -22.45 -53.86 31.15
CA UNK G 31 -23.05 -52.76 31.89
C UNK G 31 -24.26 -53.27 32.64
N UNK G 32 -24.63 -52.54 33.70
CA UNK G 32 -25.81 -52.84 34.50
C UNK G 32 -26.66 -51.59 34.58
N UNK G 33 -27.88 -51.66 34.05
CA UNK G 33 -28.79 -50.55 33.96
C UNK G 33 -30.04 -50.83 34.79
N UNK G 34 -30.58 -49.78 35.41
CA UNK G 34 -31.74 -49.88 36.27
C UNK G 34 -32.83 -48.94 35.79
N UNK G 35 -34.07 -49.32 36.06
CA UNK G 35 -35.23 -48.51 35.71
C UNK G 35 -36.35 -48.82 36.68
N UNK G 36 -36.93 -47.78 37.29
CA UNK G 36 -38.01 -47.96 38.24
C UNK G 36 -39.28 -48.39 37.52
N UNK G 37 -40.38 -48.44 38.27
CA UNK G 37 -41.66 -48.83 37.67
C UNK G 37 -42.12 -47.81 36.63
N UNK G 38 -41.81 -46.54 36.82
CA UNK G 38 -42.25 -45.46 35.94
C UNK G 38 -41.08 -44.54 35.62
N UNK G 39 -39.93 -45.12 35.28
CA UNK G 39 -38.74 -44.34 35.00
C UNK G 39 -37.95 -45.01 33.88
N UNK G 40 -37.01 -44.25 33.33
CA UNK G 40 -36.19 -44.70 32.21
C UNK G 40 -35.01 -45.52 32.72
N UNK G 41 -34.15 -45.92 31.80
CA UNK G 41 -32.92 -46.62 32.16
C UNK G 41 -31.98 -45.69 32.90
N UNK G 42 -31.34 -46.21 33.95
CA UNK G 42 -30.50 -45.40 34.82
C UNK G 42 -29.01 -45.46 34.48
N UNK G 43 -28.55 -46.53 33.84
CA UNK G 43 -27.13 -46.74 33.57
C UNK G 43 -26.34 -46.72 34.87
N UNK G 44 -26.63 -47.71 35.72
CA UNK G 44 -26.07 -47.73 37.07
C UNK G 44 -24.55 -47.84 37.05
N UNK G 45 -24.01 -48.62 36.13
CA UNK G 45 -22.56 -48.74 36.01
C UNK G 45 -22.23 -49.50 34.74
N UNK G 46 -21.14 -49.11 34.10
CA UNK G 46 -20.53 -49.91 33.03
C UNK G 46 -19.52 -50.85 33.67
N UNK G 47 -19.78 -52.14 33.58
CA UNK G 47 -18.99 -53.11 34.30
C UNK G 47 -17.55 -53.13 33.77
N UNK G 48 -16.69 -53.80 34.53
CA UNK G 48 -15.28 -53.87 34.17
C UNK G 48 -15.10 -54.58 32.83
N UNK G 49 -14.69 -53.84 31.82
CA UNK G 49 -14.33 -54.46 30.55
C UNK G 49 -13.06 -55.29 30.72
N UNK G 50 -12.90 -56.31 29.88
CA UNK G 50 -11.76 -57.20 29.99
C UNK G 50 -10.45 -56.53 29.59
N UNK G 51 -10.49 -55.35 28.97
CA UNK G 51 -9.29 -54.61 28.59
C UNK G 51 -8.90 -53.68 29.73
N UNK G 52 -7.86 -54.05 30.47
CA UNK G 52 -7.29 -53.28 31.57
C UNK G 52 -8.23 -53.12 32.76
N UNK G 53 -9.37 -53.80 32.78
CA UNK G 53 -10.31 -53.76 33.90
C UNK G 53 -10.76 -52.34 34.22
N UNK G 54 -11.05 -51.56 33.19
CA UNK G 54 -11.58 -50.22 33.39
C UNK G 54 -13.05 -50.31 33.80
N UNK G 55 -13.39 -49.68 34.93
CA UNK G 55 -14.74 -49.69 35.47
C UNK G 55 -15.21 -48.26 35.68
N UNK G 56 -16.41 -47.97 35.18
CA UNK G 56 -17.01 -46.64 35.25
C UNK G 56 -18.34 -46.73 35.97
N UNK G 57 -18.57 -45.78 36.89
CA UNK G 57 -19.78 -45.72 37.69
C UNK G 57 -20.35 -44.32 37.64
N UNK G 58 -21.67 -44.23 37.68
CA UNK G 58 -22.33 -42.95 37.57
C UNK G 58 -22.30 -42.19 38.90
N UNK G 59 -22.52 -40.88 38.82
CA UNK G 59 -22.52 -40.04 40.00
C UNK G 59 -23.68 -40.36 40.94
N UNK G 60 -24.81 -40.83 40.39
CA UNK G 60 -25.95 -41.18 41.23
C UNK G 60 -25.61 -42.27 42.21
N UNK G 61 -24.75 -43.22 41.81
CA UNK G 61 -24.33 -44.33 42.65
C UNK G 61 -22.81 -44.43 42.71
N UNK G 62 -22.12 -43.30 42.70
CA UNK G 62 -20.67 -43.32 42.83
C UNK G 62 -20.23 -43.87 44.17
N UNK G 63 -21.08 -43.78 45.19
CA UNK G 63 -20.85 -44.38 46.49
C UNK G 63 -21.98 -45.35 46.79
N UNK G 64 -21.70 -46.30 47.69
CA UNK G 64 -22.66 -47.32 48.08
C UNK G 64 -23.07 -48.19 46.89
N UNK G 65 -22.14 -48.44 45.98
CA UNK G 65 -22.40 -49.35 44.87
C UNK G 65 -21.07 -49.73 44.25
N UNK G 66 -20.82 -51.04 44.17
CA UNK G 66 -19.57 -51.57 43.64
C UNK G 66 -19.88 -52.64 42.62
N UNK G 67 -19.05 -52.70 41.58
CA UNK G 67 -19.22 -53.64 40.48
C UNK G 67 -17.92 -54.40 40.28
N UNK G 68 -18.03 -55.70 40.06
CA UNK G 68 -16.87 -56.55 39.84
C UNK G 68 -17.31 -57.76 39.01
N UNK G 69 -16.32 -58.44 38.43
CA UNK G 69 -16.58 -59.56 37.53
C UNK G 69 -15.65 -60.70 37.88
N UNK G 70 -16.23 -61.88 38.15
CA UNK G 70 -15.48 -63.13 38.34
C UNK G 70 -15.65 -63.97 37.09
N UNK G 71 -14.82 -63.68 36.08
CA UNK G 71 -14.83 -64.39 34.79
C UNK G 71 -16.20 -64.20 34.17
N UNK G 72 -16.97 -65.27 33.91
CA UNK G 72 -18.31 -65.09 33.37
C UNK G 72 -19.25 -64.47 34.39
N UNK G 73 -18.94 -64.56 35.68
CA UNK G 73 -19.84 -64.13 36.74
C UNK G 73 -19.64 -62.65 37.03
N UNK G 74 -20.46 -61.82 36.39
CA UNK G 74 -20.53 -60.41 36.76
C UNK G 74 -21.27 -60.26 38.08
N UNK G 75 -20.84 -59.30 38.91
CA UNK G 75 -21.41 -59.11 40.23
C UNK G 75 -21.47 -57.64 40.57
N UNK G 76 -22.58 -57.25 41.20
CA UNK G 76 -22.78 -55.90 41.71
C UNK G 76 -23.30 -55.98 43.13
N UNK G 77 -22.96 -54.97 43.94
CA UNK G 77 -23.34 -54.92 45.34
C UNK G 77 -23.88 -53.53 45.66
N UNK G 78 -24.75 -53.47 46.65
CA UNK G 78 -25.34 -52.21 47.09
C UNK G 78 -25.37 -52.16 48.61
N UNK G 79 -25.27 -50.95 49.14
CA UNK G 79 -25.24 -50.72 50.58
C UNK G 79 -26.18 -49.58 50.94
N UNK G 80 -26.80 -49.70 52.12
CA UNK G 80 -27.75 -48.71 52.62
C UNK G 80 -28.89 -48.49 51.61
N UNK G 81 -29.35 -49.58 51.01
CA UNK G 81 -30.35 -49.48 49.97
C UNK G 81 -31.65 -48.92 50.52
N UNK G 82 -31.98 -47.70 50.09
CA UNK G 82 -33.22 -47.07 50.52
C UNK G 82 -34.41 -47.79 49.91
N UNK G 83 -35.56 -47.69 50.58
CA UNK G 83 -36.77 -48.33 50.08
C UNK G 83 -37.19 -47.75 48.73
N UNK G 84 -36.84 -46.50 48.47
CA UNK G 84 -37.17 -45.90 47.17
C UNK G 84 -36.34 -46.48 46.03
N UNK G 85 -35.25 -47.17 46.32
CA UNK G 85 -34.37 -47.69 45.29
C UNK G 85 -34.87 -48.96 44.63
N UNK G 86 -36.06 -49.44 44.97
CA UNK G 86 -36.60 -50.63 44.33
C UNK G 86 -36.85 -50.36 42.84
N UNK G 87 -36.39 -51.29 42.00
CA UNK G 87 -36.48 -51.11 40.56
C UNK G 87 -36.03 -52.39 39.88
N UNK G 88 -36.29 -52.49 38.58
CA UNK G 88 -35.86 -53.61 37.77
C UNK G 88 -34.49 -53.29 37.16
N UNK G 89 -33.51 -54.14 37.44
CA UNK G 89 -32.14 -53.95 36.98
C UNK G 89 -31.78 -55.08 36.03
N UNK G 90 -31.18 -54.73 34.89
CA UNK G 90 -30.83 -55.69 33.86
C UNK G 90 -29.39 -55.45 33.40
N UNK G 91 -28.61 -56.53 33.39
CA UNK G 91 -27.26 -56.48 32.84
C UNK G 91 -27.30 -56.57 31.32
N UNK G 92 -26.21 -56.18 30.69
CA UNK G 92 -26.15 -56.20 29.24
C UNK G 92 -24.70 -56.21 28.78
N UNK G 93 -24.50 -56.56 27.52
CA UNK G 93 -23.20 -56.52 26.87
C UNK G 93 -23.18 -55.37 25.86
N UNK G 94 -22.11 -54.59 25.88
CA UNK G 94 -21.99 -53.39 25.04
C UNK G 94 -20.59 -53.31 24.43
N UNK G 95 -20.16 -54.39 23.78
CA UNK G 95 -18.84 -54.39 23.13
C UNK G 95 -18.75 -53.32 22.06
N UNK G 96 -19.80 -53.18 21.25
CA UNK G 96 -19.92 -52.09 20.29
C UNK G 96 -21.37 -51.61 20.31
N UNK G 97 -21.54 -50.30 20.13
CA UNK G 97 -22.86 -49.66 20.23
C UNK G 97 -23.38 -49.93 21.64
N UNK G 98 -24.53 -50.58 21.82
CA UNK G 98 -25.04 -50.86 23.16
C UNK G 98 -26.19 -51.84 23.05
N UNK G 99 -26.57 -52.40 24.21
CA UNK G 99 -27.77 -53.21 24.35
C UNK G 99 -27.75 -54.43 23.43
N UNK G 100 -26.79 -55.31 23.67
CA UNK G 100 -26.72 -56.61 23.02
C UNK G 100 -26.85 -57.70 24.08
N UNK G 101 -27.83 -58.58 23.91
CA UNK G 101 -28.10 -59.66 24.86
C UNK G 101 -28.43 -59.10 26.24
N UNK G 102 -29.47 -58.28 26.29
CA UNK G 102 -29.94 -57.73 27.56
C UNK G 102 -30.40 -58.86 28.47
N UNK G 103 -30.10 -58.72 29.76
CA UNK G 103 -30.29 -59.80 30.71
C UNK G 103 -31.76 -60.00 31.03
N UNK G 104 -32.04 -60.92 31.95
CA UNK G 104 -33.40 -61.28 32.31
C UNK G 104 -34.11 -60.20 33.09
N UNK G 105 -33.40 -59.18 33.58
CA UNK G 105 -34.01 -58.04 34.27
C UNK G 105 -34.70 -58.47 35.56
N UNK G 106 -33.93 -59.09 36.44
CA UNK G 106 -34.42 -59.40 37.78
C UNK G 106 -34.64 -58.12 38.58
N UNK G 107 -35.69 -58.13 39.41
CA UNK G 107 -36.15 -56.93 40.11
C UNK G 107 -35.90 -57.04 41.61
N UNK G 108 -35.58 -55.91 42.22
CA UNK G 108 -35.36 -55.81 43.66
C UNK G 108 -36.48 -55.01 44.30
N UNK G 109 -36.84 -55.39 45.54
CA UNK G 109 -37.92 -54.77 46.30
C UNK G 109 -37.39 -54.50 47.70
N UNK G 110 -36.95 -53.26 47.94
CA UNK G 110 -36.38 -52.86 49.21
C UNK G 110 -37.43 -52.41 50.23
N UNK G 111 -38.70 -52.38 49.86
CA UNK G 111 -39.74 -51.99 50.81
C UNK G 111 -39.87 -53.01 51.93
N UNK G 112 -40.31 -52.55 53.09
CA UNK G 112 -40.51 -53.42 54.23
C UNK G 112 -41.45 -52.78 55.24
N GLY H 12 20.81 -13.76 -7.04
CA GLY H 12 21.35 -15.05 -7.41
C GLY H 12 22.47 -15.51 -6.50
N PHE H 13 22.10 -16.06 -5.34
CA PHE H 13 23.06 -16.57 -4.36
C PHE H 13 22.53 -17.85 -3.73
N LEU H 14 21.84 -18.66 -4.53
CA LEU H 14 21.25 -19.93 -4.05
C LEU H 14 22.34 -20.98 -3.93
N GLY H 15 23.23 -20.76 -2.97
CA GLY H 15 24.30 -21.71 -2.73
C GLY H 15 23.77 -23.05 -2.28
N ALA H 16 24.32 -24.12 -2.86
CA ALA H 16 24.01 -25.49 -2.48
C ALA H 16 22.55 -25.85 -2.73
N ALA H 17 21.88 -25.17 -3.64
CA ALA H 17 20.51 -25.53 -3.98
C ALA H 17 20.50 -26.88 -4.66
N GLY H 18 19.49 -27.68 -4.34
CA GLY H 18 19.33 -28.98 -4.95
C GLY H 18 20.18 -30.07 -4.36
N SER H 19 21.11 -29.76 -3.47
CA SER H 19 21.91 -30.78 -2.82
C SER H 19 21.09 -31.38 -1.67
N THR H 20 21.71 -32.24 -0.89
CA THR H 20 21.03 -32.84 0.25
C THR H 20 20.76 -31.80 1.31
N MET H 21 19.68 -32.02 2.07
CA MET H 21 19.29 -31.06 3.10
C MET H 21 20.37 -30.93 4.18
N GLY H 22 20.98 -32.05 4.56
CA GLY H 22 22.06 -31.97 5.55
C GLY H 22 23.26 -31.22 5.03
N ALA H 23 23.71 -31.54 3.81
CA ALA H 23 24.80 -30.79 3.22
C ALA H 23 24.42 -29.34 3.01
N ALA H 24 23.17 -29.08 2.62
CA ALA H 24 22.71 -27.71 2.46
C ALA H 24 22.78 -26.95 3.77
N SER H 25 22.36 -27.57 4.88
CA SER H 25 22.43 -26.89 6.17
C SER H 25 23.87 -26.65 6.61
N ILE H 26 24.75 -27.63 6.38
CA ILE H 26 26.15 -27.45 6.74
C ILE H 26 26.75 -26.31 5.95
N THR H 27 26.36 -26.17 4.68
CA THR H 27 26.78 -25.00 3.91
C THR H 27 26.18 -23.72 4.46
N LEU H 28 24.90 -23.77 4.84
CA LEU H 28 24.21 -22.57 5.29
C LEU H 28 24.81 -22.00 6.55
N THR H 29 25.33 -22.86 7.44
CA THR H 29 25.93 -22.39 8.68
C THR H 29 27.03 -21.36 8.42
N VAL H 30 27.73 -21.49 7.31
CA VAL H 30 28.74 -20.52 6.91
C VAL H 30 28.17 -19.45 5.97
N GLN H 31 27.29 -19.84 5.06
CA GLN H 31 26.87 -18.93 4.00
C GLN H 31 25.89 -17.88 4.49
N ALA H 32 25.02 -18.23 5.44
CA ALA H 32 23.97 -17.31 5.85
C ALA H 32 24.51 -16.05 6.51
N ARG H 33 25.71 -16.13 7.11
CA ARG H 33 26.34 -14.97 7.71
C ARG H 33 26.97 -14.03 6.70
N GLN H 34 26.98 -14.39 5.41
CA GLN H 34 27.56 -13.53 4.40
C GLN H 34 26.70 -12.31 4.09
N LEU H 35 25.49 -12.22 4.65
CA LEU H 35 24.64 -11.07 4.41
C LEU H 35 25.30 -9.80 4.94
N LEU H 36 25.36 -8.78 4.09
CA LEU H 36 25.98 -7.50 4.43
C LEU H 36 27.41 -7.66 4.94
N GLU H 51 24.55 8.39 -13.39
CA GLU H 51 23.60 9.50 -13.29
C GLU H 51 22.24 9.07 -13.84
N CYS H 52 21.75 7.94 -13.34
CA CYS H 52 20.47 7.42 -13.81
C CYS H 52 19.33 8.35 -13.46
N GLN H 53 19.36 8.94 -12.26
CA GLN H 53 18.24 9.73 -11.77
C GLN H 53 17.95 10.93 -12.65
N GLN H 54 18.94 11.40 -13.41
CA GLN H 54 18.70 12.48 -14.37
C GLN H 54 17.68 12.07 -15.42
N HIS H 55 17.67 10.79 -15.78
CA HIS H 55 16.70 10.24 -16.74
C HIS H 55 15.70 9.32 -16.05
N LEU H 56 16.17 8.28 -15.36
CA LEU H 56 15.26 7.43 -14.63
C LEU H 56 14.67 8.18 -13.44
N LEU H 57 13.52 7.71 -12.99
CA LEU H 57 12.78 8.30 -11.89
C LEU H 57 12.32 9.73 -12.18
N GLN H 58 12.29 10.11 -13.47
CA GLN H 58 11.94 11.46 -13.88
C GLN H 58 11.22 11.39 -15.21
N ASP H 59 10.12 12.13 -15.32
CA ASP H 59 9.36 12.24 -16.57
C ASP H 59 8.90 10.88 -17.08
N GLY H 60 8.52 10.01 -16.16
CA GLY H 60 8.05 8.69 -16.54
C GLY H 60 7.48 7.95 -15.35
N HIS H 61 7.01 6.75 -15.60
CA HIS H 61 6.42 5.91 -14.57
C HIS H 61 7.46 5.06 -13.85
N TRP H 62 8.74 5.19 -14.20
CA TRP H 62 9.76 4.30 -13.63
C TRP H 62 9.96 4.56 -12.15
N GLY H 63 9.84 5.82 -11.71
CA GLY H 63 10.01 6.11 -10.31
C GLY H 63 9.03 5.34 -9.44
N ILE H 64 7.77 5.31 -9.84
CA ILE H 64 6.75 4.60 -9.08
C ILE H 64 7.05 3.11 -9.06
N LYS H 65 7.49 2.56 -10.20
CA LYS H 65 7.76 1.13 -10.24
C LYS H 65 8.92 0.76 -9.34
N GLN H 66 10.00 1.55 -9.37
CA GLN H 66 11.14 1.26 -8.50
C GLN H 66 10.76 1.40 -7.04
N LEU H 67 9.99 2.44 -6.70
CA LEU H 67 9.57 2.59 -5.31
C LEU H 67 8.66 1.45 -4.88
N GLN H 68 7.76 1.00 -5.76
CA GLN H 68 6.89 -0.11 -5.42
C GLN H 68 7.71 -1.37 -5.18
N THR H 69 8.71 -1.62 -6.01
CA THR H 69 9.55 -2.80 -5.81
C THR H 69 10.29 -2.73 -4.48
N ARG H 70 10.90 -1.58 -4.19
CA ARG H 70 11.66 -1.46 -2.95
C ARG H 70 10.76 -1.57 -1.73
N VAL H 71 9.59 -0.93 -1.77
CA VAL H 71 8.67 -1.00 -0.64
C VAL H 71 8.14 -2.41 -0.47
N LEU H 72 7.90 -3.12 -1.57
CA LEU H 72 7.44 -4.50 -1.45
C LEU H 72 8.51 -5.40 -0.86
N ALA H 73 9.77 -5.18 -1.26
CA ALA H 73 10.86 -5.95 -0.66
C ALA H 73 10.95 -5.69 0.84
N ILE H 74 10.83 -4.43 1.24
CA ILE H 74 10.88 -4.10 2.66
C ILE H 74 9.71 -4.74 3.39
N GLU H 75 8.52 -4.73 2.77
CA GLU H 75 7.36 -5.33 3.40
C GLU H 75 7.57 -6.81 3.63
N HIS H 76 8.09 -7.52 2.63
CA HIS H 76 8.32 -8.95 2.80
C HIS H 76 9.37 -9.23 3.85
N TYR H 77 10.45 -8.44 3.87
CA TYR H 77 11.49 -8.64 4.87
C TYR H 77 10.94 -8.44 6.27
N LEU H 78 10.16 -7.37 6.48
CA LEU H 78 9.62 -7.13 7.81
C LEU H 78 8.56 -8.13 8.19
N LYS H 79 7.79 -8.64 7.23
CA LYS H 79 6.83 -9.68 7.56
C LYS H 79 7.54 -10.95 8.00
N ASP H 80 8.63 -11.32 7.33
CA ASP H 80 9.39 -12.48 7.77
C ASP H 80 9.98 -12.25 9.16
N GLN H 81 10.50 -11.06 9.43
CA GLN H 81 11.08 -10.82 10.75
C GLN H 81 10.02 -10.78 11.83
N GLN H 82 8.84 -10.23 11.54
CA GLN H 82 7.74 -10.29 12.49
C GLN H 82 7.35 -11.73 12.77
N LEU H 83 7.29 -12.55 11.72
CA LEU H 83 6.91 -13.94 11.91
C LEU H 83 7.94 -14.68 12.75
N LEU H 84 9.21 -14.36 12.58
CA LEU H 84 10.23 -14.93 13.46
C LEU H 84 10.04 -14.44 14.89
N GLY H 85 9.73 -13.16 15.06
CA GLY H 85 9.56 -12.62 16.40
C GLY H 85 8.39 -13.23 17.14
N ILE H 86 7.32 -13.56 16.42
CA ILE H 86 6.15 -14.14 17.06
C ILE H 86 6.49 -15.48 17.68
N TRP H 87 7.38 -16.24 17.05
CA TRP H 87 7.79 -17.54 17.56
C TRP H 87 8.88 -17.45 18.61
N GLY H 88 9.34 -16.25 18.96
CA GLY H 88 10.43 -16.11 19.89
C GLY H 88 11.79 -16.45 19.32
N CYS H 89 11.89 -16.65 18.01
CA CYS H 89 13.13 -17.04 17.34
C CYS H 89 13.89 -15.85 16.79
N SER H 90 13.58 -14.64 17.24
CA SER H 90 14.18 -13.44 16.66
C SER H 90 15.69 -13.42 16.91
N GLY H 91 16.43 -12.89 15.93
CA GLY H 91 17.86 -12.76 16.07
C GLY H 91 18.64 -14.03 15.84
N LYS H 92 18.04 -15.06 15.24
CA LYS H 92 18.69 -16.33 15.00
C LYS H 92 18.45 -16.78 13.57
N LEU H 93 19.40 -17.57 13.07
CA LEU H 93 19.27 -18.23 11.78
C LEU H 93 18.79 -19.67 11.92
N ILE H 94 19.20 -20.35 12.99
CA ILE H 94 18.75 -21.69 13.31
C ILE H 94 18.26 -21.66 14.74
N CYS H 95 16.96 -21.87 14.94
CA CYS H 95 16.34 -21.76 16.25
C CYS H 95 15.55 -23.02 16.54
N CYS H 96 15.98 -23.77 17.54
CA CYS H 96 15.23 -24.92 18.00
C CYS H 96 14.00 -24.46 18.77
N THR H 97 12.87 -25.11 18.52
CA THR H 97 11.61 -24.82 19.18
C THR H 97 11.22 -25.97 20.10
N ALA H 98 10.11 -25.76 20.82
CA ALA H 98 9.60 -26.74 21.77
C ALA H 98 8.41 -27.53 21.23
N VAL H 99 8.00 -27.29 19.99
CA VAL H 99 6.86 -28.01 19.43
C VAL H 99 7.31 -29.42 19.07
N PRO H 100 6.66 -30.48 19.55
CA PRO H 100 7.05 -31.82 19.11
C PRO H 100 6.55 -32.10 17.70
N TRP H 101 7.43 -32.67 16.88
CA TRP H 101 7.07 -33.03 15.52
C TRP H 101 6.03 -34.14 15.54
N ASN H 102 5.01 -33.96 14.69
CA ASN H 102 3.92 -34.97 14.58
C ASN H 102 4.16 -35.75 13.29
N SER H 103 4.09 -37.08 13.36
CA SER H 103 4.40 -37.91 12.19
C SER H 103 3.35 -37.78 11.09
N SER H 104 2.14 -37.33 11.42
CA SER H 104 1.10 -37.22 10.39
C SER H 104 1.47 -36.22 9.31
N TRP H 105 2.33 -35.26 9.60
CA TRP H 105 2.73 -34.28 8.60
C TRP H 105 3.71 -34.86 7.58
N SER H 106 4.46 -35.89 7.93
CA SER H 106 5.41 -36.50 7.02
C SER H 106 5.74 -37.90 7.50
N ASN H 107 5.42 -38.90 6.69
CA ASN H 107 5.67 -40.29 7.05
C ASN H 107 7.15 -40.63 7.12
N LYS H 108 8.00 -39.87 6.42
CA LYS H 108 9.43 -40.11 6.44
C LYS H 108 10.00 -39.69 7.79
N SER H 109 10.97 -40.45 8.27
CA SER H 109 11.62 -40.20 9.55
C SER H 109 12.97 -39.52 9.32
N HIS H 110 13.69 -39.31 10.42
CA HIS H 110 14.97 -38.63 10.34
C HIS H 110 15.97 -39.46 9.54
N ASP H 111 16.95 -38.76 8.95
CA ASP H 111 18.00 -39.33 8.11
C ASP H 111 17.52 -39.72 6.71
N GLU H 112 16.20 -39.79 6.51
CA GLU H 112 15.62 -39.85 5.17
C GLU H 112 15.26 -38.47 4.66
N ILE H 113 14.93 -37.56 5.56
CA ILE H 113 14.70 -36.17 5.19
C ILE H 113 16.04 -35.45 5.02
N TRP H 114 16.93 -35.60 5.99
CA TRP H 114 18.23 -34.96 5.94
C TRP H 114 19.23 -35.71 5.07
N GLY H 115 18.87 -36.88 4.56
CA GLY H 115 19.70 -37.63 3.63
C GLY H 115 18.89 -38.06 2.42
N ASN H 116 19.43 -37.83 1.23
CA ASN H 116 18.75 -38.20 -0.01
C ASN H 116 17.41 -37.47 -0.14
N MET H 117 17.48 -36.14 -0.05
CA MET H 117 16.33 -35.28 -0.29
C MET H 117 16.81 -33.83 -0.36
N THR H 118 16.18 -33.06 -1.24
CA THR H 118 16.52 -31.65 -1.43
C THR H 118 15.54 -30.77 -0.66
N TRP H 119 15.94 -29.50 -0.50
CA TRP H 119 15.09 -28.55 0.22
C TRP H 119 13.78 -28.32 -0.51
N MET H 120 13.82 -28.20 -1.84
CA MET H 120 12.60 -27.95 -2.60
C MET H 120 11.63 -29.12 -2.47
N GLN H 121 12.15 -30.36 -2.56
CA GLN H 121 11.29 -31.53 -2.41
C GLN H 121 10.66 -31.55 -1.03
N TRP H 122 11.44 -31.27 0.01
CA TRP H 122 10.89 -31.26 1.35
C TRP H 122 9.82 -30.19 1.51
N ASP H 123 10.07 -28.99 0.97
CA ASP H 123 9.10 -27.92 1.10
C ASP H 123 7.80 -28.26 0.39
N ARG H 124 7.90 -28.89 -0.78
CA ARG H 124 6.68 -29.34 -1.45
C ARG H 124 6.02 -30.47 -0.68
N GLU H 125 6.79 -31.22 0.11
CA GLU H 125 6.20 -32.35 0.84
C GLU H 125 5.36 -31.87 2.02
N ILE H 126 5.83 -30.84 2.74
CA ILE H 126 5.15 -30.35 3.94
C ILE H 126 4.57 -28.97 3.69
N SER H 127 4.14 -28.69 2.46
CA SER H 127 3.50 -27.42 2.17
C SER H 127 2.15 -27.32 2.86
N ASN H 128 1.40 -28.42 2.90
CA ASN H 128 0.01 -28.36 3.36
C ASN H 128 -0.10 -28.04 4.85
N TYR H 129 0.85 -28.50 5.66
CA TYR H 129 0.75 -28.43 7.10
C TYR H 129 1.41 -27.18 7.69
N THR H 130 1.76 -26.20 6.86
CA THR H 130 2.48 -25.03 7.35
C THR H 130 1.63 -24.22 8.31
N ASN H 131 0.34 -24.05 8.00
CA ASN H 131 -0.54 -23.30 8.90
C ASN H 131 -0.65 -23.97 10.25
N THR H 132 -0.80 -25.30 10.27
CA THR H 132 -0.87 -26.02 11.53
C THR H 132 0.41 -25.87 12.33
N ILE H 133 1.55 -25.97 11.66
CA ILE H 133 2.83 -25.83 12.36
C ILE H 133 2.96 -24.43 12.94
N TYR H 134 2.52 -23.43 12.19
CA TYR H 134 2.58 -22.06 12.70
C TYR H 134 1.70 -21.87 13.92
N ARG H 135 0.49 -22.43 13.90
CA ARG H 135 -0.39 -22.31 15.06
C ARG H 135 0.23 -22.97 16.28
N LEU H 136 0.83 -24.15 16.10
CA LEU H 136 1.47 -24.83 17.22
C LEU H 136 2.64 -24.01 17.75
N LEU H 137 3.42 -23.41 16.85
CA LEU H 137 4.55 -22.59 17.29
C LEU H 137 4.07 -21.39 18.10
N GLU H 138 2.98 -20.76 17.66
CA GLU H 138 2.44 -19.61 18.40
C GLU H 138 1.99 -20.02 19.81
N ASP H 139 1.29 -21.15 19.91
CA ASP H 139 0.87 -21.62 21.23
C ASP H 139 2.07 -21.93 22.11
N SER H 140 3.09 -22.54 21.53
CA SER H 140 4.31 -22.84 22.28
C SER H 140 4.93 -21.56 22.83
N GLN H 141 5.01 -20.52 22.01
CA GLN H 141 5.64 -19.29 22.48
C GLN H 141 4.81 -18.62 23.56
N ASN H 142 3.47 -18.69 23.45
CA ASN H 142 2.64 -18.17 24.52
C ASN H 142 2.95 -18.86 25.84
N GLN H 143 3.10 -20.19 25.80
CA GLN H 143 3.43 -20.92 27.01
C GLN H 143 4.81 -20.53 27.55
N GLN H 144 5.78 -20.32 26.64
CA GLN H 144 7.11 -19.90 27.11
C GLN H 144 7.05 -18.54 27.80
N GLU H 145 6.27 -17.62 27.25
CA GLU H 145 6.13 -16.31 27.90
C GLU H 145 5.48 -16.46 29.27
N GLN H 146 4.48 -17.34 29.39
CA GLN H 146 3.87 -17.57 30.70
C GLN H 146 4.89 -18.12 31.69
N ASN H 147 5.73 -19.06 31.25
CA ASN H 147 6.78 -19.58 32.12
C ASN H 147 7.74 -18.49 32.55
N GLU H 148 8.13 -17.61 31.62
CA GLU H 148 9.05 -16.54 31.98
C GLU H 148 8.43 -15.59 32.99
N LYS H 149 7.14 -15.27 32.81
CA LYS H 149 6.43 -14.40 33.77
C LYS H 149 6.34 -15.13 35.12
N ASP H 150 6.16 -16.46 35.08
CA ASP H 150 6.08 -17.27 36.33
C ASP H 150 7.47 -17.31 36.97
N LEU H 151 8.53 -17.21 36.17
CA LEU H 151 9.92 -17.20 36.71
C LEU H 151 10.06 -16.03 37.70
N LEU H 152 9.66 -14.83 37.26
CA LEU H 152 9.76 -13.62 38.14
C LEU H 152 9.36 -14.00 39.57
N PHE I 13 22.69 15.85 15.83
CA PHE I 13 22.91 15.59 17.24
C PHE I 13 24.26 14.93 17.47
N LEU I 14 25.29 15.50 16.86
CA LEU I 14 26.66 15.03 17.03
C LEU I 14 27.18 15.50 18.39
N GLY I 15 26.59 14.93 19.43
CA GLY I 15 26.96 15.32 20.78
C GLY I 15 28.41 14.94 21.08
N ALA I 16 29.15 15.91 21.61
CA ALA I 16 30.53 15.69 22.04
C ALA I 16 31.41 15.24 20.89
N ALA I 17 31.17 15.77 19.69
CA ALA I 17 32.07 15.53 18.58
C ALA I 17 33.45 16.08 18.91
N GLY I 18 34.48 15.31 18.64
CA GLY I 18 35.82 15.71 19.02
C GLY I 18 36.03 15.76 20.52
N SER I 19 35.52 14.77 21.26
CA SER I 19 35.66 14.69 22.71
C SER I 19 36.70 13.64 23.12
N THR I 20 37.59 13.25 22.21
CA THR I 20 38.67 12.31 22.51
C THR I 20 38.13 10.97 22.99
N MET I 21 37.01 10.55 22.41
CA MET I 21 36.33 9.31 22.81
C MET I 21 36.05 9.31 24.31
N GLY I 22 35.69 10.48 24.83
CA GLY I 22 35.24 10.61 26.20
C GLY I 22 33.74 10.45 26.31
N ALA I 23 33.16 9.66 25.41
CA ALA I 23 31.72 9.44 25.35
C ALA I 23 31.26 8.30 26.24
N ALA I 24 32.07 7.91 27.24
CA ALA I 24 31.61 6.94 28.22
C ALA I 24 30.35 7.42 28.92
N SER I 25 30.22 8.73 29.12
CA SER I 25 29.01 9.33 29.67
C SER I 25 28.09 9.88 28.59
N ILE I 26 28.64 10.31 27.46
CA ILE I 26 27.82 10.94 26.43
C ILE I 26 26.94 9.90 25.73
N THR I 27 27.49 8.72 25.46
CA THR I 27 26.72 7.68 24.80
C THR I 27 25.55 7.20 25.64
N LEU I 28 25.62 7.37 26.96
CA LEU I 28 24.52 6.97 27.82
C LEU I 28 23.27 7.81 27.59
N THR I 29 23.40 8.98 26.96
CA THR I 29 22.25 9.77 26.55
C THR I 29 21.74 9.39 25.16
N VAL I 30 22.38 8.44 24.48
CA VAL I 30 21.89 8.03 23.16
C VAL I 30 20.53 7.38 23.28
N GLN I 31 20.22 6.78 24.43
CA GLN I 31 18.91 6.19 24.62
C GLN I 31 17.81 7.24 24.53
N ALA I 32 18.02 8.39 25.15
CA ALA I 32 17.08 9.50 24.98
C ALA I 32 17.19 10.12 23.60
N ARG I 33 18.39 10.06 23.00
CA ARG I 33 18.56 10.58 21.64
C ARG I 33 17.64 9.86 20.66
N GLN I 34 17.50 8.54 20.81
CA GLN I 34 16.66 7.78 19.88
C GLN I 34 15.19 8.11 20.03
N LEU I 35 14.78 8.75 21.12
CA LEU I 35 13.41 9.25 21.27
C LEU I 35 13.42 10.61 21.93
N PRO I 50 0.15 19.95 7.77
CA PRO I 50 0.00 21.06 6.83
C PRO I 50 -0.65 20.62 5.52
N GLU I 51 -1.96 20.89 5.39
CA GLU I 51 -2.67 20.56 4.16
C GLU I 51 -2.09 21.32 2.97
N CYS I 52 -1.52 22.50 3.19
CA CYS I 52 -0.89 23.24 2.10
C CYS I 52 0.32 22.48 1.57
N GLN I 53 1.10 21.86 2.46
CA GLN I 53 2.28 21.14 2.02
C GLN I 53 1.92 19.95 1.14
N GLN I 54 0.72 19.38 1.34
CA GLN I 54 0.31 18.23 0.55
C GLN I 54 0.08 18.59 -0.92
N HIS I 55 0.01 19.87 -1.26
CA HIS I 55 -0.08 20.25 -2.67
C HIS I 55 1.16 19.80 -3.43
N LEU I 56 2.34 19.89 -2.80
CA LEU I 56 3.57 19.55 -3.50
C LEU I 56 3.63 18.08 -3.86
N LEU I 57 3.05 17.21 -3.03
CA LEU I 57 3.09 15.78 -3.31
C LEU I 57 2.37 15.44 -4.61
N GLN I 58 1.36 16.22 -4.98
CA GLN I 58 0.64 16.08 -6.24
C GLN I 58 0.98 17.22 -7.19
N ASP I 59 2.27 17.58 -7.25
CA ASP I 59 2.75 18.62 -8.13
C ASP I 59 4.22 18.34 -8.45
N GLY I 60 4.55 18.35 -9.74
CA GLY I 60 5.93 18.11 -10.14
C GLY I 60 6.40 16.73 -9.72
N HIS I 61 7.63 16.65 -9.21
CA HIS I 61 8.24 15.40 -8.78
C HIS I 61 8.76 15.48 -7.34
N TRP I 62 8.33 16.46 -6.56
CA TRP I 62 8.81 16.56 -5.18
C TRP I 62 8.33 15.38 -4.34
N GLY I 63 7.14 14.87 -4.65
CA GLY I 63 6.67 13.67 -3.97
C GLY I 63 7.59 12.49 -4.19
N ILE I 64 8.06 12.32 -5.43
CA ILE I 64 8.97 11.22 -5.73
C ILE I 64 10.25 11.36 -4.94
N LYS I 65 10.81 12.57 -4.88
CA LYS I 65 12.06 12.77 -4.16
C LYS I 65 11.87 12.52 -2.66
N GLN I 66 10.76 12.98 -2.09
CA GLN I 66 10.49 12.73 -0.69
C GLN I 66 10.34 11.25 -0.41
N LEU I 67 9.63 10.53 -1.28
CA LEU I 67 9.48 9.10 -1.07
C LEU I 67 10.81 8.39 -1.18
N GLN I 68 11.65 8.81 -2.13
CA GLN I 68 12.97 8.18 -2.26
C GLN I 68 13.81 8.42 -1.01
N THR I 69 13.77 9.63 -0.46
CA THR I 69 14.51 9.90 0.76
C THR I 69 13.99 9.06 1.92
N ARG I 70 12.66 8.96 2.06
CA ARG I 70 12.09 8.14 3.13
C ARG I 70 12.53 6.69 2.99
N VAL I 71 12.40 6.13 1.79
CA VAL I 71 12.73 4.73 1.58
C VAL I 71 14.21 4.48 1.78
N LEU I 72 15.05 5.43 1.37
CA LEU I 72 16.48 5.26 1.57
C LEU I 72 16.83 5.29 3.05
N ALA I 73 16.20 6.18 3.81
CA ALA I 73 16.44 6.20 5.26
C ALA I 73 16.00 4.89 5.90
N ILE I 74 14.84 4.38 5.49
CA ILE I 74 14.37 3.10 6.05
C ILE I 74 15.33 1.99 5.67
N GLU I 75 15.83 1.98 4.44
CA GLU I 75 16.74 0.95 4.00
C GLU I 75 18.04 0.97 4.81
N HIS I 76 18.58 2.17 5.04
CA HIS I 76 19.80 2.25 5.84
C HIS I 76 19.56 1.80 7.27
N TYR I 77 18.43 2.22 7.86
CA TYR I 77 18.16 1.80 9.23
C TYR I 77 18.01 0.29 9.33
N LEU I 78 17.30 -0.32 8.37
CA LEU I 78 17.14 -1.76 8.41
C LEU I 78 18.45 -2.48 8.13
N LYS I 79 19.29 -1.94 7.27
CA LYS I 79 20.60 -2.57 7.05
C LYS I 79 21.42 -2.55 8.33
N ASP I 80 21.41 -1.43 9.04
CA ASP I 80 22.15 -1.38 10.30
C ASP I 80 21.55 -2.34 11.32
N GLN I 81 20.22 -2.42 11.40
CA GLN I 81 19.60 -3.33 12.36
C GLN I 81 19.90 -4.78 12.03
N GLN I 82 19.86 -5.14 10.75
CA GLN I 82 20.20 -6.50 10.36
C GLN I 82 21.66 -6.80 10.66
N LEU I 83 22.54 -5.81 10.46
CA LEU I 83 23.95 -6.03 10.74
C LEU I 83 24.21 -6.16 12.23
N LEU I 84 23.40 -5.51 13.06
CA LEU I 84 23.47 -5.76 14.49
C LEU I 84 22.93 -7.14 14.83
N GLY I 85 21.86 -7.56 14.16
CA GLY I 85 21.27 -8.86 14.46
C GLY I 85 22.19 -10.01 14.09
N ILE I 86 22.88 -9.89 12.96
CA ILE I 86 23.77 -10.97 12.52
C ILE I 86 24.90 -11.18 13.52
N TRP I 87 25.42 -10.09 14.08
CA TRP I 87 26.44 -10.21 15.11
C TRP I 87 25.88 -10.69 16.45
N GLY I 88 24.56 -10.77 16.58
CA GLY I 88 23.97 -11.16 17.85
C GLY I 88 23.86 -10.05 18.87
N CYS I 89 24.18 -8.81 18.49
CA CYS I 89 24.11 -7.67 19.39
C CYS I 89 22.75 -6.97 19.32
N SER I 90 21.69 -7.69 18.98
CA SER I 90 20.39 -7.06 18.78
C SER I 90 19.87 -6.45 20.07
N GLY I 91 19.35 -5.23 19.97
CA GLY I 91 18.71 -4.56 21.08
C GLY I 91 19.64 -3.89 22.06
N LYS I 92 20.95 -3.96 21.85
CA LYS I 92 21.93 -3.38 22.77
C LYS I 92 22.50 -2.11 22.17
N LEU I 93 22.47 -1.03 22.95
CA LEU I 93 23.21 0.17 22.56
C LEU I 93 24.69 -0.11 22.49
N ILE I 94 25.21 -0.87 23.47
CA ILE I 94 26.61 -1.27 23.53
C ILE I 94 26.62 -2.76 23.80
N CYS I 95 27.42 -3.50 23.04
CA CYS I 95 27.51 -4.95 23.19
C CYS I 95 28.95 -5.41 23.04
N CYS I 96 29.43 -6.15 24.03
CA CYS I 96 30.72 -6.80 23.95
C CYS I 96 30.61 -8.07 23.11
N THR I 97 31.72 -8.47 22.51
CA THR I 97 31.78 -9.65 21.66
C THR I 97 32.94 -10.54 22.09
N ALA I 98 33.09 -11.66 21.38
CA ALA I 98 34.13 -12.64 21.66
C ALA I 98 35.32 -12.54 20.71
N VAL I 99 35.38 -11.52 19.88
CA VAL I 99 36.49 -11.37 18.94
C VAL I 99 37.66 -10.72 19.68
N PRO I 100 38.84 -11.34 19.75
CA PRO I 100 39.96 -10.67 20.42
C PRO I 100 40.62 -9.65 19.52
N TRP I 101 40.99 -8.51 20.12
CA TRP I 101 41.62 -7.45 19.38
C TRP I 101 43.02 -7.87 18.93
N ASN I 102 43.37 -7.51 17.69
CA ASN I 102 44.64 -7.88 17.09
C ASN I 102 45.49 -6.64 16.89
N SER I 103 46.81 -6.81 17.08
CA SER I 103 47.73 -5.68 16.93
C SER I 103 47.84 -5.20 15.49
N SER I 104 47.47 -6.04 14.51
CA SER I 104 47.56 -5.62 13.12
C SER I 104 46.64 -4.44 12.84
N TRP I 105 45.49 -4.39 13.50
CA TRP I 105 44.53 -3.31 13.26
C TRP I 105 45.08 -1.99 13.79
N SER I 106 45.58 -1.99 15.02
CA SER I 106 46.13 -0.78 15.63
C SER I 106 46.94 -1.17 16.84
N ASN I 107 48.13 -0.59 16.96
CA ASN I 107 49.05 -0.87 18.05
C ASN I 107 49.00 0.19 19.16
N LYS I 108 47.87 0.88 19.29
CA LYS I 108 47.69 1.88 20.33
C LYS I 108 46.96 1.28 21.52
N SER I 109 47.50 1.51 22.71
CA SER I 109 46.88 0.98 23.92
C SER I 109 45.54 1.64 24.19
N HIS I 110 44.75 1.01 25.06
CA HIS I 110 43.43 1.56 25.37
C HIS I 110 43.54 2.89 26.10
N ASP I 111 44.65 3.14 26.79
CA ASP I 111 44.84 4.44 27.41
C ASP I 111 44.93 5.54 26.37
N GLU I 112 45.62 5.27 25.26
CA GLU I 112 45.72 6.26 24.19
C GLU I 112 44.42 6.39 23.41
N ILE I 113 43.78 5.26 23.11
CA ILE I 113 42.54 5.31 22.32
C ILE I 113 41.44 6.03 23.09
N TRP I 114 41.29 5.72 24.37
CA TRP I 114 40.28 6.34 25.22
C TRP I 114 40.93 7.47 26.00
N GLY I 115 40.54 8.70 25.70
CA GLY I 115 41.03 9.88 26.37
C GLY I 115 41.84 10.82 25.50
N ASN I 116 42.41 10.33 24.39
CA ASN I 116 43.17 11.17 23.46
C ASN I 116 42.56 11.20 22.07
N MET I 117 42.29 10.04 21.47
CA MET I 117 41.80 10.00 20.10
C MET I 117 40.29 10.21 20.05
N THR I 118 39.86 11.07 19.13
CA THR I 118 38.44 11.34 18.96
C THR I 118 37.78 10.23 18.15
N TRP I 119 36.45 10.20 18.19
CA TRP I 119 35.72 9.17 17.45
C TRP I 119 35.96 9.28 15.96
N MET I 120 36.00 10.50 15.42
CA MET I 120 36.30 10.68 14.01
C MET I 120 37.70 10.18 13.68
N GLN I 121 38.69 10.56 14.50
CA GLN I 121 40.06 10.13 14.26
C GLN I 121 40.19 8.62 14.39
N TRP I 122 39.52 8.04 15.40
CA TRP I 122 39.55 6.60 15.57
C TRP I 122 38.91 5.90 14.38
N ASP I 123 37.80 6.45 13.88
CA ASP I 123 37.14 5.85 12.75
C ASP I 123 38.02 5.90 11.50
N ARG I 124 38.73 7.01 11.30
CA ARG I 124 39.70 7.05 10.21
C ARG I 124 40.83 6.06 10.43
N GLU I 125 41.21 5.82 11.68
CA GLU I 125 42.36 4.97 11.96
C GLU I 125 42.13 3.54 11.47
N ILE I 126 40.95 2.99 11.74
CA ILE I 126 40.65 1.58 11.44
C ILE I 126 39.61 1.51 10.33
N SER I 127 39.60 2.51 9.45
CA SER I 127 38.63 2.51 8.35
C SER I 127 38.85 1.34 7.41
N ASN I 128 40.10 1.05 7.10
CA ASN I 128 40.43 0.03 6.10
C ASN I 128 40.35 -1.40 6.63
N TYR I 129 40.21 -1.60 7.94
CA TYR I 129 40.13 -2.92 8.53
C TYR I 129 38.71 -3.34 8.88
N THR I 130 37.70 -2.60 8.44
CA THR I 130 36.34 -2.82 8.91
C THR I 130 35.80 -4.17 8.46
N ASN I 131 36.08 -4.56 7.21
CA ASN I 131 35.54 -5.81 6.68
C ASN I 131 36.05 -7.00 7.47
N THR I 132 37.33 -6.99 7.83
CA THR I 132 37.88 -8.09 8.60
C THR I 132 37.20 -8.22 9.96
N ILE I 133 36.96 -7.09 10.62
CA ILE I 133 36.31 -7.13 11.92
C ILE I 133 34.88 -7.63 11.78
N TYR I 134 34.19 -7.22 10.71
CA TYR I 134 32.83 -7.70 10.49
C TYR I 134 32.80 -9.22 10.27
N ARG I 135 33.75 -9.73 9.47
CA ARG I 135 33.80 -11.17 9.24
C ARG I 135 34.08 -11.92 10.53
N LEU I 136 35.00 -11.41 11.35
CA LEU I 136 35.31 -12.07 12.61
C LEU I 136 34.10 -12.05 13.56
N LEU I 137 33.37 -10.94 13.62
CA LEU I 137 32.16 -10.89 14.43
C LEU I 137 31.15 -11.91 13.95
N GLU I 138 30.97 -12.02 12.64
CA GLU I 138 30.02 -12.99 12.09
C GLU I 138 30.42 -14.41 12.48
N ASP I 139 31.70 -14.75 12.35
CA ASP I 139 32.13 -16.09 12.68
C ASP I 139 32.00 -16.37 14.17
N SER I 140 32.30 -15.38 15.02
CA SER I 140 32.13 -15.58 16.45
C SER I 140 30.68 -15.83 16.81
N GLN I 141 29.75 -15.06 16.24
CA GLN I 141 28.35 -15.28 16.55
C GLN I 141 27.87 -16.63 16.03
N ASN I 142 28.37 -17.05 14.87
CA ASN I 142 28.02 -18.36 14.35
C ASN I 142 28.51 -19.45 15.29
N GLN I 143 29.73 -19.29 15.84
CA GLN I 143 30.22 -20.27 16.80
C GLN I 143 29.35 -20.30 18.04
N GLN I 144 28.91 -19.13 18.51
CA GLN I 144 28.02 -19.10 19.67
C GLN I 144 26.73 -19.85 19.39
N GLU I 145 26.16 -19.66 18.19
CA GLU I 145 24.94 -20.37 17.85
C GLU I 145 25.18 -21.87 17.75
N GLN I 146 26.31 -22.28 17.19
CA GLN I 146 26.60 -23.71 17.10
C GLN I 146 26.74 -24.33 18.48
N ASN I 147 27.42 -23.63 19.39
CA ASN I 147 27.54 -24.11 20.76
C ASN I 147 26.18 -24.25 21.41
N GLU I 148 25.32 -23.25 21.24
CA GLU I 148 23.99 -23.32 21.84
C GLU I 148 23.18 -24.48 21.27
N LYS I 149 23.25 -24.67 19.95
CA LYS I 149 22.49 -25.75 19.33
C LYS I 149 22.96 -27.11 19.82
N ASP I 150 24.27 -27.37 19.74
CA ASP I 150 24.77 -28.69 20.10
C ASP I 150 24.60 -28.94 21.60
N LEU I 151 24.67 -27.89 22.41
CA LEU I 151 24.45 -28.05 23.85
C LEU I 151 23.03 -28.49 24.14
N LEU I 152 22.04 -27.78 23.60
CA LEU I 152 20.65 -28.03 23.91
C LEU I 152 20.04 -29.03 22.93
N LEU J 6 3.70 -5.24 9.19
CA LEU J 6 2.30 -4.91 9.48
C LEU J 6 2.11 -4.46 10.92
N GLY J 7 2.49 -5.32 11.86
CA GLY J 7 2.29 -5.03 13.27
C GLY J 7 0.87 -5.28 13.70
N ALA J 8 0.57 -4.84 14.92
CA ALA J 8 -0.77 -5.02 15.50
C ALA J 8 -1.73 -4.07 14.78
N VAL J 9 -2.34 -4.60 13.72
CA VAL J 9 -3.26 -3.82 12.90
C VAL J 9 -4.57 -4.54 12.64
N SER J 10 -4.67 -5.84 12.85
CA SER J 10 -5.92 -6.55 12.59
C SER J 10 -7.02 -6.05 13.52
N PHE J 11 -8.26 -6.09 13.02
CA PHE J 11 -9.38 -5.59 13.81
C PHE J 11 -9.63 -6.46 15.03
N GLY J 12 -9.17 -7.71 15.02
CA GLY J 12 -9.35 -8.58 16.17
C GLY J 12 -8.75 -8.01 17.45
N PHE J 13 -7.74 -7.14 17.33
CA PHE J 13 -7.26 -6.43 18.50
C PHE J 13 -8.35 -5.56 19.09
N LEU J 14 -9.08 -4.84 18.26
CA LEU J 14 -10.32 -4.24 18.71
C LEU J 14 -11.34 -5.33 19.01
N GLY J 15 -12.50 -4.92 19.52
CA GLY J 15 -13.51 -5.85 19.99
C GLY J 15 -13.34 -6.13 21.46
N ALA J 16 -12.10 -6.27 21.91
CA ALA J 16 -11.81 -6.30 23.33
C ALA J 16 -11.95 -4.93 23.98
N ALA J 17 -12.09 -3.86 23.19
CA ALA J 17 -12.24 -2.53 23.76
C ALA J 17 -13.49 -2.43 24.63
N GLY J 18 -14.51 -3.25 24.35
CA GLY J 18 -15.70 -3.23 25.18
C GLY J 18 -15.43 -3.68 26.60
N SER J 19 -14.67 -4.75 26.77
CA SER J 19 -14.44 -5.32 28.09
C SER J 19 -13.46 -4.49 28.88
N THR J 20 -13.31 -4.84 30.16
CA THR J 20 -12.41 -4.12 31.04
C THR J 20 -10.97 -4.46 30.70
N MET J 21 -10.04 -3.89 31.46
CA MET J 21 -8.63 -4.12 31.18
C MET J 21 -8.22 -5.54 31.51
N GLY J 22 -8.82 -6.14 32.54
CA GLY J 22 -8.49 -7.51 32.86
C GLY J 22 -8.86 -8.49 31.76
N ALA J 23 -10.07 -8.37 31.23
CA ALA J 23 -10.51 -9.27 30.18
C ALA J 23 -9.71 -9.06 28.90
N ALA J 24 -9.41 -7.81 28.58
CA ALA J 24 -8.60 -7.53 27.39
C ALA J 24 -7.20 -8.11 27.55
N SER J 25 -6.63 -8.01 28.75
CA SER J 25 -5.32 -8.61 28.99
C SER J 25 -5.37 -10.12 28.86
N ILE J 26 -6.44 -10.73 29.38
CA ILE J 26 -6.61 -12.18 29.25
C ILE J 26 -6.69 -12.56 27.78
N THR J 27 -7.37 -11.74 26.98
CA THR J 27 -7.45 -12.02 25.54
C THR J 27 -6.08 -11.99 24.90
N LEU J 28 -5.25 -11.01 25.26
CA LEU J 28 -3.85 -11.07 24.86
C LEU J 28 -3.21 -12.27 25.54
N THR J 29 -2.15 -12.77 24.91
CA THR J 29 -1.46 -14.02 25.27
C THR J 29 -2.27 -15.25 24.89
N VAL J 30 -3.45 -15.10 24.29
CA VAL J 30 -4.25 -16.20 23.80
C VAL J 30 -4.64 -15.99 22.34
N GLN J 31 -5.10 -14.78 22.01
CA GLN J 31 -5.45 -14.41 20.64
C GLN J 31 -4.51 -13.38 20.03
N ALA J 32 -3.49 -12.92 20.77
CA ALA J 32 -2.61 -11.90 20.23
C ALA J 32 -1.79 -12.44 19.06
N ARG J 33 -1.18 -13.62 19.25
CA ARG J 33 -0.28 -14.13 18.23
C ARG J 33 -1.02 -14.71 17.03
N GLN J 34 -2.24 -15.23 17.23
CA GLN J 34 -3.04 -15.64 16.08
C GLN J 34 -3.40 -14.43 15.22
N LEU J 35 -3.75 -13.32 15.85
CA LEU J 35 -4.12 -12.12 15.10
C LEU J 35 -2.91 -11.49 14.44
N LEU J 36 -1.75 -11.52 15.10
CA LEU J 36 -0.54 -11.03 14.46
C LEU J 36 -0.18 -11.88 13.24
N SER J 37 -0.52 -13.17 13.28
CA SER J 37 -0.29 -14.07 12.17
C SER J 37 1.19 -14.18 11.85
N GLN J 54 -1.66 -2.04 -11.15
CA GLN J 54 -3.08 -1.60 -11.11
C GLN J 54 -3.45 -0.98 -12.46
N HIS J 55 -4.75 -1.00 -12.81
CA HIS J 55 -5.20 -0.44 -14.10
C HIS J 55 -4.84 1.05 -14.17
N LEU J 56 -5.05 1.78 -13.07
CA LEU J 56 -4.75 3.23 -13.04
C LEU J 56 -3.45 3.47 -12.26
N LEU J 57 -2.65 2.42 -12.08
CA LEU J 57 -1.34 2.57 -11.40
C LEU J 57 -0.41 3.41 -12.28
N GLN J 58 0.32 4.37 -11.70
CA GLN J 58 1.21 5.26 -12.49
C GLN J 58 0.36 6.10 -13.44
N ASP J 59 -0.96 6.08 -13.28
CA ASP J 59 -1.87 6.88 -14.14
C ASP J 59 -2.19 8.19 -13.43
N GLY J 60 -2.46 8.14 -12.12
CA GLY J 60 -2.76 9.35 -11.34
C GLY J 60 -1.99 9.38 -10.04
N HIS J 61 -2.01 10.53 -9.34
CA HIS J 61 -1.31 10.65 -8.03
C HIS J 61 -1.62 9.42 -7.18
N TRP J 62 -2.72 8.73 -7.49
CA TRP J 62 -3.09 7.49 -6.74
C TRP J 62 -1.82 6.73 -6.34
N GLY J 63 -0.93 6.47 -7.31
CA GLY J 63 0.26 5.69 -7.00
C GLY J 63 1.08 6.31 -5.89
N ILE J 64 1.29 7.63 -5.97
CA ILE J 64 2.05 8.31 -4.94
C ILE J 64 1.33 8.24 -3.60
N LYS J 65 0.01 8.35 -3.62
CA LYS J 65 -0.74 8.27 -2.37
C LYS J 65 -0.63 6.89 -1.74
N GLN J 66 -0.74 5.83 -2.55
CA GLN J 66 -0.59 4.48 -2.01
C GLN J 66 0.81 4.27 -1.44
N LEU J 67 1.83 4.75 -2.15
CA LEU J 67 3.19 4.62 -1.63
C LEU J 67 3.35 5.40 -0.33
N GLN J 68 2.76 6.59 -0.24
CA GLN J 68 2.83 7.36 0.99
C GLN J 68 2.19 6.62 2.14
N THR J 69 1.01 6.02 1.91
CA THR J 69 0.33 5.29 2.98
C THR J 69 1.15 4.09 3.42
N ARG J 70 1.68 3.33 2.46
CA ARG J 70 2.44 2.14 2.82
C ARG J 70 3.72 2.51 3.58
N VAL J 71 4.41 3.57 3.13
CA VAL J 71 5.63 3.97 3.81
C VAL J 71 5.32 4.49 5.20
N LEU J 72 4.20 5.21 5.37
CA LEU J 72 3.84 5.67 6.70
C LEU J 72 3.51 4.49 7.62
N ALA J 73 2.84 3.47 7.10
CA ALA J 73 2.58 2.29 7.92
C ALA J 73 3.88 1.62 8.34
N ILE J 74 4.83 1.50 7.41
CA ILE J 74 6.12 0.90 7.74
C ILE J 74 6.84 1.73 8.80
N GLU J 75 6.81 3.06 8.66
CA GLU J 75 7.50 3.92 9.61
C GLU J 75 6.89 3.82 11.00
N HIS J 76 5.56 3.80 11.08
CA HIS J 76 4.93 3.65 12.39
C HIS J 76 5.30 2.32 13.02
N TYR J 77 5.27 1.24 12.23
CA TYR J 77 5.62 -0.07 12.77
C TYR J 77 7.06 -0.09 13.27
N LEU J 78 7.99 0.46 12.47
CA LEU J 78 9.39 0.44 12.87
C LEU J 78 9.62 1.33 14.08
N LYS J 79 8.91 2.44 14.19
CA LYS J 79 9.09 3.29 15.35
C LYS J 79 8.60 2.59 16.61
N ASP J 80 7.46 1.89 16.53
CA ASP J 80 7.00 1.15 17.70
C ASP J 80 7.97 0.04 18.07
N GLN J 81 8.50 -0.68 17.08
CA GLN J 81 9.45 -1.74 17.37
C GLN J 81 10.73 -1.17 17.99
N GLN J 82 11.22 -0.04 17.48
CA GLN J 82 12.39 0.60 18.06
C GLN J 82 12.12 1.03 19.49
N LEU J 83 10.93 1.58 19.75
CA LEU J 83 10.62 2.03 21.10
C LEU J 83 10.54 0.86 22.06
N LEU J 84 9.98 -0.27 21.62
CA LEU J 84 10.02 -1.47 22.45
C LEU J 84 11.45 -1.91 22.69
N GLY J 85 12.29 -1.85 21.65
CA GLY J 85 13.67 -2.26 21.81
C GLY J 85 14.46 -1.39 22.77
N ILE J 86 14.13 -0.10 22.82
CA ILE J 86 14.84 0.82 23.70
C ILE J 86 14.60 0.45 25.15
N TRP J 87 13.39 -0.01 25.47
CA TRP J 87 13.07 -0.42 26.83
C TRP J 87 13.53 -1.84 27.15
N GLY J 88 14.08 -2.57 26.17
CA GLY J 88 14.44 -3.96 26.37
C GLY J 88 13.27 -4.91 26.34
N CYS J 89 12.12 -4.48 25.81
CA CYS J 89 10.91 -5.30 25.76
C CYS J 89 10.69 -5.94 24.39
N SER J 90 11.68 -5.90 23.50
CA SER J 90 11.48 -6.44 22.16
C SER J 90 11.25 -7.94 22.22
N GLY J 91 10.42 -8.42 21.31
CA GLY J 91 10.09 -9.83 21.25
C GLY J 91 9.10 -10.30 22.31
N LYS J 92 8.43 -9.39 23.00
CA LYS J 92 7.45 -9.72 24.02
C LYS J 92 6.19 -8.90 23.81
N LEU J 93 5.04 -9.55 23.98
CA LEU J 93 3.78 -8.82 23.97
C LEU J 93 3.56 -8.08 25.28
N ILE J 94 4.00 -8.67 26.39
CA ILE J 94 3.89 -8.09 27.72
C ILE J 94 5.25 -8.24 28.37
N CYS J 95 5.86 -7.12 28.76
CA CYS J 95 7.16 -7.13 29.42
C CYS J 95 7.09 -6.40 30.75
N CYS J 96 7.57 -7.05 31.80
CA CYS J 96 7.63 -6.43 33.12
C CYS J 96 8.91 -5.62 33.24
N THR J 97 8.78 -4.37 33.65
CA THR J 97 9.89 -3.45 33.77
C THR J 97 10.25 -3.25 35.23
N ALA J 98 11.33 -2.50 35.45
CA ALA J 98 11.85 -2.23 36.78
C ALA J 98 11.45 -0.86 37.31
N VAL J 99 10.65 -0.10 36.57
CA VAL J 99 10.27 1.25 36.98
C VAL J 99 9.13 1.14 38.00
N PRO J 100 9.27 1.67 39.22
CA PRO J 100 8.13 1.67 40.14
C PRO J 100 7.03 2.60 39.65
N TRP J 101 5.80 2.27 40.02
CA TRP J 101 4.64 3.05 39.61
C TRP J 101 4.41 4.20 40.59
N ASN J 102 4.41 5.41 40.06
CA ASN J 102 4.26 6.62 40.86
C ASN J 102 2.79 6.92 41.05
N SER J 103 2.36 7.02 42.30
CA SER J 103 0.96 7.29 42.59
C SER J 103 0.48 8.62 42.03
N SER J 104 1.39 9.57 41.81
CA SER J 104 0.98 10.90 41.35
C SER J 104 0.35 10.84 39.97
N TRP J 105 0.80 9.92 39.11
CA TRP J 105 0.22 9.81 37.78
C TRP J 105 -1.25 9.43 37.85
N SER J 106 -1.59 8.49 38.74
CA SER J 106 -2.98 8.15 39.00
C SER J 106 -3.05 7.34 40.29
N ASN J 107 -3.79 7.83 41.27
CA ASN J 107 -3.94 7.17 42.55
C ASN J 107 -5.09 6.16 42.56
N LYS J 108 -5.55 5.72 41.39
CA LYS J 108 -6.65 4.78 41.32
C LYS J 108 -6.24 3.43 41.90
N SER J 109 -7.19 2.75 42.52
CA SER J 109 -6.92 1.44 43.10
C SER J 109 -6.53 0.45 42.02
N HIS J 110 -5.63 -0.47 42.35
CA HIS J 110 -5.18 -1.46 41.39
C HIS J 110 -6.35 -2.30 40.89
N ASP J 111 -7.18 -2.78 41.81
CA ASP J 111 -8.34 -3.57 41.41
C ASP J 111 -9.30 -2.75 40.58
N GLU J 112 -9.47 -1.47 40.97
CA GLU J 112 -10.36 -0.56 40.19
C GLU J 112 -9.82 -0.46 38.77
N ILE J 113 -8.49 -0.32 38.61
CA ILE J 113 -7.90 -0.11 37.25
C ILE J 113 -8.24 -1.29 36.33
N TRP J 114 -8.06 -2.53 36.81
CA TRP J 114 -8.25 -3.71 35.91
C TRP J 114 -9.71 -4.18 35.90
N GLY J 115 -10.28 -4.52 37.07
CA GLY J 115 -11.64 -5.07 37.12
C GLY J 115 -12.66 -4.15 36.47
N ASN J 116 -12.51 -2.84 36.66
CA ASN J 116 -13.46 -1.84 36.09
C ASN J 116 -12.73 -1.05 35.00
N MET J 117 -13.38 -0.05 34.41
CA MET J 117 -12.70 0.84 33.43
C MET J 117 -12.42 0.09 32.12
N THR J 118 -11.84 0.77 31.13
CA THR J 118 -11.48 0.13 29.85
C THR J 118 -10.17 0.74 29.34
N TRP J 119 -9.48 0.07 28.42
CA TRP J 119 -8.17 0.56 27.94
C TRP J 119 -8.31 1.97 27.37
N MET J 120 -9.48 2.32 26.84
CA MET J 120 -9.67 3.69 26.36
C MET J 120 -9.66 4.67 27.52
N GLN J 121 -10.41 4.37 28.57
CA GLN J 121 -10.48 5.26 29.71
C GLN J 121 -9.13 5.40 30.39
N TRP J 122 -8.43 4.27 30.55
CA TRP J 122 -7.10 4.32 31.18
C TRP J 122 -6.13 5.14 30.34
N ASP J 123 -6.19 5.00 29.02
CA ASP J 123 -5.34 5.82 28.15
C ASP J 123 -5.67 7.30 28.29
N ARG J 124 -6.96 7.62 28.38
CA ARG J 124 -7.34 9.02 28.59
C ARG J 124 -6.85 9.53 29.93
N GLU J 125 -6.75 8.66 30.94
CA GLU J 125 -6.38 9.13 32.27
C GLU J 125 -4.92 9.54 32.35
N ILE J 126 -4.02 8.79 31.71
CA ILE J 126 -2.58 9.04 31.81
C ILE J 126 -2.01 9.47 30.47
N SER J 127 -2.82 10.17 29.66
CA SER J 127 -2.31 10.65 28.38
C SER J 127 -1.18 11.65 28.56
N ASN J 128 -1.32 12.55 29.53
CA ASN J 128 -0.38 13.65 29.68
C ASN J 128 0.90 13.26 30.43
N TYR J 129 0.93 12.11 31.10
CA TYR J 129 2.11 11.66 31.82
C TYR J 129 2.95 10.68 31.01
N THR J 130 2.63 10.48 29.73
CA THR J 130 3.28 9.45 28.95
C THR J 130 4.77 9.71 28.79
N ASN J 131 5.14 10.97 28.51
CA ASN J 131 6.54 11.28 28.24
C ASN J 131 7.42 11.01 29.46
N THR J 132 6.92 11.34 30.65
CA THR J 132 7.67 11.08 31.87
C THR J 132 7.91 9.59 32.04
N ILE J 133 6.89 8.77 31.80
CA ILE J 133 7.04 7.33 31.95
C ILE J 133 8.01 6.78 30.91
N TYR J 134 7.96 7.32 29.69
CA TYR J 134 8.90 6.87 28.67
C TYR J 134 10.33 7.18 29.06
N ARG J 135 10.58 8.39 29.57
CA ARG J 135 11.93 8.73 29.99
C ARG J 135 12.38 7.85 31.16
N LEU J 136 11.47 7.58 32.10
CA LEU J 136 11.84 6.70 33.21
C LEU J 136 12.17 5.31 32.73
N LEU J 137 11.40 4.80 31.76
CA LEU J 137 11.69 3.48 31.21
C LEU J 137 13.06 3.46 30.53
N GLU J 138 13.37 4.50 29.78
CA GLU J 138 14.68 4.58 29.13
C GLU J 138 15.79 4.58 30.17
N ASP J 139 15.64 5.38 31.24
CA ASP J 139 16.65 5.42 32.28
C ASP J 139 16.80 4.06 32.95
N SER J 140 15.70 3.37 33.22
CA SER J 140 15.76 2.08 33.87
C SER J 140 16.51 1.07 33.01
N GLN J 141 16.18 1.01 31.71
CA GLN J 141 16.86 0.05 30.86
C GLN J 141 18.33 0.42 30.68
N ASN J 142 18.65 1.71 30.65
CA ASN J 142 20.05 2.12 30.56
C ASN J 142 20.82 1.68 31.80
N GLN J 143 20.22 1.84 32.98
CA GLN J 143 20.87 1.35 34.19
C GLN J 143 21.04 -0.16 34.17
N GLN J 144 20.06 -0.87 33.62
CA GLN J 144 20.19 -2.32 33.50
C GLN J 144 21.37 -2.69 32.60
N GLU J 145 21.54 -1.96 31.50
CA GLU J 145 22.69 -2.21 30.63
C GLU J 145 23.99 -1.92 31.36
N GLN J 146 24.01 -0.85 32.17
CA GLN J 146 25.21 -0.58 32.97
C GLN J 146 25.52 -1.72 33.92
N ASN J 147 24.48 -2.28 34.54
CA ASN J 147 24.69 -3.41 35.44
C ASN J 147 25.20 -4.63 34.69
N GLU J 148 24.70 -4.88 33.49
CA GLU J 148 25.19 -6.01 32.70
C GLU J 148 26.65 -5.85 32.31
N LYS J 149 27.16 -4.62 32.28
CA LYS J 149 28.58 -4.42 32.02
C LYS J 149 29.45 -5.03 33.11
N ASP J 150 28.91 -5.26 34.30
CA ASP J 150 29.64 -5.89 35.40
C ASP J 150 29.59 -7.40 35.24
N LEU J 151 30.15 -7.86 34.12
CA LEU J 151 30.17 -9.30 33.85
C LEU J 151 31.08 -10.03 34.84
N LEU J 152 32.27 -9.48 35.08
CA LEU J 152 33.22 -10.07 36.01
C LEU J 152 33.13 -9.42 37.38
C1 NAG K . -8.98 7.55 -42.93
C2 NAG K . -10.24 6.79 -43.34
C3 NAG K . -9.86 5.40 -43.83
C4 NAG K . -8.86 5.52 -44.96
C5 NAG K . -7.64 6.31 -44.49
C6 NAG K . -6.63 6.54 -45.62
C7 NAG K . -12.16 5.89 -42.10
C8 NAG K . -12.09 4.98 -40.91
N2 NAG K . -11.15 6.76 -42.21
O3 NAG K . -11.01 4.68 -44.30
O4 NAG K . -8.42 4.23 -45.40
O5 NAG K . -8.08 7.58 -44.03
O6 NAG K . -5.50 7.24 -45.10
O7 NAG K . -13.07 5.85 -42.90
C1 NAG K . -9.23 3.85 -46.48
C2 NAG K . -8.33 3.73 -47.71
C3 NAG K . -9.15 3.31 -48.92
C4 NAG K . -9.88 2.01 -48.60
C5 NAG K . -10.73 2.18 -47.34
C6 NAG K . -11.43 0.88 -46.97
C7 NAG K . -7.24 5.32 -49.19
C8 NAG K . -7.87 6.54 -49.79
N2 NAG K . -7.67 4.99 -47.97
O3 NAG K . -8.29 3.12 -50.05
O4 NAG K . -10.72 1.64 -49.70
O5 NAG K . -9.91 2.61 -46.25
O6 NAG K . -12.16 0.41 -48.10
O7 NAG K . -6.40 4.67 -49.78
C1 NAG L . 25.12 -27.44 -18.57
C2 NAG L . 26.04 -28.19 -17.61
C3 NAG L . 27.39 -27.49 -17.54
C4 NAG L . 28.00 -27.35 -18.93
C5 NAG L . 27.01 -26.64 -19.85
C6 NAG L . 27.47 -26.60 -21.31
C7 NAG L . 24.71 -29.27 -15.90
C8 NAG L . 24.17 -29.19 -14.50
N2 NAG L . 25.48 -28.25 -16.28
O3 NAG L . 28.28 -28.25 -16.71
O4 NAG L . 29.31 -26.73 -18.76
O5 NAG L . 25.75 -27.31 -19.85
O6 NAG L . 26.56 -25.80 -22.07
O7 NAG L . 24.44 -30.20 -16.64
C1 NAG L . 29.52 -25.41 -19.30
C2 NAG L . 29.58 -24.37 -18.19
C3 NAG L . 29.82 -23.00 -18.78
C4 NAG L . 31.06 -23.03 -19.66
C5 NAG L . 30.94 -24.11 -20.72
C6 NAG L . 32.21 -24.20 -21.55
C7 NAG L . 27.86 -23.42 -16.72
C8 NAG L . 26.47 -22.99 -17.07
N2 NAG L . 28.35 -24.44 -17.43
O3 NAG L . 30.01 -22.02 -17.76
O4 NAG L . 31.24 -21.76 -20.29
O5 NAG L . 30.70 -25.39 -20.11
O6 NAG L . 32.01 -25.14 -22.62
O7 NAG L . 28.51 -22.87 -15.84
C1 NAG M . 22.25 -5.73 -37.03
C2 NAG M . 21.36 -4.57 -37.46
C3 NAG M . 21.98 -3.84 -38.65
C4 NAG M . 23.39 -3.40 -38.26
C5 NAG M . 24.21 -4.60 -37.81
C6 NAG M . 25.61 -4.19 -37.37
C7 NAG M . 19.13 -5.33 -36.91
C8 NAG M . 18.76 -4.20 -36.01
N2 NAG M . 20.05 -5.06 -37.83
O3 NAG M . 21.20 -2.70 -38.99
O4 NAG M . 24.01 -2.78 -39.39
O5 NAG M . 23.56 -5.26 -36.72
O6 NAG M . 26.40 -5.37 -37.14
O7 NAG M . 18.64 -6.44 -36.80
C1 NAG M . 24.50 -1.51 -38.95
C2 NAG M . 25.46 -0.88 -39.95
C3 NAG M . 26.02 0.40 -39.36
C4 NAG M . 24.89 1.31 -38.94
C5 NAG M . 23.96 0.60 -37.99
C6 NAG M . 22.77 1.49 -37.63
C7 NAG M . 26.38 -2.78 -41.14
C8 NAG M . 26.85 -4.12 -40.68
N2 NAG M . 26.53 -1.79 -40.26
O3 NAG M . 26.84 1.04 -40.34
O4 NAG M . 25.42 2.46 -38.27
O5 NAG M . 23.46 -0.61 -38.57
O6 NAG M . 21.97 1.68 -38.80
O7 NAG M . 25.90 -2.59 -42.25
C1 BMA M . 25.11 3.66 -38.99
C2 BMA M . 24.72 4.73 -37.98
C3 BMA M . 24.46 6.05 -38.67
C4 BMA M . 25.68 6.43 -39.48
C5 BMA M . 26.05 5.32 -40.45
C6 BMA M . 27.34 5.65 -41.19
O2 BMA M . 25.77 4.89 -37.02
O3 BMA M . 24.17 7.06 -37.71
O4 BMA M . 25.43 7.64 -40.20
O5 BMA M . 26.25 4.10 -39.73
O6 BMA M . 28.37 5.88 -40.23
C1 MAN M . 22.91 6.74 -37.08
C2 MAN M . 22.08 8.01 -36.99
C3 MAN M . 22.77 9.01 -36.08
C4 MAN M . 22.97 8.37 -34.72
C5 MAN M . 23.78 7.09 -34.88
C6 MAN M . 23.97 6.38 -33.55
O2 MAN M . 20.78 7.70 -36.48
O3 MAN M . 21.97 10.18 -35.94
O4 MAN M . 23.68 9.27 -33.86
O5 MAN M . 23.10 6.20 -35.78
O6 MAN M . 24.67 7.24 -32.65
C1 MAN M . 29.46 4.96 -40.39
C2 MAN M . 29.20 3.69 -39.60
C3 MAN M . 29.11 4.02 -38.12
C4 MAN M . 30.40 4.68 -37.70
C5 MAN M . 30.63 5.92 -38.56
C6 MAN M . 31.92 6.62 -38.18
O2 MAN M . 30.27 2.75 -39.81
O3 MAN M . 28.89 2.83 -37.36
O4 MAN M . 30.33 5.04 -36.32
O5 MAN M . 30.68 5.56 -39.93
O6 MAN M . 31.87 7.05 -36.82
C1 NAG N . 23.21 -26.98 -37.42
C2 NAG N . 24.57 -27.57 -37.73
C3 NAG N . 24.51 -28.21 -39.10
C4 NAG N . 23.40 -29.25 -39.09
C5 NAG N . 22.08 -28.59 -38.72
C6 NAG N . 20.94 -29.60 -38.68
C7 NAG N . 26.23 -26.28 -36.55
C8 NAG N . 26.28 -24.84 -36.13
N2 NAG N . 25.59 -26.54 -37.68
O3 NAG N . 25.77 -28.81 -39.40
O4 NAG N . 23.29 -29.86 -40.38
O5 NAG N . 22.19 -27.98 -37.43
O6 NAG N . 19.70 -28.92 -38.42
O7 NAG N . 26.76 -27.16 -35.88
C1 NAG N . 23.88 -31.18 -40.34
C2 NAG N . 23.38 -32.02 -41.50
C3 NAG N . 23.99 -33.41 -41.42
C4 NAG N . 25.51 -33.28 -41.40
C5 NAG N . 25.93 -32.40 -40.24
C6 NAG N . 27.44 -32.19 -40.21
C7 NAG N . 21.18 -31.24 -42.10
C8 NAG N . 21.65 -30.86 -43.48
N2 NAG N . 21.94 -32.12 -41.47
O3 NAG N . 23.59 -34.17 -42.56
O4 NAG N . 26.09 -34.59 -41.28
O5 NAG N . 25.31 -31.13 -40.35
O6 NAG N . 27.84 -31.49 -41.40
O7 NAG N . 20.17 -30.77 -41.60
C1 BMA N . 27.06 -34.78 -42.33
C2 BMA N . 26.64 -35.93 -43.22
C3 BMA N . 27.70 -36.17 -44.28
C4 BMA N . 27.91 -34.87 -45.05
C5 BMA N . 28.30 -33.75 -44.09
C6 BMA N . 28.46 -32.43 -44.83
O2 BMA N . 25.39 -35.63 -43.85
O3 BMA N . 27.29 -37.20 -45.17
O4 BMA N . 28.96 -35.06 -46.01
O5 BMA N . 27.28 -33.60 -43.10
O6 BMA N . 29.53 -32.53 -45.78
C1 NAG O . 9.37 -20.11 -57.71
C2 NAG O . 9.59 -18.88 -58.58
C3 NAG O . 9.08 -19.14 -59.98
C4 NAG O . 9.76 -20.38 -60.54
C5 NAG O . 9.52 -21.57 -59.59
C6 NAG O . 10.25 -22.81 -60.10
C7 NAG O . 9.49 -17.02 -57.03
C8 NAG O . 8.60 -16.00 -56.38
N2 NAG O . 8.93 -17.73 -58.00
O3 NAG O . 9.37 -18.02 -60.83
O4 NAG O . 9.22 -20.69 -61.82
O5 NAG O . 10.00 -21.25 -58.28
O6 NAG O . 9.87 -23.93 -59.30
O7 NAG O . 10.64 -17.18 -56.68
C1 NAG O . 10.26 -20.56 -62.82
C2 NAG O . 9.97 -21.52 -63.98
C3 NAG O . 11.07 -21.41 -65.01
C4 NAG O . 11.21 -19.97 -65.46
C5 NAG O . 11.45 -19.07 -64.25
C6 NAG O . 11.54 -17.60 -64.65
C7 NAG O . 8.70 -23.36 -63.05
C8 NAG O . 8.70 -24.83 -62.74
N2 NAG O . 9.86 -22.88 -63.50
O3 NAG O . 10.76 -22.24 -66.13
O4 NAG O . 12.29 -19.85 -66.38
O5 NAG O . 10.41 -19.23 -63.30
O6 NAG O . 12.56 -17.43 -65.63
O7 NAG O . 7.72 -22.66 -62.88
C1 NAG P . 27.11 -11.73 -37.97
C2 NAG P . 27.45 -10.59 -37.01
C3 NAG P . 28.93 -10.26 -37.08
C4 NAG P . 29.74 -11.51 -36.82
C5 NAG P . 29.33 -12.62 -37.78
C6 NAG P . 30.07 -13.91 -37.48
C7 NAG P . 25.48 -9.16 -36.76
C8 NAG P . 25.27 -9.73 -35.39
N2 NAG P . 26.67 -9.40 -37.32
O3 NAG P . 29.25 -9.26 -36.12
O4 NAG P . 31.13 -11.22 -36.98
O5 NAG P . 27.94 -12.87 -37.69
O6 NAG P . 29.81 -14.87 -38.51
O7 NAG P . 24.63 -8.50 -37.34
C1 NAG P . 31.78 -11.42 -35.72
C2 NAG P . 33.22 -11.80 -35.95
C3 NAG P . 33.91 -12.05 -34.61
C4 NAG P . 33.76 -10.81 -33.75
C5 NAG P . 32.28 -10.45 -33.60
C6 NAG P . 32.10 -9.18 -32.78
C7 NAG P . 33.29 -12.94 -38.09
C8 NAG P . 33.49 -14.24 -38.81
N2 NAG P . 33.31 -13.00 -36.77
O3 NAG P . 35.30 -12.32 -34.82
O4 NAG P . 34.34 -11.05 -32.46
O5 NAG P . 31.68 -10.27 -34.88
O6 NAG P . 32.73 -9.31 -31.50
O7 NAG P . 33.10 -11.88 -38.69
C1 NAG Q . 15.98 34.12 -35.24
C2 NAG Q . 17.21 33.22 -35.23
C3 NAG Q . 18.39 33.97 -34.64
C4 NAG Q . 18.62 35.29 -35.38
C5 NAG Q . 17.31 36.09 -35.46
C6 NAG Q . 17.42 37.30 -36.36
C7 NAG Q . 17.61 30.85 -34.74
C8 NAG Q . 17.23 29.69 -33.88
N2 NAG Q . 16.96 31.99 -34.49
O3 NAG Q . 19.56 33.16 -34.74
O4 NAG Q . 19.58 36.04 -34.67
O5 NAG Q . 16.25 35.29 -35.99
O6 NAG Q . 16.22 37.51 -37.09
O7 NAG Q . 18.46 30.76 -35.61
C1 NAG Q . 20.49 36.70 -35.57
C2 NAG Q . 21.13 37.84 -34.80
C3 NAG Q . 22.12 38.58 -35.68
C4 NAG Q . 23.13 37.62 -36.27
C5 NAG Q . 22.44 36.45 -36.95
C6 NAG Q . 23.40 35.37 -37.40
C7 NAG Q . 20.13 39.21 -33.02
C8 NAG Q . 19.00 40.12 -32.66
N2 NAG Q . 20.13 38.75 -34.28
O3 NAG Q . 22.78 39.59 -34.92
O4 NAG Q . 23.95 38.29 -37.22
O5 NAG Q . 21.51 35.83 -36.05
O6 NAG Q . 24.74 35.81 -37.35
O7 NAG Q . 21.00 38.90 -32.21
C1 NAG R . 41.92 29.17 0.40
C2 NAG R . 42.98 29.61 -0.59
C3 NAG R . 43.87 28.44 -0.93
C4 NAG R . 44.47 27.88 0.35
C5 NAG R . 43.36 27.50 1.32
C6 NAG R . 43.92 27.00 2.64
C7 NAG R . 41.96 31.39 -1.90
C8 NAG R . 41.35 31.78 -3.22
N2 NAG R . 42.36 30.13 -1.80
O3 NAG R . 44.92 28.87 -1.81
O4 NAG R . 45.25 26.72 0.06
O5 NAG R . 42.53 28.63 1.59
O6 NAG R . 42.85 26.53 3.47
O7 NAG R . 42.07 32.18 -0.98
C1 NAG R . 46.63 26.98 0.43
C2 NAG R . 47.43 27.35 -0.81
C3 NAG R . 48.88 27.59 -0.43
C4 NAG R . 48.93 28.67 0.65
C5 NAG R . 48.08 28.24 1.84
C6 NAG R . 48.08 29.32 2.91
C7 NAG R . 46.37 26.31 -2.73
C8 NAG R . 45.46 25.11 -2.72
N2 NAG R . 47.33 26.31 -1.81
O3 NAG R . 49.62 28.02 -1.59
O4 NAG R . 50.29 28.86 1.07
O5 NAG R . 46.74 28.00 1.42
O6 NAG R . 47.36 28.83 4.06
O7 NAG R . 46.22 27.24 -3.51
C1 NAG S . 16.39 43.10 -2.36
C2 NAG S . 15.66 43.18 -3.69
C3 NAG S . 14.86 44.48 -3.79
C4 NAG S . 13.95 44.65 -2.59
C5 NAG S . 14.76 44.52 -1.29
C6 NAG S . 13.84 44.52 -0.08
C7 NAG S . 16.34 43.34 -6.04
C8 NAG S . 16.92 44.60 -6.59
N2 NAG S . 16.63 43.07 -4.77
O3 NAG S . 14.05 44.48 -4.96
O4 NAG S . 13.35 45.96 -2.68
O5 NAG S . 15.51 43.30 -1.26
O6 NAG S . 12.99 43.37 -0.12
O7 NAG S . 15.63 42.60 -6.71
C1 NAG S . 11.91 45.95 -2.42
C2 NAG S . 11.43 47.22 -1.73
C3 NAG S . 9.93 47.17 -1.40
C4 NAG S . 9.09 46.90 -2.63
C5 NAG S . 9.65 45.63 -3.29
C6 NAG S . 8.94 45.33 -4.61
C7 NAG S . 13.11 48.38 -0.43
C8 NAG S . 14.41 47.97 0.17
N2 NAG S . 12.17 47.43 -0.52
O3 NAG S . 9.54 48.41 -0.82
O4 NAG S . 7.70 46.74 -2.24
O5 NAG S . 11.07 45.73 -3.57
O6 NAG S . 7.56 45.01 -4.37
O7 NAG S . 12.89 49.52 -0.82
C1 BMA S . 6.73 47.67 -2.82
C2 BMA S . 5.46 46.89 -3.18
C3 BMA S . 4.31 47.75 -3.67
C4 BMA S . 3.99 48.89 -2.71
C5 BMA S . 5.29 49.62 -2.37
C6 BMA S . 4.98 50.59 -1.23
O2 BMA S . 5.03 46.17 -2.01
O3 BMA S . 3.14 46.91 -3.81
O4 BMA S . 3.10 49.80 -3.37
O5 BMA S . 6.35 48.75 -1.94
O6 BMA S . 4.44 49.81 -0.16
C1 MAN S . 2.86 46.56 -5.18
C2 MAN S . 1.42 46.07 -5.21
C3 MAN S . 1.29 44.83 -4.35
C4 MAN S . 2.26 43.78 -4.86
C5 MAN S . 3.67 44.34 -4.85
C6 MAN S . 4.69 43.34 -5.38
O2 MAN S . 1.05 45.76 -6.56
O3 MAN S . -0.04 44.32 -4.40
O4 MAN S . 2.18 42.61 -4.05
O5 MAN S . 3.72 45.53 -5.65
O6 MAN S . 4.73 42.19 -4.52
C1 MAN S . 3.16 50.32 0.28
C2 MAN S . 3.11 50.20 1.80
C3 MAN S . 3.21 48.74 2.19
C4 MAN S . 2.07 47.99 1.53
C5 MAN S . 2.16 48.17 0.03
C6 MAN S . 1.03 47.43 -0.69
O2 MAN S . 1.88 50.74 2.28
O3 MAN S . 3.13 48.61 3.61
O4 MAN S . 2.16 46.59 1.84
O5 MAN S . 2.09 49.57 -0.29
O6 MAN S . 1.15 47.60 -2.10
C1 NAG T . 28.16 51.87 -21.76
C2 NAG T . 28.31 50.97 -22.98
C3 NAG T . 29.76 50.94 -23.44
C4 NAG T . 30.42 52.32 -23.38
C5 NAG T . 30.12 53.03 -22.07
C6 NAG T . 30.76 54.41 -22.02
C7 NAG T . 27.17 49.31 -21.61
C8 NAG T . 27.01 47.85 -21.33
N2 NAG T . 27.90 49.61 -22.68
O3 NAG T . 29.81 50.46 -24.78
O4 NAG T . 31.84 52.17 -23.51
O5 NAG T . 28.70 53.16 -21.94
O6 NAG T . 30.51 55.08 -23.26
O7 NAG T . 26.66 50.17 -20.90
C1 NAG T . 32.30 52.52 -24.82
C2 NAG T . 33.76 52.96 -24.71
C3 NAG T . 34.30 53.31 -26.08
C4 NAG T . 34.11 52.14 -27.02
C5 NAG T . 32.65 51.72 -27.05
C6 NAG T . 32.43 50.49 -27.92
C7 NAG T . 33.53 55.32 -24.15
C8 NAG T . 34.47 56.39 -23.67
N2 NAG T . 33.89 54.08 -23.81
O3 NAG T . 35.68 53.65 -25.99
O4 NAG T . 34.56 52.50 -28.33
O5 NAG T . 32.19 51.43 -25.74
O6 NAG T . 32.90 50.73 -29.25
O7 NAG T . 32.54 55.58 -24.80
C1 NAG U . -19.10 35.85 -21.31
C2 NAG U . -18.74 36.56 -20.02
C3 NAG U . -19.94 36.62 -19.08
C4 NAG U . -21.13 37.24 -19.79
C5 NAG U . -21.39 36.56 -21.13
C6 NAG U . -22.44 37.25 -21.96
C7 NAG U . -16.74 36.55 -18.59
C8 NAG U . -15.64 35.71 -18.00
N2 NAG U . -17.61 35.90 -19.37
O3 NAG U . -19.59 37.39 -17.94
O4 NAG U . -22.29 37.10 -18.98
O5 NAG U . -20.19 36.52 -21.93
O6 NAG U . -22.24 38.65 -22.01
O7 NAG U . -16.84 37.75 -18.37
C1 NAG U . -22.96 38.36 -18.82
C2 NAG U . -24.41 38.10 -18.47
C3 NAG U . -25.14 39.42 -18.21
C4 NAG U . -24.40 40.21 -17.13
C5 NAG U . -22.95 40.41 -17.56
C6 NAG U . -22.13 41.10 -16.51
C7 NAG U . -25.82 36.26 -19.31
C8 NAG U . -26.44 35.64 -20.52
N2 NAG U . -25.08 37.36 -19.53
O3 NAG U . -26.47 39.15 -17.78
O4 NAG U . -25.02 41.48 -16.95
O5 NAG U . -22.34 39.13 -17.79
O6 NAG U . -22.07 40.34 -15.30
O7 NAG U . -25.97 35.79 -18.19
C1 NAG V . -26.32 -2.62 17.78
C2 NAG V . -27.74 -3.16 17.66
C3 NAG V . -27.70 -4.63 17.25
C4 NAG V . -26.90 -4.75 15.96
C5 NAG V . -25.51 -4.15 16.13
C6 NAG V . -24.74 -4.22 14.82
C7 NAG V . -29.50 -3.62 19.29
C8 NAG V . -29.38 -4.49 20.52
N2 NAG V . -28.40 -2.97 18.94
O3 NAG V . -29.01 -5.14 17.03
O4 NAG V . -26.76 -6.13 15.61
O5 NAG V . -25.61 -2.79 16.55
O6 NAG V . -25.42 -3.44 13.84
O7 NAG V . -30.55 -3.53 18.67
C1 NAG V . -27.57 -6.41 14.45
C2 NAG V . -26.90 -7.47 13.58
C3 NAG V . -27.76 -7.74 12.35
C4 NAG V . -29.15 -8.15 12.81
C5 NAG V . -29.74 -7.08 13.71
C6 NAG V . -31.12 -7.48 14.22
C7 NAG V . -24.50 -7.31 13.88
C8 NAG V . -23.19 -7.14 13.16
N2 NAG V . -25.59 -7.03 13.16
O3 NAG V . -27.17 -8.78 11.57
O4 NAG V . -29.99 -8.35 11.67
O5 NAG V . -28.89 -6.83 14.82
O6 NAG V . -31.69 -6.40 14.97
O7 NAG V . -24.56 -7.66 15.04
C1 NAG W . -30.98 5.33 -10.06
C2 NAG W . -30.41 6.21 -11.17
C3 NAG W . -31.24 6.04 -12.45
C4 NAG W . -31.28 4.58 -12.82
C5 NAG W . -31.82 3.76 -11.65
C6 NAG W . -31.82 2.27 -11.97
C7 NAG W . -30.03 8.60 -11.52
C8 NAG W . -30.89 9.83 -11.43
N2 NAG W . -30.38 7.60 -10.73
O3 NAG W . -30.67 6.78 -13.53
O4 NAG W . -32.09 4.42 -13.99
O5 NAG W . -31.03 3.97 -10.48
O6 NAG W . -30.47 1.82 -12.18
O7 NAG W . -29.07 8.54 -12.26
C1 NAG W . -31.40 3.60 -14.94
C2 NAG W . -32.37 3.00 -15.95
C3 NAG W . -31.63 2.03 -16.87
C4 NAG W . -30.46 2.76 -17.52
C5 NAG W . -29.57 3.37 -16.45
C6 NAG W . -28.43 4.16 -17.09
C7 NAG W . -34.49 2.95 -14.76
C8 NAG W . -35.03 2.43 -13.47
N2 NAG W . -33.44 2.31 -15.26
O3 NAG W . -32.53 1.55 -17.87
O4 NAG W . -29.69 1.80 -18.27
O5 NAG W . -30.31 4.24 -15.60
O6 NAG W . -27.51 4.56 -16.08
O7 NAG W . -34.97 3.92 -15.33
C1 BMA W . -29.93 1.96 -19.68
C2 BMA W . -28.68 1.48 -20.42
C3 BMA W . -28.86 1.58 -21.92
C4 BMA W . -30.10 0.79 -22.31
C5 BMA W . -31.31 1.29 -21.53
C6 BMA W . -32.58 0.51 -21.90
O2 BMA W . -28.41 0.12 -20.06
O3 BMA W . -27.72 1.04 -22.58
O4 BMA W . -30.33 0.94 -23.72
O5 BMA W . -31.06 1.20 -20.13
O6 BMA W . -32.43 -0.91 -21.72
C1 MAN W . -27.07 2.09 -23.33
C2 MAN W . -27.05 1.73 -24.81
C3 MAN W . -26.13 0.54 -25.04
C4 MAN W . -24.74 0.87 -24.50
C5 MAN W . -24.84 1.27 -23.04
C6 MAN W . -23.48 1.66 -22.49
O2 MAN W . -26.59 2.85 -25.57
O3 MAN W . -26.06 0.25 -26.44
O4 MAN W . -23.88 -0.26 -24.64
O5 MAN W . -25.75 2.36 -22.88
O6 MAN W . -23.61 1.99 -21.10
C1 MAN W . -32.53 -1.54 -23.02
C2 MAN W . -33.58 -2.64 -23.06
C3 MAN W . -33.13 -3.86 -22.26
C4 MAN W . -31.76 -4.30 -22.77
C5 MAN W . -30.77 -3.14 -22.73
C6 MAN W . -29.43 -3.55 -23.32
O2 MAN W . -33.80 -3.02 -24.42
O3 MAN W . -34.07 -4.92 -22.42
O4 MAN W . -31.27 -5.38 -21.96
O5 MAN W . -31.26 -2.02 -23.47
O6 MAN W . -28.52 -2.43 -23.26
C1 NAG X . -41.38 6.30 8.46
C2 NAG X . -42.20 5.04 8.70
C3 NAG X . -43.67 5.40 8.87
C4 NAG X . -43.84 6.47 9.94
C5 NAG X . -42.88 7.64 9.73
C6 NAG X . -42.87 8.60 10.90
C7 NAG X . -41.08 3.14 7.62
C8 NAG X . -41.05 2.24 6.42
N2 NAG X . -42.03 4.09 7.62
O3 NAG X . -44.39 4.24 9.22
O4 NAG X . -45.16 6.97 9.89
O5 NAG X . -41.54 7.19 9.56
O6 NAG X . -42.42 9.89 10.52
O7 NAG X . -40.28 3.03 8.55
C1 NAG X . -45.96 6.47 10.98
C2 NAG X . -47.10 7.46 11.22
C3 NAG X . -48.01 6.95 12.32
C4 NAG X . -48.50 5.54 11.99
C5 NAG X . -47.30 4.64 11.74
C6 NAG X . -47.70 3.25 11.30
C7 NAG X . -46.88 9.90 10.89
C8 NAG X . -46.25 11.16 11.40
N2 NAG X . -46.59 8.79 11.56
O3 NAG X . -49.12 7.84 12.46
O4 NAG X . -49.26 5.03 13.08
O5 NAG X . -46.50 5.19 10.68
O6 NAG X . -46.58 2.38 11.20
O7 NAG X . -47.62 9.89 9.91
C1 NAG Y . -40.97 27.69 -11.92
C2 NAG Y . -40.08 28.91 -12.01
C3 NAG Y . -40.73 30.10 -11.33
C4 NAG Y . -42.15 30.32 -11.86
C5 NAG Y . -42.95 29.02 -11.85
C6 NAG Y . -44.28 29.15 -12.55
C7 NAG Y . -37.66 28.43 -12.12
C8 NAG Y . -36.43 28.17 -11.32
N2 NAG Y . -38.79 28.64 -11.41
O3 NAG Y . -39.95 31.26 -11.55
O4 NAG Y . -42.82 31.27 -11.04
O5 NAG Y . -42.22 27.99 -12.53
O6 NAG Y . -44.13 29.72 -13.84
O7 NAG Y . -37.65 28.47 -13.35
C1 NAG Y . -43.32 32.34 -11.85
C2 NAG Y . -44.39 33.10 -11.07
C3 NAG Y . -44.91 34.28 -11.88
C4 NAG Y . -43.75 35.15 -12.34
C5 NAG Y . -42.71 34.31 -13.07
C6 NAG Y . -41.48 35.10 -13.45
C7 NAG Y . -45.77 31.87 -9.43
C8 NAG Y . -46.94 30.95 -9.25
N2 NAG Y . -45.49 32.21 -10.70
O3 NAG Y . -45.81 35.04 -11.08
O4 NAG Y . -44.23 36.17 -13.22
O5 NAG Y . -42.27 33.24 -12.22
O6 NAG Y . -41.82 36.23 -14.25
O7 NAG Y . -45.11 32.28 -8.48
C1 NAG Z . -49.74 26.35 -5.19
C2 NAG Z . -49.79 26.48 -6.72
C3 NAG Z . -50.90 27.44 -7.14
C4 NAG Z . -52.23 27.03 -6.51
C5 NAG Z . -52.07 26.95 -5.00
C6 NAG Z . -53.32 26.49 -4.29
C7 NAG Z . -47.51 26.10 -7.52
C8 NAG Z . -46.26 26.74 -8.07
N2 NAG Z . -48.52 26.92 -7.24
O3 NAG Z . -51.03 27.41 -8.56
O4 NAG Z . -53.21 28.01 -6.84
O5 NAG Z . -51.04 26.00 -4.69
O6 NAG Z . -53.09 26.31 -2.90
O7 NAG Z . -47.60 24.89 -7.35
C1 NAG Z . -54.50 27.45 -7.19
C2 NAG Z . -55.39 28.63 -7.58
C3 NAG Z . -56.77 28.12 -7.98
C4 NAG Z . -56.65 27.06 -9.08
C5 NAG Z . -55.72 25.95 -8.60
C6 NAG Z . -55.48 24.90 -9.66
C7 NAG Z . -54.62 30.59 -6.32
C8 NAG Z . -54.88 31.48 -5.15
N2 NAG Z . -55.49 29.58 -6.49
O3 NAG Z . -57.56 29.22 -8.46
O4 NAG Z . -57.93 26.52 -9.37
O5 NAG Z . -54.44 26.50 -8.26
O6 NAG Z . -54.38 24.07 -9.31
O7 NAG Z . -53.68 30.77 -7.08
C1 NAG AA . -31.66 23.47 -40.40
C2 NAG AA . -32.58 22.28 -40.64
C3 NAG AA . -31.97 21.33 -41.65
C4 NAG AA . -31.54 22.07 -42.91
C5 NAG AA . -30.74 23.33 -42.57
C6 NAG AA . -30.49 24.20 -43.79
C7 NAG AA . -33.88 20.73 -39.25
C8 NAG AA . -34.02 20.11 -37.90
N2 NAG AA . -32.86 21.58 -39.40
O3 NAG AA . -32.91 20.32 -41.98
O4 NAG AA . -30.70 21.24 -43.71
O5 NAG AA . -31.43 24.13 -41.61
O6 NAG AA . -30.27 25.56 -43.41
O7 NAG AA . -34.66 20.48 -40.16
C1 NAG AA . -31.50 20.38 -44.53
C2 NAG AA . -31.30 20.78 -45.98
C3 NAG AA . -32.07 19.84 -46.88
C4 NAG AA . -31.68 18.38 -46.61
C5 NAG AA . -31.87 18.08 -45.13
C6 NAG AA . -31.39 16.70 -44.75
C7 NAG AA . -31.13 23.06 -46.99
C8 NAG AA . -29.89 22.65 -47.70
N2 NAG AA . -31.72 22.16 -46.19
O3 NAG AA . -31.84 20.15 -48.26
O4 NAG AA . -32.51 17.52 -47.38
O5 NAG AA . -31.11 19.02 -44.34
O6 NAG AA . -32.41 15.73 -44.96
O7 NAG AA . -31.59 24.20 -47.11
C1 NAG BA . -1.01 -35.62 14.46
C2 NAG BA . -1.64 -36.06 15.77
C3 NAG BA . -2.70 -37.09 15.49
C4 NAG BA . -3.70 -36.55 14.49
C5 NAG BA . -2.99 -36.09 13.22
C6 NAG BA . -3.96 -35.44 12.25
C7 NAG BA . 0.13 -35.81 17.41
C8 NAG BA . 1.40 -36.42 17.91
N2 NAG BA . -0.63 -36.61 16.66
O3 NAG BA . -3.38 -37.43 16.70
O4 NAG BA . -4.61 -37.60 14.15
O5 NAG BA . -1.98 -35.13 13.53
O6 NAG BA . -4.55 -34.29 12.87
O7 NAG BA . -0.20 -34.66 17.68
C1 NAG BA . -5.97 -37.21 14.42
C2 NAG BA . -6.93 -38.35 14.05
C3 NAG BA . -8.35 -37.87 14.25
C4 NAG BA . -8.53 -37.45 15.69
C5 NAG BA . -7.53 -36.34 16.00
C6 NAG BA . -7.65 -35.87 17.45
C7 NAG BA . -6.27 -38.02 11.72
C8 NAG BA . -7.25 -37.03 11.15
N2 NAG BA . -6.72 -38.80 12.69
O3 NAG BA . -9.26 -38.94 13.91
O4 NAG BA . -9.87 -36.96 15.91
O5 NAG BA . -6.21 -36.83 15.78
O6 NAG BA . -8.91 -35.20 17.63
O7 NAG BA . -5.13 -38.10 11.31
C1 NAG CA . 9.04 19.64 -58.60
C2 NAG CA . 10.43 19.82 -58.01
C3 NAG CA . 10.52 21.23 -57.44
C4 NAG CA . 10.15 22.22 -58.53
C5 NAG CA . 8.77 21.93 -59.10
C6 NAG CA . 8.42 22.90 -60.22
C7 NAG CA . 11.55 18.88 -56.02
C8 NAG CA . 11.02 18.63 -54.65
N2 NAG CA . 10.66 18.79 -57.01
O3 NAG CA . 11.84 21.52 -56.98
O4 NAG CA . 10.18 23.55 -57.98
O5 NAG CA . 8.72 20.59 -59.61
O6 NAG CA . 8.43 24.24 -59.72
O7 NAG CA . 12.73 19.15 -56.23
C1 NAG DA . -0.86 28.08 -51.75
C2 NAG DA . -1.60 27.09 -52.66
C3 NAG DA . -1.61 27.64 -54.08
C4 NAG DA . -2.23 29.03 -54.07
C5 NAG DA . -1.46 29.94 -53.11
C6 NAG DA . -2.12 31.31 -53.05
C7 NAG DA . -0.99 24.86 -53.52
C8 NAG DA . 0.34 24.45 -54.07
N2 NAG DA . -0.95 25.79 -52.58
O3 NAG DA . -2.40 26.80 -54.93
O4 NAG DA . -2.18 29.58 -55.38
O5 NAG DA . -1.45 29.37 -51.80
O6 NAG DA . -3.42 31.20 -52.46
O7 NAG DA . -2.03 24.37 -53.92
C1 NAG EA . 17.74 -31.90 -22.33
C2 NAG EA . 18.40 -32.84 -21.32
C3 NAG EA . 18.20 -34.28 -21.74
C4 NAG EA . 16.72 -34.55 -21.91
C5 NAG EA . 16.12 -33.56 -22.90
C6 NAG EA . 14.61 -33.76 -23.05
C7 NAG EA . 20.24 -31.49 -20.47
C8 NAG EA . 21.52 -30.87 -20.92
N2 NAG EA . 19.81 -32.52 -21.19
O3 NAG EA . 18.74 -35.15 -20.75
O4 NAG EA . 16.53 -35.89 -22.38
O5 NAG EA . 16.36 -32.22 -22.47
O6 NAG EA . 14.33 -35.10 -23.45
O7 NAG EA . 19.60 -31.05 -19.52
C1 NAG FA . 7.89 -30.34 -25.29
C2 NAG FA . 6.57 -30.82 -25.87
C3 NAG FA . 5.56 -30.91 -24.74
C4 NAG FA . 6.11 -31.81 -23.64
C5 NAG FA . 7.45 -31.29 -23.16
C6 NAG FA . 8.06 -32.20 -22.09
C7 NAG FA . 6.56 -29.96 -28.13
C8 NAG FA . 6.87 -28.63 -28.76
N2 NAG FA . 6.10 -29.91 -26.88
O3 NAG FA . 4.33 -31.45 -25.24
O4 NAG FA . 5.18 -31.85 -22.55
O5 NAG FA . 8.37 -31.20 -24.26
O6 NAG FA . 7.17 -32.28 -20.97
O7 NAG FA . 6.72 -31.02 -28.72
C1 NAG GA . -3.95 -28.25 -29.56
C2 NAG GA . -4.76 -28.53 -28.31
C3 NAG GA . -5.71 -29.68 -28.54
C4 NAG GA . -6.59 -29.37 -29.74
C5 NAG GA . -5.72 -29.07 -30.96
C6 NAG GA . -6.57 -28.68 -32.16
C7 NAG GA . -3.26 -27.88 -26.52
C8 NAG GA . -1.92 -28.24 -25.94
N2 NAG GA . -3.87 -28.84 -27.20
O3 NAG GA . -6.53 -29.88 -27.39
O4 NAG GA . -7.43 -30.49 -30.02
O5 NAG GA . -4.82 -28.00 -30.67
O6 NAG GA . -7.49 -29.72 -32.47
O7 NAG GA . -3.76 -26.78 -26.37
C1 NAG HA . 25.65 12.14 -54.35
C2 NAG HA . 26.92 11.50 -54.91
C3 NAG HA . 28.13 12.23 -54.39
C4 NAG HA . 28.01 13.70 -54.74
C5 NAG HA . 26.71 14.27 -54.18
C6 NAG HA . 26.53 15.73 -54.57
C7 NAG HA . 26.34 9.18 -55.30
C8 NAG HA . 26.29 7.80 -54.72
N2 NAG HA . 26.97 10.09 -54.57
O3 NAG HA . 29.32 11.68 -54.96
O4 NAG HA . 29.13 14.42 -54.20
O5 NAG HA . 25.60 13.52 -54.69
O6 NAG HA . 27.65 16.50 -54.10
O7 NAG HA . 25.83 9.45 -56.36
C1 NAG IA . 3.62 -27.31 -53.24
C2 NAG IA . 2.35 -26.99 -54.02
C3 NAG IA . 2.44 -27.57 -55.41
C4 NAG IA . 3.70 -27.03 -56.09
C5 NAG IA . 4.93 -27.35 -55.24
C6 NAG IA . 6.19 -26.78 -55.86
C7 NAG IA . 0.50 -26.79 -52.46
C8 NAG IA . -0.71 -27.46 -51.86
N2 NAG IA . 1.18 -27.53 -53.34
O3 NAG IA . 1.29 -27.20 -56.17
O4 NAG IA . 3.82 -27.64 -57.38
O5 NAG IA . 4.76 -26.81 -53.93
O6 NAG IA . 6.36 -27.28 -57.19
O7 NAG IA . 0.82 -25.65 -52.17
C1 NAG JA . 5.48 -10.17 -54.45
C2 NAG JA . 4.01 -9.93 -54.13
C3 NAG JA . 3.17 -11.00 -54.80
C4 NAG JA . 3.45 -10.99 -56.30
C5 NAG JA . 4.94 -11.19 -56.54
C6 NAG JA . 5.27 -11.13 -58.03
C7 NAG JA . 3.94 -8.89 -51.94
C8 NAG JA . 3.65 -9.07 -50.48
N2 NAG JA . 3.80 -9.97 -52.70
O3 NAG JA . 1.78 -10.73 -54.57
O4 NAG JA . 2.72 -12.04 -56.92
O5 NAG JA . 5.70 -10.18 -55.86
O6 NAG JA . 4.51 -12.11 -58.74
O7 NAG JA . 4.29 -7.81 -52.40
C1 NAG KA . 26.63 5.53 -51.88
C2 NAG KA . 27.00 4.60 -53.02
C3 NAG KA . 28.50 4.38 -53.07
C4 NAG KA . 29.20 5.72 -53.16
C5 NAG KA . 28.77 6.62 -52.01
C6 NAG KA . 29.41 8.00 -52.14
C7 NAG KA . 25.07 3.15 -53.34
C8 NAG KA . 24.31 2.00 -52.74
N2 NAG KA . 26.30 3.33 -52.88
O3 NAG KA . 28.83 3.57 -54.20
O4 NAG KA . 30.61 5.52 -53.11
O5 NAG KA . 27.35 6.76 -52.01
O6 NAG KA . 29.05 8.79 -51.00
O7 NAG KA . 24.58 3.89 -54.17
C1 NAG LA . -0.42 54.74 -31.31
C2 NAG LA . -0.68 55.86 -30.30
C3 NAG LA . -2.17 56.03 -30.09
C4 NAG LA . -2.86 56.30 -31.42
C5 NAG LA . -2.56 55.18 -32.39
C6 NAG LA . -3.11 55.43 -33.77
C7 NAG LA . 0.89 56.45 -28.52
C8 NAG LA . 1.50 56.03 -27.21
N2 NAG LA . 0.00 55.60 -29.04
O3 NAG LA . -2.40 57.12 -29.20
O4 NAG LA . -4.27 56.41 -31.23
O5 NAG LA . -1.14 55.02 -32.54
O6 NAG LA . -4.51 55.73 -33.71
O7 NAG LA . 1.21 57.50 -29.08
C1 NAG MA . -5.37 43.52 -40.24
C2 NAG MA . -4.09 43.85 -40.99
C3 NAG MA . -4.35 44.92 -42.06
C4 NAG MA . -5.49 44.48 -42.96
C5 NAG MA . -6.73 44.14 -42.12
C6 NAG MA . -7.86 43.59 -42.96
C7 NAG MA . -1.75 44.33 -40.40
C8 NAG MA . -0.81 44.82 -39.34
N2 NAG MA . -3.05 44.30 -40.08
O3 NAG MA . -3.18 45.12 -42.84
O4 NAG MA . -5.83 45.52 -43.87
O5 NAG MA . -6.38 43.13 -41.17
O6 NAG MA . -7.83 44.12 -44.27
O7 NAG MA . -1.36 43.99 -41.51
C1 NAG NA . 39.95 30.88 10.55
C2 NAG NA . 40.78 30.76 11.84
C3 NAG NA . 42.16 31.41 11.65
C4 NAG NA . 42.83 30.91 10.38
C5 NAG NA . 41.89 31.06 9.20
C6 NAG NA . 42.45 30.52 7.90
C7 NAG NA . 39.99 30.79 14.17
C8 NAG NA . 39.24 31.57 15.21
N2 NAG NA . 40.08 31.36 12.96
O3 NAG NA . 42.97 31.12 12.78
O4 NAG NA . 44.01 31.66 10.15
O5 NAG NA . 40.67 30.34 9.46
O6 NAG NA . 42.68 29.12 7.98
O7 NAG NA . 40.52 29.71 14.42
C1 NAG OA . 32.80 30.75 16.83
C2 NAG OA . 33.12 30.47 18.29
C3 NAG OA . 32.01 31.02 19.18
C4 NAG OA . 31.84 32.50 18.87
C5 NAG OA . 31.56 32.71 17.40
C6 NAG OA . 31.44 34.20 17.07
C7 NAG OA . 34.42 28.42 18.33
C8 NAG OA . 34.34 26.92 18.27
N2 NAG OA . 33.26 29.05 18.53
O3 NAG OA . 32.35 30.84 20.55
O4 NAG OA . 30.76 33.03 19.65
O5 NAG OA . 32.62 32.14 16.61
O6 NAG OA . 31.05 34.35 15.71
O7 NAG OA . 35.47 29.02 18.21
C1 NAG PA . 45.15 26.94 -11.60
C2 NAG PA . 45.67 25.85 -10.66
C3 NAG PA . 47.07 25.43 -11.07
C4 NAG PA . 47.10 25.04 -12.54
C5 NAG PA . 46.53 26.16 -13.40
C6 NAG PA . 46.42 25.79 -14.85
C7 NAG PA . 45.52 25.48 -8.24
C8 NAG PA . 45.54 26.12 -6.88
N2 NAG PA . 45.66 26.31 -9.28
O3 NAG PA . 47.47 24.33 -10.27
O4 NAG PA . 48.44 24.78 -12.95
O5 NAG PA . 45.20 26.48 -12.95
O6 NAG PA . 47.63 25.25 -15.35
O7 NAG PA . 45.40 24.28 -8.38
C1 NAG QA . 35.03 46.36 6.59
C2 NAG QA . 35.16 47.03 7.95
C3 NAG QA . 36.08 48.25 7.84
C4 NAG QA . 37.42 47.84 7.24
C5 NAG QA . 37.20 47.12 5.92
C6 NAG QA . 38.48 46.56 5.33
C7 NAG QA . 33.16 46.65 9.31
C8 NAG QA . 31.85 47.20 9.77
N2 NAG QA . 33.87 47.41 8.49
O3 NAG QA . 36.27 48.82 9.12
O4 NAG QA . 38.22 48.99 7.03
O5 NAG QA . 36.31 46.00 6.10
O6 NAG QA . 38.26 45.95 4.08
O7 NAG QA . 33.56 45.54 9.67
C1 NAG RA . 36.27 57.47 -16.68
C2 NAG RA . 35.11 57.94 -17.54
C3 NAG RA . 35.61 58.85 -18.65
C4 NAG RA . 36.52 59.94 -18.07
C5 NAG RA . 37.57 59.35 -17.14
C6 NAG RA . 38.41 60.45 -16.51
C7 NAG RA . 33.42 56.19 -17.46
C8 NAG RA . 32.99 54.87 -18.03
N2 NAG RA . 34.41 56.80 -18.11
O3 NAG RA . 34.51 59.45 -19.31
O4 NAG RA . 37.17 60.63 -19.14
O5 NAG RA . 36.94 58.59 -16.12
O6 NAG RA . 39.39 59.85 -15.65
O7 NAG RA . 32.91 56.66 -16.46
C1 NAG SA . 5.76 57.75 -8.98
C2 NAG SA . 6.65 58.99 -8.88
C3 NAG SA . 6.60 59.54 -7.47
C4 NAG SA . 5.15 59.83 -7.10
C5 NAG SA . 4.31 58.56 -7.25
C6 NAG SA . 2.85 58.85 -6.94
C7 NAG SA . 8.39 58.60 -10.51
C8 NAG SA . 9.88 58.58 -10.74
N2 NAG SA . 8.01 58.65 -9.24
O3 NAG SA . 7.36 60.75 -7.39
O4 NAG SA . 5.09 60.28 -5.74
O5 NAG SA . 4.41 58.07 -8.59
O6 NAG SA . 2.75 59.45 -5.65
O7 NAG SA . 7.60 58.60 -11.44
C1 NAG TA . 20.29 47.42 3.98
C2 NAG TA . 18.94 46.82 4.41
C3 NAG TA . 18.30 47.71 5.45
C4 NAG TA . 19.26 47.90 6.62
C5 NAG TA . 20.58 48.45 6.11
C6 NAG TA . 21.59 48.57 7.26
C7 NAG TA . 18.06 45.58 2.51
C8 NAG TA . 17.51 45.75 1.12
N2 NAG TA . 18.06 46.69 3.26
O3 NAG TA . 17.08 47.11 5.92
O4 NAG TA . 18.68 48.79 7.57
O5 NAG TA . 21.13 47.60 5.12
O6 NAG TA . 21.05 49.39 8.30
O7 NAG TA . 18.50 44.52 2.92
C1 NAG UA . 0.43 59.31 -14.58
C2 NAG UA . -1.07 59.32 -14.36
C3 NAG UA . -1.45 60.49 -13.45
C4 NAG UA . -0.65 60.37 -12.15
C5 NAG UA . 0.85 60.31 -12.45
C6 NAG UA . 1.65 60.13 -11.17
C7 NAG UA . -3.01 59.72 -15.79
C8 NAG UA . -3.31 60.96 -16.58
N2 NAG UA . -1.72 59.41 -15.66
O3 NAG UA . -2.84 60.45 -13.12
O4 NAG UA . -0.93 61.50 -11.32
O5 NAG UA . 1.13 59.24 -13.33
O6 NAG UA . 1.37 58.84 -10.61
O7 NAG UA . -3.90 59.04 -15.31
C1 NAG VA . 44.41 51.43 -15.69
C2 NAG VA . 44.41 51.42 -17.21
C3 NAG VA . 44.64 52.82 -17.74
C4 NAG VA . 43.58 53.74 -17.16
C5 NAG VA . 43.60 53.68 -15.64
C6 NAG VA . 42.50 54.55 -15.03
C7 NAG VA . 45.20 49.26 -18.02
C8 NAG VA . 46.27 48.56 -18.81
N2 NAG VA . 45.44 50.53 -17.72
O3 NAG VA . 44.57 52.83 -19.16
O4 NAG VA . 43.83 55.09 -17.59
O5 NAG VA . 43.41 52.33 -15.20
O6 NAG VA . 42.65 55.90 -15.47
O7 NAG VA . 44.18 48.69 -17.67
C1 NAG WA . 47.26 55.75 -2.76
C2 NAG WA . 48.24 56.77 -2.20
C3 NAG WA . 47.90 57.04 -0.75
C4 NAG WA . 46.46 57.48 -0.67
C5 NAG WA . 45.53 56.43 -1.29
C6 NAG WA . 44.08 56.89 -1.24
C7 NAG WA . 50.65 56.64 -1.75
C8 NAG WA . 51.40 55.57 -1.02
N2 NAG WA . 49.57 56.23 -2.41
O3 NAG WA . 48.72 58.08 -0.21
O4 NAG WA . 46.09 57.66 0.71
O5 NAG WA . 45.91 56.19 -2.64
O6 NAG WA . 43.94 58.06 -2.06
O7 NAG WA . 51.01 57.80 -1.75
C1 NAG XA . -29.23 6.75 20.16
C2 NAG XA . -29.87 5.90 21.27
C3 NAG XA . -30.96 6.69 21.98
C4 NAG XA . -30.44 8.05 22.45
C5 NAG XA . -29.78 8.78 21.29
C6 NAG XA . -29.12 10.07 21.72
C7 NAG XA . -30.59 3.56 21.49
C8 NAG XA . -31.16 2.37 20.77
N2 NAG XA . -30.41 4.65 20.74
O3 NAG XA . -31.44 5.95 23.10
O4 NAG XA . -31.51 8.84 22.93
O5 NAG XA . -28.75 7.96 20.72
O6 NAG XA . -27.91 10.31 21.00
O7 NAG XA . -30.31 3.53 22.68
C1 NAG YA . -27.81 16.19 18.98
C2 NAG YA . -27.58 17.69 18.88
C3 NAG YA . -26.60 18.13 19.95
C4 NAG YA . -27.12 17.72 21.33
C5 NAG YA . -27.44 16.22 21.35
C6 NAG YA . -28.13 15.80 22.63
C7 NAG YA . -27.92 18.37 16.54
C8 NAG YA . -27.25 18.72 15.25
N2 NAG YA . -27.11 18.05 17.56
O3 NAG YA . -26.44 19.54 19.89
O4 NAG YA . -26.14 18.00 22.32
O5 NAG YA . -28.32 15.88 20.28
O6 NAG YA . -29.51 16.14 22.60
O7 NAG YA . -29.14 18.35 16.67
C1 NAG ZA . -25.71 28.93 15.88
C2 NAG ZA . -24.55 29.41 16.72
C3 NAG ZA . -25.01 30.52 17.67
C4 NAG ZA . -25.67 31.62 16.86
C5 NAG ZA . -26.80 31.06 16.01
C6 NAG ZA . -27.42 32.14 15.13
C7 NAG ZA . -23.15 27.45 16.92
C8 NAG ZA . -23.38 26.01 17.27
N2 NAG ZA . -23.99 28.32 17.49
O3 NAG ZA . -23.91 31.03 18.40
O4 NAG ZA . -26.18 32.62 17.75
O5 NAG ZA . -26.32 30.02 15.17
O6 NAG ZA . -27.91 33.22 15.95
O7 NAG ZA . -22.25 27.82 16.19
C1 NAG AB . -37.64 7.67 -33.88
C2 NAG AB . -38.33 6.45 -33.30
C3 NAG AB . -37.79 5.19 -33.96
C4 NAG AB . -37.95 5.29 -35.47
C5 NAG AB . -37.34 6.58 -36.00
C6 NAG AB . -37.63 6.81 -37.46
C7 NAG AB . -39.14 6.49 -30.97
C8 NAG AB . -38.75 6.40 -29.53
N2 NAG AB . -38.14 6.38 -31.85
O3 NAG AB . -38.50 4.06 -33.46
O4 NAG AB . -37.31 4.18 -36.10
O5 NAG AB . -37.86 7.71 -35.29
O6 NAG AB . -38.15 5.64 -38.08
O7 NAG AB . -40.30 6.65 -31.32
C1 NAG BB . -40.04 6.52 -25.67
C2 NAG BB . -41.55 6.76 -25.57
C3 NAG BB . -42.28 5.44 -25.37
C4 NAG BB . -41.88 4.45 -26.46
C5 NAG BB . -40.37 4.32 -26.54
C6 NAG BB . -39.91 3.46 -27.69
C7 NAG BB . -42.16 8.97 -24.66
C8 NAG BB . -42.43 9.76 -23.41
N2 NAG BB . -41.85 7.68 -24.48
O3 NAG BB . -43.68 5.68 -25.42
O4 NAG BB . -42.45 3.18 -26.17
O5 NAG BB . -39.78 5.61 -26.74
O6 NAG BB . -40.58 2.21 -27.70
O7 NAG BB . -42.22 9.47 -25.77
C1 NAG CB . -36.77 2.20 -5.21
C2 NAG CB . -35.62 1.22 -5.45
C3 NAG CB . -36.17 -0.15 -5.83
C4 NAG CB . -37.17 -0.63 -4.79
C5 NAG CB . -38.26 0.43 -4.59
C6 NAG CB . -39.22 0.08 -3.48
C7 NAG CB . -33.40 1.81 -6.32
C8 NAG CB . -32.64 2.33 -7.49
N2 NAG CB . -34.72 1.71 -6.48
O3 NAG CB . -35.09 -1.08 -5.92
O4 NAG CB . -37.78 -1.84 -5.22
O5 NAG CB . -37.65 1.68 -4.23
O6 NAG CB . -39.63 -1.27 -3.56
O7 NAG CB . -32.84 1.46 -5.28
C1 NAG DB . -22.00 -4.43 28.93
C2 NAG DB . -21.42 -5.78 29.34
C3 NAG DB . -22.55 -6.73 29.72
C4 NAG DB . -23.42 -6.11 30.80
C5 NAG DB . -23.91 -4.73 30.35
C6 NAG DB . -24.68 -3.99 31.43
C7 NAG DB . -19.35 -6.74 28.44
C8 NAG DB . -18.66 -7.29 27.22
N2 NAG DB . -20.61 -6.33 28.28
O3 NAG DB . -22.00 -7.96 30.18
O4 NAG DB . -24.54 -6.94 31.05
O5 NAG DB . -22.80 -3.90 30.01
O6 NAG DB . -25.21 -2.78 30.94
O7 NAG DB . -18.78 -6.67 29.52
C1 NAG EB . -18.94 29.75 -44.18
C2 NAG EB . -19.93 30.80 -43.73
C3 NAG EB . -20.58 31.46 -44.94
C4 NAG EB . -19.53 32.01 -45.89
C5 NAG EB . -18.53 30.91 -46.25
C6 NAG EB . -17.38 31.40 -47.10
C7 NAG EB . -21.41 30.83 -41.77
C8 NAG EB . -22.46 30.09 -41.01
N2 NAG EB . -20.95 30.23 -42.87
O3 NAG EB . -21.44 32.52 -44.50
O4 NAG EB . -20.12 32.51 -47.07
O5 NAG EB . -17.98 30.34 -45.06
O6 NAG EB . -16.43 30.36 -47.33
O7 NAG EB . -20.98 31.93 -41.40
C1 NAG FB . 6.25 11.06 41.55
C2 NAG FB . 7.55 10.91 42.34
C3 NAG FB . 7.88 12.21 43.08
C4 NAG FB . 7.90 13.37 42.11
C5 NAG FB . 6.60 13.44 41.34
C6 NAG FB . 6.58 14.51 40.28
C7 NAG FB . 7.69 8.53 42.95
C8 NAG FB . 7.55 7.52 44.04
N2 NAG FB . 7.46 9.80 43.28
O3 NAG FB . 9.15 12.07 43.71
O4 NAG FB . 8.09 14.60 42.82
O5 NAG FB . 6.37 12.19 40.67
O6 NAG FB . 7.40 15.62 40.66
O7 NAG FB . 7.98 8.21 41.80
C1 NAG GB . -17.47 0.31 36.69
C2 NAG GB . -17.72 1.80 36.89
C3 NAG GB . -19.24 2.09 36.89
C4 NAG GB . -19.93 1.44 35.70
C5 NAG GB . -19.54 -0.03 35.63
C6 NAG GB . -20.22 -0.73 34.48
C7 NAG GB . -17.48 3.44 38.71
C8 NAG GB . -16.66 3.84 39.90
N2 NAG GB . -17.14 2.28 38.13
O3 NAG GB . -19.43 3.51 36.91
O4 NAG GB . -21.35 1.44 35.85
O5 NAG GB . -18.13 -0.14 35.52
O6 NAG GB . -19.20 -1.31 33.67
O7 NAG GB . -18.40 4.12 38.31
#